data_2ISK
#
_entry.id   2ISK
#
_cell.length_a   63.449
_cell.length_b   169.872
_cell.length_c   90.954
_cell.angle_alpha   90.00
_cell.angle_beta   89.99
_cell.angle_gamma   90.00
#
_symmetry.space_group_name_H-M   'P 1 21 1'
#
loop_
_entity.id
_entity.type
_entity.pdbx_description
1 polymer BluB
2 non-polymer 1-DEOXY-1-(7,8-DIMETHYL-2,4-DIOXO-3,4-DIHYDRO-2H-BENZO[G]PTERIDIN-1-ID-10(5H)-YL)-5-O-PHOSPHONATO-D-RIBITOL
3 water water
#
_entity_poly.entity_id   1
_entity_poly.type   'polypeptide(L)'
_entity_poly.pdbx_seq_one_letter_code
;GSHMLPDPNGCLTAAGAFSSDERAAVYRAIETRRDVRDEFLPEPLSEELIARLLGAAHQAPSVGFMQPWNFVLVRQDETR
EKVWQAFQRANDEAAEMFSGERQAKYRSLKLEGIRKAPLSICVTCDRTRGGAVVLGRTHNPQMDLYSTVCAVQNLWLAAR
AEGVGVGWVSIFHESEIKAILGIPDHVEIVAWLCLGFVDRLYQEPELAAKGWRQRLPLEDLVFEEGWGVR
;
_entity_poly.pdbx_strand_id   A,B,C,D,E,F,G,H
#
loop_
_chem_comp.id
_chem_comp.type
_chem_comp.name
_chem_comp.formula
FNR non-polymer 1-DEOXY-1-(7,8-DIMETHYL-2,4-DIOXO-3,4-DIHYDRO-2H-BENZO[G]PTERIDIN-1-ID-10(5H)-YL)-5-O-PHOSPHONATO-D-RIBITOL 'C17 H23 N4 O9 P'
#
# COMPACT_ATOMS: atom_id res chain seq x y z
N LEU A 12 -36.18 31.97 10.37
CA LEU A 12 -35.47 30.67 10.32
C LEU A 12 -36.33 29.57 9.70
N THR A 13 -35.68 28.50 9.26
CA THR A 13 -36.36 27.39 8.61
C THR A 13 -36.20 26.05 9.32
N ALA A 14 -36.85 25.03 8.77
CA ALA A 14 -36.79 23.68 9.32
C ALA A 14 -35.44 23.04 9.05
N ALA A 15 -34.94 22.29 10.04
CA ALA A 15 -33.66 21.62 9.92
C ALA A 15 -33.66 20.28 10.64
N GLY A 16 -32.65 19.48 10.36
CA GLY A 16 -32.53 18.17 10.99
C GLY A 16 -31.24 17.51 10.56
N ALA A 17 -30.94 16.35 11.14
CA ALA A 17 -29.72 15.64 10.79
C ALA A 17 -29.72 15.34 9.30
N PHE A 18 -28.53 15.36 8.68
CA PHE A 18 -28.39 15.05 7.25
C PHE A 18 -28.76 13.58 7.05
N SER A 19 -28.93 13.17 5.80
CA SER A 19 -29.27 11.77 5.53
C SER A 19 -28.04 10.94 5.86
N SER A 20 -28.22 9.61 5.92
CA SER A 20 -27.10 8.74 6.22
C SER A 20 -25.94 8.95 5.26
N ASP A 21 -26.24 9.03 3.96
CA ASP A 21 -25.20 9.24 2.97
C ASP A 21 -24.52 10.60 3.14
N GLU A 22 -25.32 11.66 3.26
CA GLU A 22 -24.77 12.99 3.44
C GLU A 22 -23.85 13.01 4.66
N ARG A 23 -24.35 12.45 5.76
CA ARG A 23 -23.59 12.42 6.99
C ARG A 23 -22.23 11.76 6.79
N ALA A 24 -22.22 10.62 6.11
CA ALA A 24 -20.97 9.91 5.84
C ALA A 24 -19.97 10.77 5.06
N ALA A 25 -20.45 11.50 4.07
CA ALA A 25 -19.57 12.35 3.25
C ALA A 25 -18.87 13.39 4.13
N VAL A 26 -19.60 14.02 5.04
CA VAL A 26 -19.02 15.02 5.93
C VAL A 26 -17.89 14.39 6.73
N TYR A 27 -18.18 13.29 7.41
CA TYR A 27 -17.14 12.63 8.19
C TYR A 27 -15.98 12.15 7.30
N ARG A 28 -16.27 11.87 6.03
CA ARG A 28 -15.22 11.42 5.13
C ARG A 28 -14.21 12.52 4.85
N ALA A 29 -14.70 13.74 4.61
CA ALA A 29 -13.82 14.86 4.35
C ALA A 29 -12.96 15.13 5.58
N ILE A 30 -13.61 15.17 6.74
CA ILE A 30 -12.91 15.40 7.99
C ILE A 30 -11.87 14.31 8.26
N GLU A 31 -12.24 13.07 8.00
CA GLU A 31 -11.36 11.93 8.22
C GLU A 31 -10.26 11.70 7.20
N THR A 32 -10.43 12.18 5.97
CA THR A 32 -9.37 11.96 4.99
C THR A 32 -8.55 13.19 4.60
N ARG A 33 -8.98 14.40 4.96
CA ARG A 33 -8.16 15.55 4.56
C ARG A 33 -6.81 15.43 5.26
N ARG A 34 -5.77 15.92 4.60
CA ARG A 34 -4.41 15.86 5.12
C ARG A 34 -3.72 17.19 4.89
N ASP A 35 -2.61 17.42 5.59
CA ASP A 35 -1.82 18.62 5.37
C ASP A 35 -0.86 18.14 4.28
N VAL A 36 -0.99 18.69 3.08
CA VAL A 36 -0.15 18.29 1.96
C VAL A 36 1.09 19.16 1.79
N ARG A 37 2.22 18.51 1.54
CA ARG A 37 3.48 19.21 1.31
C ARG A 37 4.15 18.87 -0.02
N ASP A 38 4.25 17.58 -0.32
CA ASP A 38 4.97 17.15 -1.51
C ASP A 38 4.21 16.51 -2.69
N GLU A 39 2.91 16.28 -2.54
CA GLU A 39 2.14 15.65 -3.61
C GLU A 39 1.34 16.59 -4.51
N PHE A 40 1.56 17.89 -4.38
CA PHE A 40 0.83 18.87 -5.19
C PHE A 40 1.07 18.69 -6.68
N LEU A 41 0.00 18.67 -7.48
CA LEU A 41 0.14 18.56 -8.92
C LEU A 41 0.35 19.98 -9.44
N PRO A 42 0.89 20.14 -10.66
CA PRO A 42 1.17 21.45 -11.26
C PRO A 42 0.06 22.33 -11.84
N GLU A 43 -1.11 21.75 -12.12
CA GLU A 43 -2.19 22.53 -12.72
C GLU A 43 -2.72 23.68 -11.86
N PRO A 44 -2.78 24.89 -12.43
CA PRO A 44 -3.30 26.04 -11.67
C PRO A 44 -4.80 25.81 -11.44
N LEU A 45 -5.29 26.22 -10.27
CA LEU A 45 -6.71 26.06 -9.97
C LEU A 45 -7.50 27.10 -10.79
N SER A 46 -8.69 26.74 -11.23
CA SER A 46 -9.51 27.66 -12.03
C SER A 46 -10.16 28.70 -11.12
N GLU A 47 -10.63 29.80 -11.71
CA GLU A 47 -11.30 30.85 -10.94
C GLU A 47 -12.55 30.33 -10.25
N GLU A 48 -13.33 29.52 -10.96
CA GLU A 48 -14.57 28.95 -10.39
C GLU A 48 -14.28 28.07 -9.18
N LEU A 49 -13.16 27.33 -9.22
CA LEU A 49 -12.80 26.47 -8.10
C LEU A 49 -12.37 27.32 -6.91
N ILE A 50 -11.51 28.29 -7.16
CA ILE A 50 -11.03 29.18 -6.13
C ILE A 50 -12.24 29.89 -5.51
N ALA A 51 -13.16 30.39 -6.34
CA ALA A 51 -14.34 31.07 -5.83
C ALA A 51 -15.14 30.16 -4.89
N ARG A 52 -15.21 28.87 -5.21
CA ARG A 52 -15.95 27.95 -4.35
C ARG A 52 -15.23 27.78 -3.02
N LEU A 53 -13.90 27.75 -3.06
CA LEU A 53 -13.13 27.57 -1.83
C LEU A 53 -13.20 28.80 -0.93
N LEU A 54 -13.04 29.99 -1.51
CA LEU A 54 -13.12 31.21 -0.74
C LEU A 54 -14.55 31.38 -0.21
N GLY A 55 -15.52 31.00 -1.03
CA GLY A 55 -16.91 31.11 -0.62
C GLY A 55 -17.12 30.31 0.65
N ALA A 56 -16.51 29.12 0.69
CA ALA A 56 -16.63 28.24 1.85
C ALA A 56 -15.97 28.87 3.09
N ALA A 57 -14.80 29.47 2.88
CA ALA A 57 -14.09 30.10 4.01
C ALA A 57 -14.91 31.26 4.55
N HIS A 58 -15.57 31.97 3.64
CA HIS A 58 -16.38 33.13 3.98
C HIS A 58 -17.65 32.73 4.74
N GLN A 59 -18.04 31.46 4.65
CA GLN A 59 -19.25 30.97 5.33
C GLN A 59 -18.91 30.54 6.75
N ALA A 60 -17.66 30.75 7.14
CA ALA A 60 -17.23 30.36 8.47
C ALA A 60 -17.82 31.31 9.52
N PRO A 61 -17.92 30.85 10.77
CA PRO A 61 -18.48 31.73 11.81
C PRO A 61 -17.40 32.77 12.12
N SER A 62 -17.79 33.87 12.77
CA SER A 62 -16.81 34.88 13.14
C SER A 62 -17.37 35.66 14.33
N VAL A 63 -16.51 35.93 15.31
CA VAL A 63 -16.89 36.66 16.51
C VAL A 63 -17.59 37.97 16.15
N GLY A 64 -18.74 38.22 16.76
CA GLY A 64 -19.51 39.43 16.50
C GLY A 64 -19.77 39.60 15.01
N PHE A 65 -19.64 38.51 14.27
CA PHE A 65 -19.83 38.53 12.82
C PHE A 65 -18.95 39.61 12.25
N MET A 66 -17.72 39.65 12.76
CA MET A 66 -16.71 40.60 12.36
C MET A 66 -16.24 40.33 10.93
N GLN A 67 -16.10 39.05 10.58
CA GLN A 67 -15.63 38.66 9.24
C GLN A 67 -14.29 39.35 8.98
N PRO A 68 -13.33 39.19 9.91
CA PRO A 68 -11.98 39.77 9.87
C PRO A 68 -11.00 39.30 8.81
N TRP A 69 -11.36 38.29 8.03
CA TRP A 69 -10.44 37.75 7.04
C TRP A 69 -10.31 38.47 5.69
N ASN A 70 -9.16 38.24 5.06
CA ASN A 70 -8.81 38.73 3.73
C ASN A 70 -8.02 37.58 3.14
N PHE A 71 -8.02 37.47 1.82
CA PHE A 71 -7.29 36.40 1.15
C PHE A 71 -6.42 36.99 0.06
N VAL A 72 -5.11 36.82 0.17
CA VAL A 72 -4.21 37.32 -0.86
C VAL A 72 -3.85 36.09 -1.73
N LEU A 73 -4.34 36.09 -2.96
CA LEU A 73 -4.07 34.99 -3.88
C LEU A 73 -2.67 35.15 -4.49
N VAL A 74 -1.79 34.20 -4.22
CA VAL A 74 -0.42 34.25 -4.72
C VAL A 74 -0.17 33.13 -5.75
N ARG A 75 0.08 33.53 -6.99
CA ARG A 75 0.31 32.57 -8.06
C ARG A 75 1.63 32.74 -8.79
N GLN A 76 2.22 33.92 -8.69
CA GLN A 76 3.49 34.20 -9.36
C GLN A 76 4.70 33.46 -8.81
N ASP A 77 5.52 32.93 -9.71
CA ASP A 77 6.72 32.19 -9.31
C ASP A 77 7.65 32.98 -8.41
N GLU A 78 7.90 34.24 -8.75
CA GLU A 78 8.81 35.04 -7.95
C GLU A 78 8.34 35.19 -6.50
N THR A 79 7.05 35.47 -6.31
CA THR A 79 6.51 35.65 -4.97
C THR A 79 6.66 34.36 -4.17
N ARG A 80 6.29 33.25 -4.79
CA ARG A 80 6.39 31.95 -4.14
C ARG A 80 7.84 31.66 -3.77
N GLU A 81 8.77 31.92 -4.69
CA GLU A 81 10.18 31.70 -4.42
C GLU A 81 10.64 32.62 -3.28
N LYS A 82 10.13 33.84 -3.25
CA LYS A 82 10.49 34.78 -2.20
C LYS A 82 10.04 34.23 -0.84
N VAL A 83 8.80 33.77 -0.79
CA VAL A 83 8.25 33.22 0.44
C VAL A 83 8.96 31.91 0.79
N TRP A 84 9.31 31.13 -0.23
CA TRP A 84 10.01 29.87 0.00
C TRP A 84 11.33 30.18 0.69
N GLN A 85 11.98 31.26 0.27
CA GLN A 85 13.24 31.67 0.86
C GLN A 85 13.04 32.11 2.32
N ALA A 86 11.92 32.78 2.60
CA ALA A 86 11.64 33.24 3.96
C ALA A 86 11.48 32.02 4.87
N PHE A 87 10.85 30.97 4.34
CA PHE A 87 10.66 29.74 5.11
C PHE A 87 12.00 29.07 5.38
N GLN A 88 12.86 28.97 4.37
CA GLN A 88 14.17 28.35 4.53
C GLN A 88 14.99 29.04 5.62
N ARG A 89 14.92 30.36 5.65
CA ARG A 89 15.64 31.17 6.64
C ARG A 89 15.19 30.78 8.06
N ALA A 90 13.89 30.78 8.28
CA ALA A 90 13.33 30.47 9.59
C ALA A 90 13.42 29.00 9.98
N ASN A 91 13.31 28.11 9.00
CA ASN A 91 13.37 26.69 9.33
C ASN A 91 14.71 26.26 9.91
N ASP A 92 15.80 26.85 9.42
CA ASP A 92 17.12 26.51 9.95
C ASP A 92 17.14 26.91 11.42
N GLU A 93 16.62 28.10 11.72
CA GLU A 93 16.55 28.58 13.11
C GLU A 93 15.72 27.58 13.91
N ALA A 94 14.64 27.10 13.32
CA ALA A 94 13.78 26.14 13.98
C ALA A 94 14.55 24.86 14.28
N ALA A 95 15.22 24.31 13.27
CA ALA A 95 15.99 23.08 13.44
C ALA A 95 17.08 23.22 14.49
N GLU A 96 17.76 24.37 14.48
CA GLU A 96 18.83 24.63 15.42
C GLU A 96 18.34 24.51 16.87
N MET A 97 17.02 24.59 17.06
CA MET A 97 16.42 24.50 18.39
C MET A 97 16.34 23.06 18.90
N PHE A 98 16.59 22.10 18.01
CA PHE A 98 16.57 20.69 18.37
C PHE A 98 18.01 20.16 18.40
N SER A 99 18.20 18.91 18.83
CA SER A 99 19.53 18.31 18.91
C SER A 99 19.55 16.84 18.48
N GLY A 100 20.75 16.32 18.27
CA GLY A 100 20.94 14.93 17.88
C GLY A 100 19.94 14.30 16.93
N GLU A 101 19.38 13.16 17.34
CA GLU A 101 18.42 12.44 16.52
C GLU A 101 17.27 13.33 16.06
N ARG A 102 16.60 13.99 17.00
CA ARG A 102 15.47 14.85 16.67
C ARG A 102 15.84 15.87 15.61
N GLN A 103 16.93 16.60 15.84
CA GLN A 103 17.36 17.60 14.88
C GLN A 103 17.57 16.94 13.52
N ALA A 104 18.22 15.77 13.53
CA ALA A 104 18.46 15.04 12.30
C ALA A 104 17.10 14.72 11.70
N LYS A 105 16.19 14.26 12.54
CA LYS A 105 14.85 13.93 12.07
C LYS A 105 14.13 15.17 11.54
N TYR A 106 14.11 16.23 12.34
CA TYR A 106 13.45 17.48 11.95
C TYR A 106 13.88 17.92 10.54
N ARG A 107 15.18 17.85 10.27
CA ARG A 107 15.69 18.27 8.96
C ARG A 107 15.33 17.36 7.79
N SER A 108 14.88 16.14 8.10
CA SER A 108 14.51 15.19 7.06
C SER A 108 13.06 15.35 6.64
N LEU A 109 12.31 16.13 7.40
CA LEU A 109 10.89 16.35 7.12
C LEU A 109 10.64 17.43 6.07
N LYS A 110 9.57 17.29 5.29
CA LYS A 110 9.24 18.32 4.32
C LYS A 110 8.10 19.06 5.01
N LEU A 111 8.30 20.36 5.22
CA LEU A 111 7.32 21.17 5.93
C LEU A 111 6.70 22.29 5.11
N GLU A 112 6.63 22.09 3.80
CA GLU A 112 6.05 23.10 2.91
C GLU A 112 6.11 22.65 1.46
N GLY A 113 5.22 23.21 0.65
CA GLY A 113 5.18 22.90 -0.77
C GLY A 113 4.94 24.19 -1.52
N ILE A 114 5.54 25.27 -1.01
CA ILE A 114 5.37 26.61 -1.58
C ILE A 114 5.69 26.78 -3.07
N ARG A 115 6.72 26.10 -3.55
CA ARG A 115 7.09 26.23 -4.95
C ARG A 115 6.42 25.20 -5.86
N LYS A 116 5.95 24.11 -5.27
CA LYS A 116 5.30 23.05 -6.03
C LYS A 116 3.82 23.34 -6.24
N ALA A 117 3.15 23.82 -5.19
CA ALA A 117 1.73 24.14 -5.27
C ALA A 117 1.56 25.38 -6.16
N PRO A 118 0.73 25.28 -7.21
CA PRO A 118 0.49 26.40 -8.13
C PRO A 118 -0.27 27.57 -7.52
N LEU A 119 -0.74 27.41 -6.29
CA LEU A 119 -1.45 28.50 -5.64
C LEU A 119 -1.16 28.52 -4.15
N SER A 120 -1.03 29.73 -3.62
CA SER A 120 -0.83 29.92 -2.19
C SER A 120 -1.81 31.01 -1.81
N ILE A 121 -2.33 30.92 -0.59
CA ILE A 121 -3.27 31.92 -0.12
C ILE A 121 -2.78 32.41 1.23
N CYS A 122 -2.57 33.71 1.35
CA CYS A 122 -2.15 34.26 2.62
C CYS A 122 -3.46 34.72 3.25
N VAL A 123 -3.84 34.05 4.34
CA VAL A 123 -5.08 34.36 5.04
C VAL A 123 -4.78 35.26 6.24
N THR A 124 -5.41 36.42 6.25
CA THR A 124 -5.18 37.40 7.30
C THR A 124 -6.40 37.70 8.16
N CYS A 125 -6.13 38.42 9.24
CA CYS A 125 -7.15 38.85 10.20
C CYS A 125 -6.92 40.34 10.43
N ASP A 126 -7.88 41.17 10.03
CA ASP A 126 -7.76 42.61 10.22
C ASP A 126 -8.14 42.93 11.66
N ARG A 127 -7.14 43.11 12.52
CA ARG A 127 -7.38 43.39 13.93
C ARG A 127 -8.25 44.61 14.21
N THR A 128 -8.37 45.52 13.26
CA THR A 128 -9.19 46.71 13.52
C THR A 128 -10.53 46.76 12.79
N ARG A 129 -10.95 45.66 12.19
CA ARG A 129 -12.25 45.65 11.52
C ARG A 129 -13.31 45.46 12.59
N GLY A 130 -14.52 45.95 12.32
CA GLY A 130 -15.59 45.77 13.29
C GLY A 130 -15.86 46.95 14.20
N GLY A 131 -15.13 48.04 14.03
CA GLY A 131 -15.34 49.22 14.86
C GLY A 131 -14.48 49.31 16.11
N ALA A 132 -14.83 50.25 16.99
CA ALA A 132 -14.10 50.48 18.22
C ALA A 132 -14.14 49.27 19.15
N VAL A 133 -15.29 48.61 19.21
CA VAL A 133 -15.49 47.45 20.08
C VAL A 133 -16.28 46.39 19.34
N VAL A 134 -15.77 45.17 19.30
CA VAL A 134 -16.48 44.11 18.61
C VAL A 134 -17.07 43.07 19.58
N LEU A 135 -18.34 42.78 19.34
CA LEU A 135 -19.11 41.83 20.11
C LEU A 135 -18.37 40.49 20.16
N GLY A 136 -18.28 39.93 21.35
CA GLY A 136 -17.61 38.65 21.53
C GLY A 136 -16.11 38.70 21.75
N ARG A 137 -15.48 39.82 21.41
CA ARG A 137 -14.03 39.97 21.60
C ARG A 137 -13.73 40.86 22.80
N THR A 138 -14.77 41.31 23.47
CA THR A 138 -14.63 42.19 24.63
C THR A 138 -13.81 41.66 25.79
N HIS A 139 -13.82 40.35 25.98
CA HIS A 139 -13.08 39.75 27.09
C HIS A 139 -11.95 38.82 26.71
N ASN A 140 -11.78 38.58 25.41
CA ASN A 140 -10.70 37.75 24.91
C ASN A 140 -10.33 38.34 23.56
N PRO A 141 -9.19 39.05 23.51
CA PRO A 141 -8.69 39.70 22.29
C PRO A 141 -8.32 38.78 21.13
N GLN A 142 -8.19 37.49 21.40
CA GLN A 142 -7.81 36.54 20.34
C GLN A 142 -8.97 35.96 19.53
N MET A 143 -10.20 36.32 19.88
CA MET A 143 -11.36 35.80 19.16
C MET A 143 -11.42 36.14 17.67
N ASP A 144 -10.82 37.25 17.28
CA ASP A 144 -10.83 37.60 15.85
C ASP A 144 -9.89 36.67 15.07
N LEU A 145 -8.77 36.30 15.67
CA LEU A 145 -7.82 35.40 15.02
C LEU A 145 -8.43 34.01 14.93
N TYR A 146 -9.13 33.60 15.98
CA TYR A 146 -9.77 32.29 16.01
C TYR A 146 -10.80 32.17 14.90
N SER A 147 -11.55 33.25 14.69
CA SER A 147 -12.57 33.29 13.65
C SER A 147 -11.92 33.01 12.29
N THR A 148 -10.73 33.56 12.09
CA THR A 148 -10.02 33.39 10.84
C THR A 148 -9.57 31.95 10.63
N VAL A 149 -9.24 31.26 11.72
CA VAL A 149 -8.82 29.87 11.63
C VAL A 149 -10.02 29.04 11.18
N CYS A 150 -11.21 29.41 11.65
CA CYS A 150 -12.44 28.71 11.27
C CYS A 150 -12.61 28.78 9.75
N ALA A 151 -12.29 29.94 9.18
CA ALA A 151 -12.38 30.13 7.74
C ALA A 151 -11.41 29.18 7.05
N VAL A 152 -10.22 29.05 7.64
CA VAL A 152 -9.18 28.17 7.11
C VAL A 152 -9.61 26.70 7.11
N GLN A 153 -10.25 26.25 8.19
CA GLN A 153 -10.67 24.86 8.28
C GLN A 153 -11.77 24.56 7.26
N ASN A 154 -12.68 25.52 7.06
CA ASN A 154 -13.75 25.31 6.09
C ASN A 154 -13.15 25.14 4.69
N LEU A 155 -12.14 25.96 4.39
CA LEU A 155 -11.50 25.91 3.09
C LEU A 155 -10.79 24.57 2.93
N TRP A 156 -10.09 24.17 4.00
CA TRP A 156 -9.33 22.93 4.04
C TRP A 156 -10.23 21.74 3.73
N LEU A 157 -11.43 21.73 4.32
CA LEU A 157 -12.38 20.64 4.11
C LEU A 157 -13.02 20.65 2.73
N ALA A 158 -13.41 21.83 2.26
CA ALA A 158 -14.03 21.94 0.95
C ALA A 158 -13.03 21.53 -0.11
N ALA A 159 -11.77 21.92 0.07
CA ALA A 159 -10.73 21.58 -0.89
C ALA A 159 -10.57 20.05 -0.92
N ARG A 160 -10.64 19.42 0.25
CA ARG A 160 -10.50 17.97 0.29
C ARG A 160 -11.56 17.34 -0.61
N ALA A 161 -12.79 17.84 -0.50
CA ALA A 161 -13.91 17.34 -1.28
C ALA A 161 -13.72 17.61 -2.78
N GLU A 162 -12.93 18.62 -3.11
CA GLU A 162 -12.69 18.99 -4.50
C GLU A 162 -11.47 18.28 -5.10
N GLY A 163 -10.79 17.50 -4.27
CA GLY A 163 -9.62 16.79 -4.75
C GLY A 163 -8.40 17.68 -4.71
N VAL A 164 -8.52 18.76 -3.93
CA VAL A 164 -7.44 19.72 -3.78
C VAL A 164 -6.75 19.52 -2.44
N GLY A 165 -5.43 19.48 -2.45
CA GLY A 165 -4.68 19.32 -1.23
C GLY A 165 -4.35 20.69 -0.67
N VAL A 166 -4.29 20.79 0.65
CA VAL A 166 -3.96 22.05 1.29
C VAL A 166 -2.89 21.82 2.35
N GLY A 167 -1.98 22.78 2.47
CA GLY A 167 -0.93 22.68 3.46
C GLY A 167 -0.75 24.01 4.16
N TRP A 168 -0.60 23.98 5.49
CA TRP A 168 -0.41 25.18 6.29
C TRP A 168 1.09 25.30 6.57
N VAL A 169 1.66 26.47 6.34
CA VAL A 169 3.08 26.69 6.61
C VAL A 169 3.14 27.87 7.58
N SER A 170 3.57 27.60 8.81
CA SER A 170 3.64 28.65 9.81
C SER A 170 5.08 28.92 10.23
N ILE A 171 6.03 28.36 9.48
CA ILE A 171 7.44 28.55 9.79
C ILE A 171 8.12 29.69 9.03
N PHE A 172 8.09 30.88 9.62
CA PHE A 172 8.74 32.06 9.07
C PHE A 172 8.47 33.28 9.93
N HIS A 173 9.23 34.34 9.71
CA HIS A 173 9.04 35.58 10.47
C HIS A 173 7.94 36.35 9.77
N GLU A 174 6.83 36.56 10.46
CA GLU A 174 5.69 37.28 9.92
C GLU A 174 6.03 38.62 9.27
N SER A 175 6.86 39.42 9.94
CA SER A 175 7.22 40.74 9.41
C SER A 175 7.82 40.65 8.02
N GLU A 176 8.52 39.55 7.73
CA GLU A 176 9.12 39.37 6.43
C GLU A 176 8.09 39.04 5.36
N ILE A 177 7.06 38.28 5.73
CA ILE A 177 6.03 37.95 4.76
C ILE A 177 5.20 39.21 4.50
N LYS A 178 4.89 39.97 5.55
CA LYS A 178 4.11 41.19 5.39
C LYS A 178 4.80 42.18 4.47
N ALA A 179 6.13 42.28 4.57
CA ALA A 179 6.87 43.20 3.70
C ALA A 179 6.75 42.72 2.26
N ILE A 180 6.86 41.42 2.05
CA ILE A 180 6.76 40.84 0.71
C ILE A 180 5.42 41.09 0.04
N LEU A 181 4.34 40.93 0.79
CA LEU A 181 3.01 41.14 0.21
C LEU A 181 2.46 42.54 0.43
N GLY A 182 3.14 43.34 1.25
CA GLY A 182 2.69 44.69 1.52
C GLY A 182 1.53 44.77 2.49
N ILE A 183 1.45 43.80 3.40
CA ILE A 183 0.37 43.76 4.39
C ILE A 183 0.56 44.83 5.48
N PRO A 184 -0.50 45.59 5.80
CA PRO A 184 -0.51 46.67 6.80
C PRO A 184 -0.24 46.22 8.24
N ASP A 185 0.13 47.17 9.10
CA ASP A 185 0.40 46.89 10.50
C ASP A 185 -0.85 46.43 11.25
N HIS A 186 -2.01 46.96 10.87
CA HIS A 186 -3.24 46.60 11.56
C HIS A 186 -3.82 45.25 11.15
N VAL A 187 -3.12 44.55 10.26
CA VAL A 187 -3.53 43.25 9.77
C VAL A 187 -2.50 42.19 10.14
N GLU A 188 -2.97 41.05 10.63
CA GLU A 188 -2.07 39.98 11.04
C GLU A 188 -2.22 38.74 10.18
N ILE A 189 -1.10 38.08 9.90
CA ILE A 189 -1.13 36.86 9.11
C ILE A 189 -1.46 35.71 10.05
N VAL A 190 -2.51 34.96 9.73
CA VAL A 190 -2.90 33.83 10.54
C VAL A 190 -2.40 32.54 9.90
N ALA A 191 -2.47 32.47 8.57
CA ALA A 191 -2.02 31.28 7.89
C ALA A 191 -1.51 31.50 6.48
N TRP A 192 -0.58 30.65 6.09
CA TRP A 192 -0.07 30.67 4.74
C TRP A 192 -0.48 29.29 4.26
N LEU A 193 -1.31 29.23 3.23
CA LEU A 193 -1.77 27.94 2.73
C LEU A 193 -1.24 27.64 1.34
N CYS A 194 -0.82 26.40 1.13
CA CYS A 194 -0.33 25.98 -0.18
C CYS A 194 -1.42 25.08 -0.77
N LEU A 195 -1.83 25.37 -1.99
CA LEU A 195 -2.90 24.61 -2.63
C LEU A 195 -2.53 24.03 -4.00
N GLY A 196 -3.07 22.84 -4.27
CA GLY A 196 -2.82 22.17 -5.53
C GLY A 196 -3.58 20.86 -5.56
N PHE A 197 -3.97 20.42 -6.76
CA PHE A 197 -4.69 19.15 -6.88
C PHE A 197 -3.78 18.03 -6.40
N VAL A 198 -4.35 16.98 -5.85
CA VAL A 198 -3.56 15.84 -5.38
C VAL A 198 -4.28 14.54 -5.70
N ASP A 199 -3.55 13.57 -6.25
CA ASP A 199 -4.12 12.28 -6.59
C ASP A 199 -3.78 11.19 -5.58
N ARG A 200 -2.88 11.50 -4.66
CA ARG A 200 -2.51 10.55 -3.61
C ARG A 200 -2.31 11.22 -2.27
N LEU A 201 -2.79 10.55 -1.22
CA LEU A 201 -2.71 11.07 0.15
C LEU A 201 -2.23 10.04 1.15
N TYR A 202 -1.67 10.53 2.26
CA TYR A 202 -1.23 9.66 3.33
C TYR A 202 -2.50 9.22 4.05
N GLN A 203 -2.61 7.93 4.35
CA GLN A 203 -3.77 7.41 5.04
C GLN A 203 -3.83 7.87 6.50
N GLU A 204 -2.68 8.29 7.02
CA GLU A 204 -2.61 8.77 8.40
C GLU A 204 -1.70 10.01 8.38
N PRO A 205 -1.76 10.84 9.43
CA PRO A 205 -0.90 12.03 9.47
C PRO A 205 0.53 11.66 9.07
N GLU A 206 1.10 12.44 8.16
CA GLU A 206 2.45 12.19 7.68
C GLU A 206 3.49 12.19 8.80
N LEU A 207 3.28 13.06 9.80
CA LEU A 207 4.22 13.14 10.92
C LEU A 207 4.19 11.89 11.81
N ALA A 208 3.09 11.14 11.79
CA ALA A 208 3.02 9.91 12.56
C ALA A 208 3.75 8.83 11.78
N ALA A 209 3.51 8.80 10.47
CA ALA A 209 4.14 7.83 9.57
C ALA A 209 5.66 7.96 9.62
N LYS A 210 6.15 9.18 9.76
CA LYS A 210 7.59 9.41 9.81
C LYS A 210 8.14 9.45 11.24
N GLY A 211 7.33 8.98 12.18
CA GLY A 211 7.75 8.91 13.56
C GLY A 211 8.11 10.17 14.32
N TRP A 212 7.39 11.27 14.08
CA TRP A 212 7.67 12.50 14.81
C TRP A 212 6.82 12.43 16.07
N ARG A 213 5.52 12.25 15.88
CA ARG A 213 4.55 12.11 16.97
C ARG A 213 3.43 11.20 16.46
N GLN A 214 2.85 10.41 17.36
CA GLN A 214 1.75 9.51 17.01
C GLN A 214 0.43 10.15 17.44
N ARG A 215 -0.67 9.57 16.97
CA ARG A 215 -2.00 10.05 17.32
C ARG A 215 -2.23 9.78 18.80
N LEU A 216 -2.65 10.80 19.54
CA LEU A 216 -2.91 10.64 20.98
C LEU A 216 -4.23 9.90 21.19
N PRO A 217 -4.34 9.13 22.27
CA PRO A 217 -5.59 8.41 22.54
C PRO A 217 -6.67 9.44 22.91
N LEU A 218 -7.76 9.45 22.16
CA LEU A 218 -8.83 10.41 22.44
C LEU A 218 -9.41 10.29 23.84
N GLU A 219 -9.51 9.08 24.36
CA GLU A 219 -10.08 8.87 25.70
C GLU A 219 -9.28 9.57 26.80
N ASP A 220 -8.02 9.90 26.51
CA ASP A 220 -7.16 10.57 27.48
C ASP A 220 -7.45 12.07 27.55
N LEU A 221 -8.07 12.59 26.50
CA LEU A 221 -8.33 14.01 26.37
C LEU A 221 -9.73 14.49 26.74
N VAL A 222 -10.61 13.57 27.09
CA VAL A 222 -11.97 13.93 27.44
C VAL A 222 -12.21 13.78 28.93
N PHE A 223 -12.73 14.83 29.56
CA PHE A 223 -13.04 14.82 30.98
C PHE A 223 -14.54 15.01 31.18
N GLU A 224 -15.05 14.55 32.32
CA GLU A 224 -16.47 14.67 32.66
C GLU A 224 -16.69 15.64 33.82
N GLU A 225 -17.40 16.73 33.54
CA GLU A 225 -17.75 17.76 34.53
C GLU A 225 -16.58 18.58 35.09
N GLY A 226 -15.43 17.96 35.24
CA GLY A 226 -14.29 18.70 35.77
C GLY A 226 -12.98 18.19 35.21
N TRP A 227 -12.00 19.07 35.15
CA TRP A 227 -10.68 18.70 34.63
C TRP A 227 -10.08 17.52 35.38
N GLY A 228 -9.52 16.56 34.64
CA GLY A 228 -8.91 15.40 35.27
C GLY A 228 -9.86 14.31 35.74
N VAL A 229 -11.16 14.49 35.49
CA VAL A 229 -12.14 13.49 35.91
C VAL A 229 -12.71 12.74 34.72
N ARG A 230 -12.69 11.41 34.77
CA ARG A 230 -13.23 10.61 33.67
C ARG A 230 -14.65 10.17 33.99
N LEU B 12 1.44 6.50 2.07
CA LEU B 12 0.84 7.37 1.01
C LEU B 12 0.32 6.50 -0.14
N THR B 13 -0.98 6.60 -0.39
CA THR B 13 -1.60 5.80 -1.43
C THR B 13 -2.55 6.64 -2.28
N ALA B 14 -3.24 6.00 -3.22
CA ALA B 14 -4.18 6.71 -4.08
C ALA B 14 -5.19 7.45 -3.21
N ALA B 15 -5.47 8.69 -3.57
CA ALA B 15 -6.43 9.48 -2.81
C ALA B 15 -7.83 9.06 -3.22
N GLY B 16 -8.79 9.15 -2.29
CA GLY B 16 -10.16 8.81 -2.62
C GLY B 16 -10.76 10.01 -3.32
N ALA B 17 -11.75 9.78 -4.18
CA ALA B 17 -12.41 10.87 -4.89
C ALA B 17 -13.88 10.97 -4.48
N PHE B 18 -14.33 12.22 -4.27
CA PHE B 18 -15.70 12.49 -3.86
C PHE B 18 -16.62 12.64 -5.06
N SER B 19 -17.81 12.04 -4.97
CA SER B 19 -18.78 12.15 -6.04
C SER B 19 -19.45 13.51 -5.89
N SER B 20 -20.29 13.86 -6.87
CA SER B 20 -21.00 15.12 -6.82
C SER B 20 -21.84 15.26 -5.54
N ASP B 21 -22.52 14.19 -5.15
CA ASP B 21 -23.34 14.21 -3.95
C ASP B 21 -22.52 14.30 -2.66
N GLU B 22 -21.45 13.52 -2.57
CA GLU B 22 -20.60 13.55 -1.39
C GLU B 22 -20.10 14.97 -1.18
N ARG B 23 -19.68 15.59 -2.28
CA ARG B 23 -19.15 16.95 -2.23
C ARG B 23 -20.23 17.94 -1.81
N ALA B 24 -21.44 17.77 -2.35
CA ALA B 24 -22.54 18.66 -2.03
C ALA B 24 -22.87 18.58 -0.54
N ALA B 25 -22.71 17.39 0.05
CA ALA B 25 -23.00 17.21 1.47
C ALA B 25 -22.03 18.07 2.30
N VAL B 26 -20.76 18.03 1.94
CA VAL B 26 -19.74 18.80 2.64
C VAL B 26 -20.07 20.29 2.57
N TYR B 27 -20.40 20.79 1.37
CA TYR B 27 -20.75 22.20 1.23
C TYR B 27 -22.05 22.50 1.95
N ARG B 28 -22.96 21.53 2.02
CA ARG B 28 -24.22 21.76 2.69
C ARG B 28 -23.96 22.01 4.17
N ALA B 29 -23.09 21.20 4.77
CA ALA B 29 -22.75 21.35 6.18
C ALA B 29 -22.12 22.73 6.40
N ILE B 30 -21.26 23.14 5.49
CA ILE B 30 -20.58 24.42 5.58
C ILE B 30 -21.51 25.61 5.36
N GLU B 31 -22.42 25.50 4.40
CA GLU B 31 -23.31 26.60 4.07
C GLU B 31 -24.54 26.75 4.96
N THR B 32 -24.84 25.75 5.78
CA THR B 32 -26.00 25.83 6.65
C THR B 32 -25.74 25.79 8.15
N ARG B 33 -24.54 25.40 8.59
CA ARG B 33 -24.32 25.39 10.02
C ARG B 33 -24.46 26.82 10.55
N ARG B 34 -25.00 26.92 11.75
CA ARG B 34 -25.25 28.22 12.37
C ARG B 34 -24.72 28.26 13.78
N ASP B 35 -24.55 29.46 14.32
CA ASP B 35 -24.15 29.57 15.71
C ASP B 35 -25.50 29.62 16.41
N VAL B 36 -25.84 28.54 17.12
CA VAL B 36 -27.12 28.45 17.81
C VAL B 36 -27.10 28.96 19.25
N ARG B 37 -28.08 29.81 19.58
CA ARG B 37 -28.21 30.36 20.92
C ARG B 37 -29.53 29.97 21.59
N ASP B 38 -30.62 30.07 20.85
CA ASP B 38 -31.92 29.79 21.43
C ASP B 38 -32.82 28.72 20.82
N GLU B 39 -32.29 27.86 19.95
CA GLU B 39 -33.13 26.81 19.37
C GLU B 39 -32.85 25.40 19.91
N PHE B 40 -31.94 25.29 20.87
CA PHE B 40 -31.59 24.00 21.47
C PHE B 40 -32.80 23.25 22.02
N LEU B 41 -32.91 21.96 21.70
CA LEU B 41 -34.01 21.15 22.22
C LEU B 41 -33.53 20.52 23.52
N PRO B 42 -34.44 20.05 24.37
CA PRO B 42 -34.01 19.44 25.64
C PRO B 42 -33.57 17.97 25.60
N GLU B 43 -33.76 17.30 24.46
CA GLU B 43 -33.36 15.90 24.37
C GLU B 43 -31.86 15.76 24.54
N PRO B 44 -31.42 15.00 25.55
CA PRO B 44 -29.99 14.82 25.78
C PRO B 44 -29.34 14.09 24.60
N LEU B 45 -28.05 14.35 24.39
CA LEU B 45 -27.32 13.69 23.32
C LEU B 45 -26.80 12.35 23.81
N SER B 46 -26.86 11.32 22.96
CA SER B 46 -26.37 10.00 23.35
C SER B 46 -24.85 9.99 23.47
N GLU B 47 -24.34 9.01 24.19
CA GLU B 47 -22.91 8.88 24.40
C GLU B 47 -22.25 8.60 23.05
N GLU B 48 -22.91 7.78 22.23
CA GLU B 48 -22.39 7.44 20.92
C GLU B 48 -22.26 8.69 20.05
N LEU B 49 -23.30 9.53 20.07
CA LEU B 49 -23.30 10.76 19.29
C LEU B 49 -22.15 11.67 19.71
N ILE B 50 -22.01 11.88 21.01
CA ILE B 50 -20.94 12.73 21.51
C ILE B 50 -19.60 12.19 21.04
N ALA B 51 -19.44 10.87 21.12
CA ALA B 51 -18.21 10.21 20.71
C ALA B 51 -17.87 10.54 19.25
N ARG B 52 -18.87 10.50 18.39
CA ARG B 52 -18.62 10.82 16.98
C ARG B 52 -18.15 12.27 16.83
N LEU B 53 -18.76 13.18 17.58
CA LEU B 53 -18.39 14.59 17.51
C LEU B 53 -16.95 14.84 17.96
N LEU B 54 -16.58 14.24 19.08
CA LEU B 54 -15.22 14.41 19.58
C LEU B 54 -14.24 13.74 18.63
N GLY B 55 -14.66 12.63 18.02
CA GLY B 55 -13.81 11.93 17.09
C GLY B 55 -13.48 12.84 15.91
N ALA B 56 -14.50 13.48 15.37
CA ALA B 56 -14.34 14.41 14.25
C ALA B 56 -13.41 15.54 14.65
N ALA B 57 -13.58 16.02 15.88
CA ALA B 57 -12.75 17.10 16.40
C ALA B 57 -11.29 16.67 16.52
N HIS B 58 -11.08 15.45 16.97
CA HIS B 58 -9.73 14.91 17.15
C HIS B 58 -9.02 14.66 15.82
N GLN B 59 -9.77 14.67 14.71
CA GLN B 59 -9.17 14.46 13.38
C GLN B 59 -8.74 15.80 12.79
N ALA B 60 -8.80 16.86 13.59
CA ALA B 60 -8.41 18.18 13.10
C ALA B 60 -6.90 18.24 12.99
N PRO B 61 -6.39 19.12 12.11
CA PRO B 61 -4.94 19.20 12.00
C PRO B 61 -4.43 19.92 13.25
N SER B 62 -3.15 19.78 13.57
CA SER B 62 -2.60 20.48 14.72
C SER B 62 -1.12 20.76 14.46
N VAL B 63 -0.66 21.97 14.78
CA VAL B 63 0.74 22.33 14.54
C VAL B 63 1.72 21.29 15.08
N GLY B 64 2.59 20.80 14.18
CA GLY B 64 3.59 19.80 14.52
C GLY B 64 2.96 18.56 15.10
N PHE B 65 1.68 18.38 14.79
CA PHE B 65 0.88 17.26 15.29
C PHE B 65 0.87 17.26 16.82
N MET B 66 0.89 18.46 17.40
CA MET B 66 0.88 18.64 18.85
C MET B 66 -0.38 18.07 19.50
N GLN B 67 -1.53 18.22 18.84
CA GLN B 67 -2.81 17.71 19.36
C GLN B 67 -3.01 18.25 20.79
N PRO B 68 -2.96 19.59 20.96
CA PRO B 68 -3.10 20.30 22.23
C PRO B 68 -4.45 20.35 22.92
N TRP B 69 -5.49 19.85 22.27
CA TRP B 69 -6.83 19.92 22.84
C TRP B 69 -7.23 18.94 23.93
N ASN B 70 -8.24 19.36 24.68
CA ASN B 70 -8.88 18.60 25.75
C ASN B 70 -10.32 19.05 25.70
N PHE B 71 -11.23 18.18 26.13
CA PHE B 71 -12.63 18.51 26.13
C PHE B 71 -13.25 18.21 27.49
N VAL B 72 -13.86 19.21 28.10
CA VAL B 72 -14.51 19.01 29.39
C VAL B 72 -16.01 18.99 29.14
N LEU B 73 -16.62 17.82 29.24
CA LEU B 73 -18.06 17.67 29.03
C LEU B 73 -18.80 18.14 30.28
N VAL B 74 -19.64 19.15 30.13
CA VAL B 74 -20.39 19.71 31.24
C VAL B 74 -21.89 19.52 31.07
N ARG B 75 -22.53 18.87 32.03
CA ARG B 75 -23.97 18.62 31.96
C ARG B 75 -24.74 18.94 33.23
N GLN B 76 -24.04 19.12 34.34
CA GLN B 76 -24.68 19.42 35.62
C GLN B 76 -25.25 20.83 35.70
N ASP B 77 -26.50 20.93 36.18
CA ASP B 77 -27.19 22.22 36.31
C ASP B 77 -26.47 23.27 37.14
N GLU B 78 -25.84 22.83 38.23
CA GLU B 78 -25.12 23.75 39.09
C GLU B 78 -23.95 24.40 38.35
N THR B 79 -23.17 23.57 37.65
CA THR B 79 -22.03 24.05 36.90
C THR B 79 -22.47 25.05 35.82
N ARG B 80 -23.45 24.66 35.02
CA ARG B 80 -23.92 25.52 33.96
C ARG B 80 -24.53 26.81 34.49
N GLU B 81 -25.14 26.75 35.67
CA GLU B 81 -25.73 27.94 36.29
C GLU B 81 -24.59 28.89 36.65
N LYS B 82 -23.50 28.35 37.17
CA LYS B 82 -22.34 29.15 37.54
C LYS B 82 -21.71 29.80 36.30
N VAL B 83 -21.55 29.02 35.25
CA VAL B 83 -20.98 29.55 34.02
C VAL B 83 -21.91 30.62 33.47
N TRP B 84 -23.21 30.37 33.58
CA TRP B 84 -24.19 31.34 33.11
C TRP B 84 -24.03 32.67 33.85
N GLN B 85 -23.78 32.59 35.16
CA GLN B 85 -23.61 33.81 35.96
C GLN B 85 -22.32 34.52 35.58
N ALA B 86 -21.29 33.75 35.29
CA ALA B 86 -20.00 34.31 34.89
C ALA B 86 -20.23 35.06 33.57
N PHE B 87 -21.07 34.48 32.70
CA PHE B 87 -21.38 35.09 31.42
C PHE B 87 -22.11 36.41 31.66
N GLN B 88 -23.08 36.37 32.57
CA GLN B 88 -23.88 37.54 32.90
C GLN B 88 -23.01 38.73 33.31
N ARG B 89 -22.09 38.49 34.23
CA ARG B 89 -21.20 39.54 34.68
C ARG B 89 -20.42 40.11 33.50
N ALA B 90 -19.83 39.22 32.71
CA ALA B 90 -19.04 39.63 31.54
C ALA B 90 -19.86 40.37 30.50
N ASN B 91 -21.04 39.86 30.20
CA ASN B 91 -21.89 40.48 29.19
C ASN B 91 -22.38 41.86 29.64
N ASP B 92 -22.58 42.04 30.94
CA ASP B 92 -23.03 43.32 31.44
C ASP B 92 -21.91 44.34 31.25
N GLU B 93 -20.66 43.94 31.43
CA GLU B 93 -19.58 44.89 31.25
C GLU B 93 -19.27 45.11 29.78
N ALA B 94 -19.62 44.14 28.94
CA ALA B 94 -19.41 44.26 27.51
C ALA B 94 -20.37 45.32 26.96
N ALA B 95 -21.66 45.14 27.24
CA ALA B 95 -22.69 46.07 26.81
C ALA B 95 -22.31 47.49 27.18
N GLU B 96 -21.64 47.61 28.32
CA GLU B 96 -21.22 48.90 28.83
C GLU B 96 -20.16 49.57 27.95
N MET B 97 -19.66 48.81 26.98
CA MET B 97 -18.64 49.33 26.06
C MET B 97 -19.30 49.93 24.82
N PHE B 98 -20.62 49.83 24.76
CA PHE B 98 -21.41 50.36 23.65
C PHE B 98 -22.29 51.48 24.18
N SER B 99 -22.80 52.33 23.29
CA SER B 99 -23.65 53.43 23.73
C SER B 99 -24.84 53.68 22.83
N GLY B 100 -25.80 54.45 23.33
CA GLY B 100 -27.00 54.77 22.58
C GLY B 100 -27.78 53.62 21.98
N GLU B 101 -28.16 53.79 20.72
CA GLU B 101 -28.92 52.78 19.98
C GLU B 101 -28.21 51.43 19.89
N ARG B 102 -26.90 51.45 19.62
CA ARG B 102 -26.15 50.21 19.52
C ARG B 102 -26.25 49.45 20.83
N GLN B 103 -26.04 50.16 21.94
CA GLN B 103 -26.12 49.57 23.27
C GLN B 103 -27.48 48.91 23.46
N ALA B 104 -28.53 49.58 22.98
CA ALA B 104 -29.88 49.04 23.11
C ALA B 104 -29.98 47.73 22.33
N LYS B 105 -29.48 47.73 21.09
CA LYS B 105 -29.53 46.53 20.27
C LYS B 105 -28.68 45.42 20.89
N TYR B 106 -27.49 45.77 21.35
CA TYR B 106 -26.60 44.79 21.98
C TYR B 106 -27.31 44.08 23.11
N ARG B 107 -28.05 44.85 23.90
CA ARG B 107 -28.76 44.32 25.05
C ARG B 107 -29.96 43.43 24.66
N SER B 108 -30.43 43.57 23.43
CA SER B 108 -31.56 42.77 22.94
C SER B 108 -31.11 41.44 22.34
N LEU B 109 -29.80 41.30 22.09
CA LEU B 109 -29.26 40.08 21.50
C LEU B 109 -29.07 38.94 22.48
N LYS B 110 -29.40 37.72 22.06
CA LYS B 110 -29.18 36.58 22.95
C LYS B 110 -27.83 36.06 22.49
N LEU B 111 -26.87 36.05 23.41
CA LEU B 111 -25.52 35.64 23.08
C LEU B 111 -25.02 34.34 23.72
N GLU B 112 -25.94 33.47 24.13
CA GLU B 112 -25.57 32.21 24.75
C GLU B 112 -26.78 31.32 24.99
N GLY B 113 -26.53 30.02 25.15
CA GLY B 113 -27.60 29.07 25.42
C GLY B 113 -27.14 28.11 26.51
N ILE B 114 -26.31 28.63 27.40
CA ILE B 114 -25.75 27.84 28.50
C ILE B 114 -26.76 27.05 29.32
N ARG B 115 -27.90 27.65 29.65
CA ARG B 115 -28.88 26.96 30.46
C ARG B 115 -29.94 26.19 29.67
N LYS B 116 -29.98 26.40 28.36
CA LYS B 116 -30.96 25.73 27.50
C LYS B 116 -30.37 24.48 26.82
N ALA B 117 -29.09 24.54 26.49
CA ALA B 117 -28.41 23.42 25.85
C ALA B 117 -28.09 22.34 26.87
N PRO B 118 -28.57 21.11 26.64
CA PRO B 118 -28.32 20.00 27.57
C PRO B 118 -26.84 19.66 27.73
N LEU B 119 -26.03 20.07 26.77
CA LEU B 119 -24.61 19.79 26.86
C LEU B 119 -23.73 20.99 26.58
N SER B 120 -22.62 21.06 27.31
CA SER B 120 -21.64 22.11 27.11
C SER B 120 -20.28 21.42 27.04
N ILE B 121 -19.36 22.03 26.32
CA ILE B 121 -18.04 21.48 26.21
C ILE B 121 -17.04 22.61 26.27
N CYS B 122 -16.17 22.56 27.26
CA CYS B 122 -15.14 23.59 27.37
C CYS B 122 -13.94 23.02 26.63
N VAL B 123 -13.61 23.61 25.48
CA VAL B 123 -12.48 23.15 24.69
C VAL B 123 -11.24 23.93 25.09
N THR B 124 -10.19 23.20 25.43
CA THR B 124 -8.95 23.82 25.89
C THR B 124 -7.73 23.58 25.00
N CYS B 125 -6.62 24.20 25.40
CA CYS B 125 -5.36 24.09 24.70
C CYS B 125 -4.24 24.02 25.73
N ASP B 126 -3.57 22.87 25.79
CA ASP B 126 -2.47 22.68 26.72
C ASP B 126 -1.22 23.30 26.13
N ARG B 127 -0.88 24.50 26.58
CA ARG B 127 0.28 25.21 26.08
C ARG B 127 1.61 24.47 26.27
N THR B 128 1.71 23.61 27.28
CA THR B 128 2.96 22.90 27.51
C THR B 128 3.07 21.50 26.92
N ARG B 129 2.05 21.07 26.17
CA ARG B 129 2.11 19.75 25.54
C ARG B 129 3.08 19.82 24.36
N GLY B 130 3.62 18.67 23.96
CA GLY B 130 4.55 18.64 22.84
C GLY B 130 6.01 18.84 23.22
N GLY B 131 6.28 18.99 24.52
CA GLY B 131 7.65 19.18 24.96
C GLY B 131 8.15 20.61 24.98
N ALA B 132 9.46 20.76 25.11
CA ALA B 132 10.09 22.07 25.16
C ALA B 132 9.95 22.87 23.86
N VAL B 133 10.15 22.21 22.73
CA VAL B 133 10.03 22.89 21.44
C VAL B 133 9.07 22.15 20.51
N VAL B 134 8.00 22.82 20.11
CA VAL B 134 7.03 22.18 19.23
C VAL B 134 7.20 22.60 17.77
N LEU B 135 7.30 21.59 16.91
CA LEU B 135 7.46 21.80 15.47
C LEU B 135 6.35 22.69 14.94
N GLY B 136 6.72 23.70 14.16
CA GLY B 136 5.75 24.61 13.59
C GLY B 136 5.30 25.76 14.48
N ARG B 137 5.63 25.70 15.77
CA ARG B 137 5.24 26.78 16.68
C ARG B 137 6.45 27.63 17.05
N THR B 138 7.59 27.33 16.44
CA THR B 138 8.84 28.04 16.71
C THR B 138 8.88 29.52 16.38
N HIS B 139 8.07 29.98 15.43
CA HIS B 139 8.09 31.37 15.04
C HIS B 139 6.77 32.11 15.29
N ASN B 140 5.76 31.38 15.76
CA ASN B 140 4.46 31.96 16.08
C ASN B 140 3.88 31.13 17.23
N PRO B 141 3.91 31.68 18.46
CA PRO B 141 3.42 31.03 19.68
C PRO B 141 1.92 30.75 19.76
N GLN B 142 1.14 31.31 18.85
CA GLN B 142 -0.31 31.12 18.86
C GLN B 142 -0.76 29.89 18.07
N MET B 143 0.17 29.25 17.37
CA MET B 143 -0.15 28.10 16.54
C MET B 143 -0.90 26.98 17.24
N ASP B 144 -0.60 26.74 18.51
CA ASP B 144 -1.30 25.68 19.23
C ASP B 144 -2.77 26.05 19.49
N LEU B 145 -3.01 27.33 19.79
CA LEU B 145 -4.37 27.82 20.02
C LEU B 145 -5.18 27.71 18.74
N TYR B 146 -4.55 28.06 17.62
CA TYR B 146 -5.23 27.97 16.32
C TYR B 146 -5.60 26.52 16.04
N SER B 147 -4.70 25.59 16.34
CA SER B 147 -4.95 24.16 16.13
C SER B 147 -6.24 23.77 16.85
N THR B 148 -6.38 24.21 18.09
CA THR B 148 -7.57 23.89 18.87
C THR B 148 -8.81 24.41 18.16
N VAL B 149 -8.73 25.57 17.53
CA VAL B 149 -9.89 26.11 16.82
C VAL B 149 -10.27 25.18 15.67
N CYS B 150 -9.27 24.62 15.00
CA CYS B 150 -9.55 23.69 13.90
C CYS B 150 -10.41 22.53 14.42
N ALA B 151 -10.12 22.03 15.61
CA ALA B 151 -10.91 20.93 16.16
C ALA B 151 -12.34 21.40 16.41
N VAL B 152 -12.48 22.65 16.84
CA VAL B 152 -13.80 23.21 17.09
C VAL B 152 -14.63 23.29 15.79
N GLN B 153 -14.03 23.81 14.74
CA GLN B 153 -14.75 23.95 13.48
C GLN B 153 -15.18 22.57 12.97
N ASN B 154 -14.32 21.57 13.14
CA ASN B 154 -14.64 20.20 12.73
C ASN B 154 -15.86 19.70 13.52
N LEU B 155 -15.85 19.96 14.82
CA LEU B 155 -16.95 19.54 15.68
C LEU B 155 -18.25 20.23 15.25
N TRP B 156 -18.15 21.53 14.97
CA TRP B 156 -19.27 22.35 14.54
C TRP B 156 -19.92 21.80 13.26
N LEU B 157 -19.09 21.45 12.28
CA LEU B 157 -19.59 20.92 11.01
C LEU B 157 -20.20 19.52 11.21
N ALA B 158 -19.50 18.67 11.95
CA ALA B 158 -20.01 17.33 12.20
C ALA B 158 -21.35 17.43 12.91
N ALA B 159 -21.46 18.34 13.87
CA ALA B 159 -22.70 18.53 14.62
C ALA B 159 -23.84 18.90 13.68
N ARG B 160 -23.58 19.81 12.75
CA ARG B 160 -24.62 20.20 11.80
C ARG B 160 -25.14 18.97 11.07
N ALA B 161 -24.22 18.12 10.62
CA ALA B 161 -24.58 16.90 9.90
C ALA B 161 -25.45 15.98 10.74
N GLU B 162 -25.19 15.94 12.05
CA GLU B 162 -25.96 15.10 12.98
C GLU B 162 -27.24 15.79 13.46
N GLY B 163 -27.49 17.00 12.97
CA GLY B 163 -28.69 17.71 13.39
C GLY B 163 -28.52 18.31 14.77
N VAL B 164 -27.27 18.57 15.14
CA VAL B 164 -26.96 19.15 16.43
C VAL B 164 -26.52 20.62 16.28
N GLY B 165 -27.18 21.49 17.03
CA GLY B 165 -26.84 22.89 16.98
C GLY B 165 -25.67 23.15 17.90
N VAL B 166 -24.81 24.09 17.52
CA VAL B 166 -23.65 24.43 18.32
C VAL B 166 -23.50 25.94 18.37
N GLY B 167 -23.17 26.44 19.56
CA GLY B 167 -22.98 27.88 19.71
C GLY B 167 -21.72 28.12 20.50
N TRP B 168 -20.95 29.11 20.09
CA TRP B 168 -19.70 29.46 20.77
C TRP B 168 -20.02 30.64 21.71
N VAL B 169 -19.55 30.56 22.94
CA VAL B 169 -19.77 31.66 23.90
C VAL B 169 -18.40 32.09 24.37
N SER B 170 -17.99 33.30 23.98
CA SER B 170 -16.68 33.83 24.34
C SER B 170 -16.77 34.96 25.35
N ILE B 171 -17.97 35.26 25.81
CA ILE B 171 -18.12 36.35 26.75
C ILE B 171 -18.07 35.92 28.21
N PHE B 172 -16.84 35.83 28.73
CA PHE B 172 -16.59 35.45 30.13
C PHE B 172 -15.22 35.98 30.53
N HIS B 173 -14.89 35.77 31.80
CA HIS B 173 -13.59 36.11 32.36
C HIS B 173 -13.00 34.71 32.50
N GLU B 174 -12.03 34.35 31.65
CA GLU B 174 -11.44 33.02 31.68
C GLU B 174 -11.14 32.47 33.08
N SER B 175 -10.47 33.27 33.90
CA SER B 175 -10.11 32.85 35.26
C SER B 175 -11.27 32.22 36.02
N GLU B 176 -12.44 32.83 35.92
CA GLU B 176 -13.62 32.33 36.60
C GLU B 176 -14.03 30.96 36.09
N ILE B 177 -14.00 30.78 34.77
CA ILE B 177 -14.39 29.50 34.21
C ILE B 177 -13.39 28.44 34.61
N LYS B 178 -12.10 28.79 34.54
CA LYS B 178 -11.04 27.85 34.91
C LYS B 178 -11.21 27.39 36.36
N ALA B 179 -11.58 28.34 37.24
CA ALA B 179 -11.79 28.02 38.64
C ALA B 179 -12.96 27.06 38.78
N ILE B 180 -14.03 27.34 38.04
CA ILE B 180 -15.22 26.50 38.07
C ILE B 180 -14.95 25.07 37.61
N LEU B 181 -14.03 24.88 36.68
CA LEU B 181 -13.75 23.54 36.19
C LEU B 181 -12.43 22.95 36.71
N GLY B 182 -11.69 23.75 37.47
CA GLY B 182 -10.43 23.28 38.01
C GLY B 182 -9.37 23.12 36.93
N ILE B 183 -9.42 23.98 35.93
CA ILE B 183 -8.45 23.91 34.84
C ILE B 183 -7.12 24.53 35.28
N PRO B 184 -6.00 23.80 35.05
CA PRO B 184 -4.62 24.19 35.39
C PRO B 184 -4.10 25.44 34.71
N ASP B 185 -3.07 26.05 35.31
CA ASP B 185 -2.47 27.26 34.76
C ASP B 185 -1.90 27.05 33.37
N HIS B 186 -1.27 25.90 33.14
CA HIS B 186 -0.65 25.62 31.85
C HIS B 186 -1.63 25.30 30.71
N VAL B 187 -2.91 25.38 31.02
CA VAL B 187 -3.96 25.10 30.05
C VAL B 187 -4.83 26.35 29.85
N GLU B 188 -5.04 26.72 28.59
CA GLU B 188 -5.85 27.89 28.27
C GLU B 188 -7.17 27.50 27.62
N ILE B 189 -8.23 28.23 27.96
CA ILE B 189 -9.54 27.96 27.40
C ILE B 189 -9.65 28.62 26.03
N VAL B 190 -10.02 27.85 25.02
CA VAL B 190 -10.18 28.39 23.68
C VAL B 190 -11.65 28.65 23.39
N ALA B 191 -12.51 27.71 23.78
CA ALA B 191 -13.93 27.89 23.51
C ALA B 191 -14.87 27.19 24.48
N TRP B 192 -16.05 27.78 24.64
CA TRP B 192 -17.08 27.19 25.48
C TRP B 192 -18.19 27.00 24.47
N LEU B 193 -18.57 25.74 24.25
CA LEU B 193 -19.60 25.42 23.27
C LEU B 193 -20.86 24.88 23.91
N CYS B 194 -22.00 25.31 23.41
CA CYS B 194 -23.30 24.84 23.88
C CYS B 194 -23.79 23.92 22.77
N LEU B 195 -24.22 22.72 23.12
CA LEU B 195 -24.70 21.77 22.12
C LEU B 195 -26.08 21.25 22.45
N GLY B 196 -26.84 20.92 21.41
CA GLY B 196 -28.17 20.41 21.60
C GLY B 196 -28.86 20.24 20.27
N PHE B 197 -29.72 19.23 20.18
CA PHE B 197 -30.47 18.98 18.96
C PHE B 197 -31.26 20.22 18.59
N VAL B 198 -31.41 20.45 17.29
CA VAL B 198 -32.19 21.58 16.83
C VAL B 198 -32.96 21.15 15.58
N ASP B 199 -34.16 21.67 15.43
CA ASP B 199 -34.99 21.34 14.27
C ASP B 199 -35.32 22.62 13.52
N ARG B 200 -34.79 23.74 14.00
CA ARG B 200 -35.01 25.05 13.37
C ARG B 200 -33.71 25.85 13.36
N LEU B 201 -33.33 26.31 12.17
CA LEU B 201 -32.11 27.10 12.00
C LEU B 201 -32.38 28.33 11.15
N TYR B 202 -31.61 29.38 11.38
CA TYR B 202 -31.77 30.59 10.59
C TYR B 202 -31.15 30.26 9.23
N GLN B 203 -31.61 30.93 8.19
CA GLN B 203 -31.11 30.71 6.84
C GLN B 203 -29.83 31.53 6.58
N GLU B 204 -29.71 32.64 7.31
CA GLU B 204 -28.54 33.51 7.21
C GLU B 204 -28.14 33.80 8.65
N PRO B 205 -26.94 34.36 8.86
CA PRO B 205 -26.50 34.67 10.22
C PRO B 205 -27.52 35.50 11.00
N GLU B 206 -27.89 35.01 12.17
CA GLU B 206 -28.84 35.67 13.04
C GLU B 206 -28.45 37.13 13.26
N LEU B 207 -27.17 37.37 13.49
CA LEU B 207 -26.69 38.73 13.72
C LEU B 207 -26.97 39.67 12.55
N ALA B 208 -27.06 39.10 11.35
CA ALA B 208 -27.33 39.90 10.17
C ALA B 208 -28.83 40.16 10.12
N ALA B 209 -29.60 39.13 10.44
CA ALA B 209 -31.05 39.22 10.45
C ALA B 209 -31.51 40.25 11.48
N LYS B 210 -30.84 40.27 12.63
CA LYS B 210 -31.20 41.18 13.70
C LYS B 210 -30.57 42.57 13.61
N GLY B 211 -29.95 42.88 12.47
CA GLY B 211 -29.38 44.21 12.28
C GLY B 211 -28.08 44.61 12.94
N TRP B 212 -27.27 43.66 13.39
CA TRP B 212 -26.00 44.01 14.02
C TRP B 212 -24.97 44.29 12.92
N ARG B 213 -24.72 43.30 12.06
CA ARG B 213 -23.78 43.43 10.94
C ARG B 213 -24.29 42.59 9.78
N GLN B 214 -24.01 43.03 8.56
CA GLN B 214 -24.43 42.29 7.37
C GLN B 214 -23.25 41.48 6.84
N ARG B 215 -23.52 40.59 5.89
CA ARG B 215 -22.45 39.78 5.29
C ARG B 215 -21.63 40.73 4.43
N LEU B 216 -20.30 40.68 4.56
CA LEU B 216 -19.44 41.54 3.78
C LEU B 216 -19.27 40.98 2.38
N PRO B 217 -19.13 41.86 1.37
CA PRO B 217 -18.96 41.44 -0.02
C PRO B 217 -17.63 40.70 -0.13
N LEU B 218 -17.68 39.41 -0.45
CA LEU B 218 -16.46 38.64 -0.57
C LEU B 218 -15.43 39.28 -1.51
N GLU B 219 -15.90 39.89 -2.59
CA GLU B 219 -14.98 40.49 -3.53
C GLU B 219 -14.08 41.55 -2.91
N ASP B 220 -14.53 42.15 -1.81
CA ASP B 220 -13.75 43.19 -1.12
C ASP B 220 -12.57 42.62 -0.32
N LEU B 221 -12.65 41.35 0.04
CA LEU B 221 -11.64 40.72 0.87
C LEU B 221 -10.60 39.87 0.12
N VAL B 222 -10.69 39.83 -1.20
CA VAL B 222 -9.77 39.03 -2.01
C VAL B 222 -8.81 39.89 -2.86
N PHE B 223 -7.52 39.70 -2.65
CA PHE B 223 -6.50 40.43 -3.39
C PHE B 223 -5.68 39.52 -4.30
N GLU B 224 -5.16 40.11 -5.37
CA GLU B 224 -4.34 39.37 -6.34
C GLU B 224 -2.87 39.72 -6.19
N GLU B 225 -2.06 38.74 -5.77
CA GLU B 225 -0.62 38.88 -5.62
C GLU B 225 -0.09 39.80 -4.52
N GLY B 226 -0.81 40.87 -4.22
CA GLY B 226 -0.37 41.79 -3.19
C GLY B 226 -1.53 42.45 -2.48
N TRP B 227 -1.32 42.87 -1.23
CA TRP B 227 -2.38 43.50 -0.46
C TRP B 227 -2.93 44.74 -1.13
N GLY B 228 -4.26 44.87 -1.12
CA GLY B 228 -4.90 46.02 -1.72
C GLY B 228 -4.91 46.01 -3.24
N VAL B 229 -4.36 44.97 -3.84
CA VAL B 229 -4.32 44.87 -5.29
C VAL B 229 -5.46 44.02 -5.82
N ARG B 230 -6.16 44.54 -6.82
CA ARG B 230 -7.28 43.82 -7.42
C ARG B 230 -6.88 43.09 -8.70
N LEU C 12 5.45 -8.72 13.01
CA LEU C 12 6.09 -9.81 13.79
C LEU C 12 7.42 -10.19 13.15
N THR C 13 8.47 -10.29 13.96
CA THR C 13 9.80 -10.64 13.47
C THR C 13 10.41 -11.86 14.16
N ALA C 14 11.31 -12.54 13.48
CA ALA C 14 11.94 -13.73 14.07
C ALA C 14 12.67 -13.26 15.32
N ALA C 15 12.72 -14.13 16.33
CA ALA C 15 13.38 -13.79 17.58
C ALA C 15 13.95 -15.04 18.24
N GLY C 16 14.90 -14.82 19.14
CA GLY C 16 15.52 -15.92 19.86
C GLY C 16 16.27 -15.41 21.08
N ALA C 17 17.10 -16.27 21.66
CA ALA C 17 17.86 -15.89 22.83
C ALA C 17 19.01 -14.99 22.41
N PHE C 18 19.42 -14.10 23.31
CA PHE C 18 20.54 -13.20 23.04
C PHE C 18 21.79 -14.06 23.02
N SER C 19 22.88 -13.54 22.47
CA SER C 19 24.14 -14.28 22.43
C SER C 19 24.60 -14.45 23.88
N SER C 20 25.64 -15.25 24.09
CA SER C 20 26.16 -15.47 25.43
C SER C 20 26.66 -14.16 26.04
N ASP C 21 27.29 -13.32 25.23
CA ASP C 21 27.79 -12.04 25.68
C ASP C 21 26.65 -11.08 26.04
N GLU C 22 25.65 -10.99 25.16
CA GLU C 22 24.51 -10.10 25.42
C GLU C 22 23.82 -10.50 26.72
N ARG C 23 23.57 -11.80 26.87
CA ARG C 23 22.93 -12.34 28.06
C ARG C 23 23.70 -11.94 29.31
N ALA C 24 24.99 -12.23 29.32
CA ALA C 24 25.84 -11.91 30.46
C ALA C 24 25.70 -10.44 30.81
N ALA C 25 25.59 -9.59 29.79
CA ALA C 25 25.45 -8.16 30.01
C ALA C 25 24.15 -7.81 30.73
N VAL C 26 23.06 -8.48 30.34
CA VAL C 26 21.75 -8.26 30.95
C VAL C 26 21.78 -8.65 32.42
N TYR C 27 22.34 -9.81 32.72
CA TYR C 27 22.43 -10.28 34.09
C TYR C 27 23.41 -9.45 34.92
N ARG C 28 24.44 -8.92 34.27
CA ARG C 28 25.40 -8.12 35.01
C ARG C 28 24.71 -6.87 35.55
N ALA C 29 23.89 -6.23 34.71
CA ALA C 29 23.17 -5.04 35.14
C ALA C 29 22.22 -5.40 36.29
N ILE C 30 21.57 -6.55 36.15
CA ILE C 30 20.64 -7.01 37.16
C ILE C 30 21.34 -7.37 38.46
N GLU C 31 22.47 -8.06 38.37
CA GLU C 31 23.20 -8.50 39.54
C GLU C 31 24.16 -7.48 40.15
N THR C 32 24.39 -6.36 39.47
CA THR C 32 25.29 -5.35 40.03
C THR C 32 24.61 -4.02 40.36
N ARG C 33 23.37 -3.83 39.93
CA ARG C 33 22.72 -2.56 40.26
C ARG C 33 22.46 -2.50 41.76
N ARG C 34 22.54 -1.31 42.31
CA ARG C 34 22.35 -1.10 43.75
C ARG C 34 21.52 0.14 43.98
N ASP C 35 20.96 0.26 45.19
CA ASP C 35 20.22 1.44 45.55
C ASP C 35 21.31 2.32 46.17
N VAL C 36 21.59 3.45 45.53
CA VAL C 36 22.63 4.34 46.01
C VAL C 36 22.07 5.49 46.85
N ARG C 37 22.79 5.82 47.91
CA ARG C 37 22.40 6.90 48.80
C ARG C 37 23.51 7.90 48.99
N ASP C 38 24.73 7.40 49.19
CA ASP C 38 25.86 8.27 49.50
C ASP C 38 27.05 8.34 48.53
N GLU C 39 27.07 7.55 47.46
CA GLU C 39 28.21 7.59 46.55
C GLU C 39 28.02 8.47 45.31
N PHE C 40 26.93 9.21 45.26
CA PHE C 40 26.66 10.08 44.11
C PHE C 40 27.77 11.10 43.88
N LEU C 41 28.15 11.29 42.62
CA LEU C 41 29.18 12.27 42.26
C LEU C 41 28.45 13.58 41.95
N PRO C 42 29.17 14.70 41.97
CA PRO C 42 28.59 16.00 41.68
C PRO C 42 28.40 16.42 40.22
N GLU C 43 29.10 15.77 39.30
CA GLU C 43 28.97 16.17 37.90
C GLU C 43 27.60 15.90 37.31
N PRO C 44 26.99 16.93 36.70
CA PRO C 44 25.66 16.84 36.09
C PRO C 44 25.55 15.79 34.99
N LEU C 45 24.35 15.25 34.83
CA LEU C 45 24.09 14.26 33.80
C LEU C 45 23.69 15.04 32.55
N SER C 46 24.22 14.64 31.40
CA SER C 46 23.89 15.33 30.15
C SER C 46 22.44 15.07 29.75
N GLU C 47 21.93 15.92 28.87
CA GLU C 47 20.56 15.79 28.39
C GLU C 47 20.41 14.51 27.58
N GLU C 48 21.45 14.15 26.83
CA GLU C 48 21.42 12.94 26.03
C GLU C 48 21.28 11.73 26.95
N LEU C 49 22.09 11.71 28.01
CA LEU C 49 22.06 10.61 28.97
C LEU C 49 20.68 10.49 29.61
N ILE C 50 20.15 11.62 30.08
CA ILE C 50 18.84 11.64 30.71
C ILE C 50 17.75 11.18 29.75
N ALA C 51 17.88 11.54 28.47
CA ALA C 51 16.91 11.12 27.48
C ALA C 51 16.96 9.60 27.34
N ARG C 52 18.18 9.05 27.31
CA ARG C 52 18.35 7.61 27.19
C ARG C 52 17.66 6.85 28.33
N LEU C 53 17.85 7.32 29.57
CA LEU C 53 17.24 6.66 30.73
C LEU C 53 15.72 6.74 30.68
N LEU C 54 15.20 7.91 30.33
CA LEU C 54 13.76 8.12 30.24
C LEU C 54 13.19 7.29 29.09
N GLY C 55 13.98 7.17 28.03
CA GLY C 55 13.55 6.39 26.88
C GLY C 55 13.35 4.95 27.29
N ALA C 56 14.28 4.44 28.09
CA ALA C 56 14.20 3.06 28.56
C ALA C 56 13.02 2.86 29.48
N ALA C 57 12.72 3.86 30.32
CA ALA C 57 11.59 3.78 31.23
C ALA C 57 10.28 3.70 30.46
N HIS C 58 10.18 4.51 29.42
CA HIS C 58 8.98 4.58 28.58
C HIS C 58 8.75 3.30 27.77
N GLN C 59 9.78 2.46 27.67
CA GLN C 59 9.68 1.19 26.92
C GLN C 59 9.19 0.09 27.87
N ALA C 60 8.76 0.47 29.07
CA ALA C 60 8.28 -0.52 30.02
C ALA C 60 6.86 -0.94 29.67
N PRO C 61 6.46 -2.14 30.11
CA PRO C 61 5.10 -2.58 29.81
C PRO C 61 4.16 -1.72 30.66
N SER C 62 2.88 -1.74 30.37
CA SER C 62 1.93 -0.98 31.16
C SER C 62 0.54 -1.57 30.93
N VAL C 63 -0.22 -1.73 32.01
CA VAL C 63 -1.55 -2.30 31.94
C VAL C 63 -2.38 -1.62 30.83
N GLY C 64 -2.94 -2.43 29.95
CA GLY C 64 -3.74 -1.93 28.84
C GLY C 64 -3.00 -0.87 28.03
N PHE C 65 -1.68 -0.95 28.02
CA PHE C 65 -0.81 0.01 27.34
C PHE C 65 -1.23 1.40 27.76
N MET C 66 -1.64 1.50 29.02
CA MET C 66 -2.07 2.76 29.61
C MET C 66 -0.92 3.78 29.62
N GLN C 67 0.31 3.31 29.87
CA GLN C 67 1.45 4.22 29.90
C GLN C 67 1.07 5.37 30.85
N PRO C 68 0.78 5.04 32.12
CA PRO C 68 0.37 6.01 33.14
C PRO C 68 1.44 6.94 33.72
N TRP C 69 2.70 6.72 33.36
CA TRP C 69 3.78 7.53 33.91
C TRP C 69 4.04 8.95 33.41
N ASN C 70 4.70 9.71 34.28
CA ASN C 70 5.14 11.08 34.05
C ASN C 70 6.45 11.19 34.82
N PHE C 71 7.34 12.09 34.39
CA PHE C 71 8.62 12.26 35.04
C PHE C 71 8.91 13.73 35.30
N VAL C 72 9.04 14.12 36.56
CA VAL C 72 9.37 15.50 36.90
C VAL C 72 10.85 15.56 37.26
N LEU C 73 11.65 16.15 36.38
CA LEU C 73 13.09 16.26 36.60
C LEU C 73 13.39 17.38 37.60
N VAL C 74 14.13 17.05 38.66
CA VAL C 74 14.48 18.03 39.69
C VAL C 74 15.99 18.27 39.76
N ARG C 75 16.40 19.52 39.62
CA ARG C 75 17.82 19.88 39.65
C ARG C 75 18.14 21.08 40.55
N GLN C 76 17.16 21.96 40.75
CA GLN C 76 17.35 23.15 41.58
C GLN C 76 17.60 22.82 43.06
N ASP C 77 18.53 23.55 43.67
CA ASP C 77 18.88 23.38 45.07
C ASP C 77 17.75 23.62 46.06
N GLU C 78 16.99 24.71 45.88
CA GLU C 78 15.91 24.99 46.81
C GLU C 78 14.83 23.90 46.79
N THR C 79 14.62 23.29 45.63
CA THR C 79 13.63 22.22 45.52
C THR C 79 14.16 21.05 46.32
N ARG C 80 15.41 20.66 46.04
CA ARG C 80 16.04 19.55 46.73
C ARG C 80 16.07 19.79 48.23
N GLU C 81 16.20 21.05 48.63
CA GLU C 81 16.25 21.41 50.04
C GLU C 81 14.90 21.19 50.73
N LYS C 82 13.82 21.54 50.03
CA LYS C 82 12.48 21.36 50.59
C LYS C 82 12.13 19.89 50.75
N VAL C 83 12.42 19.10 49.72
CA VAL C 83 12.13 17.68 49.75
C VAL C 83 13.00 17.00 50.80
N TRP C 84 14.23 17.45 50.96
CA TRP C 84 15.11 16.84 51.96
C TRP C 84 14.47 17.05 53.34
N GLN C 85 14.01 18.28 53.60
CA GLN C 85 13.36 18.60 54.86
C GLN C 85 12.14 17.72 55.09
N ALA C 86 11.34 17.54 54.04
CA ALA C 86 10.14 16.72 54.13
C ALA C 86 10.55 15.31 54.51
N PHE C 87 11.71 14.89 54.01
CA PHE C 87 12.24 13.57 54.30
C PHE C 87 12.56 13.52 55.80
N GLN C 88 13.40 14.45 56.24
CA GLN C 88 13.81 14.56 57.65
C GLN C 88 12.67 14.42 58.64
N ARG C 89 11.59 15.17 58.42
CA ARG C 89 10.44 15.11 59.31
C ARG C 89 9.84 13.71 59.28
N ALA C 90 9.69 13.18 58.07
CA ALA C 90 9.11 11.85 57.89
C ALA C 90 10.00 10.76 58.47
N ASN C 91 11.31 10.93 58.35
CA ASN C 91 12.24 9.93 58.85
C ASN C 91 12.29 9.89 60.37
N ASP C 92 12.09 11.04 61.00
CA ASP C 92 12.08 11.09 62.46
C ASP C 92 10.82 10.36 62.90
N GLU C 93 9.73 10.59 62.18
CA GLU C 93 8.48 9.93 62.50
C GLU C 93 8.66 8.42 62.43
N ALA C 94 9.35 7.95 61.40
CA ALA C 94 9.59 6.52 61.20
C ALA C 94 10.46 5.94 62.30
N ALA C 95 11.56 6.61 62.60
CA ALA C 95 12.48 6.16 63.63
C ALA C 95 11.75 5.83 64.93
N GLU C 96 10.86 6.71 65.35
CA GLU C 96 10.12 6.50 66.58
C GLU C 96 9.21 5.29 66.54
N MET C 97 9.13 4.63 65.38
CA MET C 97 8.30 3.44 65.24
C MET C 97 9.11 2.21 65.65
N PHE C 98 10.40 2.42 65.89
CA PHE C 98 11.30 1.34 66.29
C PHE C 98 11.77 1.62 67.72
N SER C 99 12.21 0.58 68.42
CA SER C 99 12.66 0.73 69.79
C SER C 99 14.06 0.20 70.03
N GLY C 100 14.57 0.45 71.22
CA GLY C 100 15.89 0.00 71.61
C GLY C 100 16.97 -0.07 70.56
N GLU C 101 17.57 -1.25 70.43
CA GLU C 101 18.66 -1.49 69.49
C GLU C 101 18.30 -1.14 68.05
N ARG C 102 17.15 -1.61 67.58
CA ARG C 102 16.74 -1.34 66.20
C ARG C 102 16.58 0.14 65.92
N GLN C 103 15.97 0.88 66.84
CA GLN C 103 15.79 2.29 66.63
C GLN C 103 17.15 2.95 66.44
N ALA C 104 18.11 2.58 67.29
CA ALA C 104 19.46 3.13 67.22
C ALA C 104 20.08 2.83 65.86
N LYS C 105 20.03 1.56 65.45
CA LYS C 105 20.59 1.15 64.15
C LYS C 105 19.86 1.88 63.04
N TYR C 106 18.54 1.94 63.13
CA TYR C 106 17.73 2.63 62.14
C TYR C 106 18.26 4.04 61.98
N ARG C 107 18.39 4.73 63.11
CA ARG C 107 18.85 6.11 63.14
C ARG C 107 20.24 6.33 62.55
N SER C 108 21.08 5.29 62.55
CA SER C 108 22.43 5.41 62.01
C SER C 108 22.47 5.16 60.50
N LEU C 109 21.34 4.79 59.93
CA LEU C 109 21.26 4.50 58.50
C LEU C 109 21.08 5.74 57.62
N LYS C 110 21.70 5.70 56.45
CA LYS C 110 21.58 6.79 55.48
C LYS C 110 20.58 6.26 54.45
N LEU C 111 19.40 6.86 54.41
CA LEU C 111 18.35 6.41 53.53
C LEU C 111 17.98 7.37 52.41
N GLU C 112 18.93 8.19 51.97
CA GLU C 112 18.68 9.14 50.90
C GLU C 112 19.90 9.97 50.56
N GLY C 113 19.94 10.47 49.33
CA GLY C 113 21.03 11.31 48.87
C GLY C 113 20.40 12.42 48.06
N ILE C 114 19.30 12.96 48.59
CA ILE C 114 18.54 14.03 47.93
C ILE C 114 19.35 15.29 47.64
N ARG C 115 20.19 15.71 48.58
CA ARG C 115 21.00 16.91 48.37
C ARG C 115 22.32 16.61 47.67
N LYS C 116 22.76 15.35 47.75
CA LYS C 116 24.01 14.96 47.11
C LYS C 116 23.85 14.63 45.63
N ALA C 117 22.77 13.94 45.28
CA ALA C 117 22.52 13.59 43.89
C ALA C 117 22.24 14.84 43.08
N PRO C 118 22.93 15.02 41.95
CA PRO C 118 22.73 16.21 41.11
C PRO C 118 21.41 16.19 40.34
N LEU C 119 20.72 15.06 40.37
CA LEU C 119 19.45 14.94 39.67
C LEU C 119 18.49 13.99 40.36
N SER C 120 17.25 14.44 40.54
CA SER C 120 16.21 13.62 41.12
C SER C 120 15.05 13.60 40.14
N ILE C 121 14.31 12.50 40.13
CA ILE C 121 13.17 12.37 39.24
C ILE C 121 11.98 11.84 40.03
N CYS C 122 10.89 12.59 40.03
CA CYS C 122 9.70 12.17 40.72
C CYS C 122 8.87 11.42 39.69
N VAL C 123 8.71 10.12 39.88
CA VAL C 123 7.95 9.30 38.95
C VAL C 123 6.53 9.20 39.43
N THR C 124 5.60 9.60 38.57
CA THR C 124 4.18 9.59 38.92
C THR C 124 3.34 8.63 38.10
N CYS C 125 2.10 8.44 38.56
CA CYS C 125 1.13 7.57 37.91
C CYS C 125 -0.19 8.30 37.84
N ASP C 126 -0.65 8.58 36.63
CA ASP C 126 -1.92 9.30 36.41
C ASP C 126 -3.08 8.30 36.44
N ARG C 127 -3.73 8.20 37.61
CA ARG C 127 -4.85 7.28 37.81
C ARG C 127 -6.04 7.50 36.86
N THR C 128 -6.15 8.68 36.24
CA THR C 128 -7.27 8.92 35.35
C THR C 128 -6.94 8.85 33.86
N ARG C 129 -5.70 8.53 33.52
CA ARG C 129 -5.32 8.40 32.12
C ARG C 129 -5.95 7.10 31.61
N GLY C 130 -6.16 7.00 30.30
CA GLY C 130 -6.74 5.79 29.74
C GLY C 130 -8.26 5.76 29.70
N GLY C 131 -8.90 6.88 30.00
CA GLY C 131 -10.36 6.92 29.97
C GLY C 131 -11.07 6.35 31.18
N ALA C 132 -12.39 6.21 31.07
CA ALA C 132 -13.22 5.71 32.16
C ALA C 132 -12.91 4.28 32.56
N VAL C 133 -12.62 3.41 31.59
CA VAL C 133 -12.31 2.02 31.88
C VAL C 133 -11.01 1.62 31.18
N VAL C 134 -10.04 1.15 31.96
CA VAL C 134 -8.77 0.76 31.35
C VAL C 134 -8.56 -0.75 31.36
N LEU C 135 -8.32 -1.26 30.16
CA LEU C 135 -8.08 -2.67 29.89
C LEU C 135 -7.05 -3.23 30.85
N GLY C 136 -7.35 -4.36 31.46
CA GLY C 136 -6.42 -4.99 32.38
C GLY C 136 -6.44 -4.46 33.80
N ARG C 137 -7.08 -3.32 34.00
CA ARG C 137 -7.16 -2.72 35.34
C ARG C 137 -8.57 -2.90 35.88
N THR C 138 -9.40 -3.64 35.15
CA THR C 138 -10.79 -3.87 35.55
C THR C 138 -11.01 -4.64 36.86
N HIS C 139 -10.10 -5.55 37.20
CA HIS C 139 -10.29 -6.33 38.41
C HIS C 139 -9.28 -6.08 39.52
N ASN C 140 -8.27 -5.27 39.26
CA ASN C 140 -7.27 -4.92 40.25
C ASN C 140 -6.86 -3.49 39.94
N PRO C 141 -7.38 -2.52 40.71
CA PRO C 141 -7.13 -1.09 40.58
C PRO C 141 -5.69 -0.62 40.74
N GLN C 142 -4.80 -1.48 41.24
CA GLN C 142 -3.41 -1.09 41.44
C GLN C 142 -2.52 -1.39 40.24
N MET C 143 -3.10 -1.98 39.20
CA MET C 143 -2.36 -2.33 38.00
C MET C 143 -1.65 -1.14 37.34
N ASP C 144 -2.27 0.04 37.38
CA ASP C 144 -1.64 1.20 36.77
C ASP C 144 -0.40 1.60 37.57
N LEU C 145 -0.50 1.52 38.90
CA LEU C 145 0.63 1.83 39.77
C LEU C 145 1.77 0.86 39.52
N TYR C 146 1.45 -0.43 39.42
CA TYR C 146 2.47 -1.45 39.17
C TYR C 146 3.19 -1.20 37.83
N SER C 147 2.45 -0.71 36.83
CA SER C 147 3.06 -0.44 35.53
C SER C 147 4.16 0.60 35.69
N THR C 148 3.89 1.64 36.48
CA THR C 148 4.87 2.67 36.71
C THR C 148 6.15 2.12 37.32
N VAL C 149 6.01 1.20 38.27
CA VAL C 149 7.18 0.60 38.90
C VAL C 149 7.99 -0.14 37.84
N CYS C 150 7.32 -0.73 36.86
CA CYS C 150 8.03 -1.42 35.79
C CYS C 150 8.92 -0.43 35.06
N ALA C 151 8.44 0.81 34.93
CA ALA C 151 9.22 1.84 34.26
C ALA C 151 10.45 2.20 35.09
N VAL C 152 10.26 2.31 36.40
CA VAL C 152 11.34 2.64 37.33
C VAL C 152 12.46 1.59 37.32
N GLN C 153 12.10 0.31 37.29
CA GLN C 153 13.13 -0.73 37.27
C GLN C 153 13.91 -0.64 35.96
N ASN C 154 13.23 -0.33 34.85
CA ASN C 154 13.92 -0.20 33.57
C ASN C 154 14.95 0.93 33.65
N LEU C 155 14.53 2.05 34.23
CA LEU C 155 15.39 3.21 34.36
C LEU C 155 16.59 2.85 35.24
N TRP C 156 16.31 2.17 36.34
CA TRP C 156 17.31 1.73 37.31
C TRP C 156 18.38 0.85 36.65
N LEU C 157 17.94 -0.10 35.83
CA LEU C 157 18.89 -0.99 35.16
C LEU C 157 19.68 -0.29 34.06
N ALA C 158 19.01 0.56 33.30
CA ALA C 158 19.67 1.31 32.24
C ALA C 158 20.72 2.20 32.90
N ALA C 159 20.34 2.81 34.02
CA ALA C 159 21.23 3.68 34.75
C ALA C 159 22.48 2.94 35.15
N ARG C 160 22.32 1.72 35.65
CA ARG C 160 23.47 0.92 36.05
C ARG C 160 24.44 0.74 34.87
N ALA C 161 23.89 0.51 33.68
CA ALA C 161 24.70 0.33 32.49
C ALA C 161 25.43 1.59 32.05
N GLU C 162 24.88 2.76 32.39
CA GLU C 162 25.49 4.03 32.01
C GLU C 162 26.46 4.50 33.10
N GLY C 163 26.58 3.73 34.18
CA GLY C 163 27.47 4.10 35.25
C GLY C 163 26.80 5.12 36.17
N VAL C 164 25.48 5.10 36.17
CA VAL C 164 24.71 6.02 36.99
C VAL C 164 24.00 5.31 38.14
N GLY C 165 24.28 5.78 39.36
CA GLY C 165 23.66 5.19 40.53
C GLY C 165 22.28 5.77 40.73
N VAL C 166 21.36 4.94 41.23
CA VAL C 166 19.99 5.35 41.47
C VAL C 166 19.57 4.84 42.85
N GLY C 167 18.80 5.67 43.55
CA GLY C 167 18.30 5.31 44.86
C GLY C 167 16.86 5.77 45.02
N TRP C 168 16.01 4.86 45.47
CA TRP C 168 14.59 5.15 45.66
C TRP C 168 14.41 5.69 47.09
N VAL C 169 13.66 6.78 47.23
CA VAL C 169 13.40 7.38 48.54
C VAL C 169 11.88 7.40 48.70
N SER C 170 11.37 6.62 49.64
CA SER C 170 9.93 6.53 49.85
C SER C 170 9.50 7.01 51.23
N ILE C 171 10.46 7.54 51.99
CA ILE C 171 10.19 8.03 53.33
C ILE C 171 9.74 9.49 53.40
N PHE C 172 8.43 9.70 53.33
CA PHE C 172 7.82 11.02 53.44
C PHE C 172 6.32 11.04 53.18
N HIS C 173 5.69 12.15 53.49
CA HIS C 173 4.27 12.34 53.28
C HIS C 173 4.10 12.79 51.82
N GLU C 174 3.40 11.97 51.03
CA GLU C 174 3.17 12.27 49.61
C GLU C 174 2.58 13.65 49.35
N SER C 175 1.56 14.00 50.13
CA SER C 175 0.88 15.29 49.97
C SER C 175 1.87 16.44 50.02
N GLU C 176 2.88 16.32 50.86
CA GLU C 176 3.90 17.37 50.98
C GLU C 176 4.74 17.45 49.72
N ILE C 177 5.10 16.30 49.16
CA ILE C 177 5.90 16.30 47.94
C ILE C 177 5.06 16.79 46.76
N LYS C 178 3.79 16.37 46.69
CA LYS C 178 2.92 16.81 45.61
C LYS C 178 2.74 18.33 45.66
N ALA C 179 2.62 18.87 46.86
CA ALA C 179 2.47 20.31 47.03
C ALA C 179 3.71 21.02 46.50
N ILE C 180 4.87 20.47 46.85
CA ILE C 180 6.13 21.07 46.40
C ILE C 180 6.30 21.07 44.88
N LEU C 181 5.90 19.98 44.22
CA LEU C 181 6.03 19.88 42.76
C LEU C 181 4.80 20.33 41.97
N GLY C 182 3.74 20.70 42.68
CA GLY C 182 2.52 21.13 42.03
C GLY C 182 1.78 20.00 41.34
N ILE C 183 1.92 18.78 41.86
CA ILE C 183 1.27 17.61 41.27
C ILE C 183 -0.23 17.56 41.53
N PRO C 184 -1.03 17.37 40.46
CA PRO C 184 -2.49 17.29 40.50
C PRO C 184 -3.00 16.17 41.41
N ASP C 185 -4.26 16.26 41.83
CA ASP C 185 -4.85 15.26 42.68
C ASP C 185 -5.02 13.92 42.00
N HIS C 186 -5.42 13.93 40.73
CA HIS C 186 -5.63 12.68 39.98
C HIS C 186 -4.32 11.95 39.66
N VAL C 187 -3.21 12.51 40.11
CA VAL C 187 -1.89 11.92 39.88
C VAL C 187 -1.27 11.52 41.21
N GLU C 188 -0.68 10.33 41.25
CA GLU C 188 -0.04 9.83 42.47
C GLU C 188 1.44 9.60 42.28
N ILE C 189 2.21 9.81 43.35
CA ILE C 189 3.66 9.62 43.30
C ILE C 189 3.98 8.18 43.68
N VAL C 190 4.65 7.46 42.80
CA VAL C 190 5.01 6.10 43.14
C VAL C 190 6.47 6.05 43.59
N ALA C 191 7.32 6.89 43.00
CA ALA C 191 8.73 6.90 43.38
C ALA C 191 9.44 8.24 43.26
N TRP C 192 10.46 8.41 44.10
CA TRP C 192 11.31 9.59 44.08
C TRP C 192 12.70 8.99 43.93
N LEU C 193 13.32 9.21 42.78
CA LEU C 193 14.62 8.65 42.54
C LEU C 193 15.73 9.69 42.62
N CYS C 194 16.87 9.28 43.15
CA CYS C 194 18.03 10.14 43.24
C CYS C 194 19.02 9.55 42.23
N LEU C 195 19.51 10.38 41.32
CA LEU C 195 20.45 9.91 40.30
C LEU C 195 21.78 10.66 40.29
N GLY C 196 22.82 9.96 39.87
CA GLY C 196 24.14 10.56 39.81
C GLY C 196 25.19 9.53 39.49
N PHE C 197 26.26 9.97 38.84
CA PHE C 197 27.35 9.08 38.50
C PHE C 197 27.98 8.57 39.79
N VAL C 198 28.60 7.41 39.71
CA VAL C 198 29.28 6.81 40.87
C VAL C 198 30.57 6.18 40.35
N ASP C 199 31.60 6.18 41.18
CA ASP C 199 32.86 5.56 40.78
C ASP C 199 33.02 4.27 41.58
N ARG C 200 32.14 4.09 42.55
CA ARG C 200 32.18 2.90 43.40
C ARG C 200 30.78 2.44 43.80
N LEU C 201 30.63 1.13 43.96
CA LEU C 201 29.36 0.53 44.34
C LEU C 201 29.57 -0.60 45.33
N TYR C 202 28.58 -0.86 46.16
CA TYR C 202 28.64 -1.94 47.14
C TYR C 202 28.53 -3.24 46.36
N GLN C 203 29.19 -4.29 46.84
CA GLN C 203 29.13 -5.57 46.13
C GLN C 203 27.90 -6.38 46.53
N GLU C 204 27.26 -5.95 47.62
CA GLU C 204 26.05 -6.61 48.10
C GLU C 204 25.15 -5.52 48.67
N PRO C 205 23.86 -5.83 48.92
CA PRO C 205 22.99 -4.79 49.47
C PRO C 205 23.61 -4.14 50.71
N GLU C 206 23.55 -2.81 50.74
CA GLU C 206 24.12 -2.04 51.83
C GLU C 206 23.44 -2.34 53.18
N LEU C 207 22.14 -2.63 53.14
CA LEU C 207 21.40 -2.96 54.35
C LEU C 207 21.79 -4.32 54.90
N ALA C 208 22.41 -5.15 54.07
CA ALA C 208 22.86 -6.47 54.51
C ALA C 208 24.18 -6.29 55.25
N ALA C 209 25.08 -5.54 54.63
CA ALA C 209 26.40 -5.28 55.19
C ALA C 209 26.29 -4.53 56.52
N LYS C 210 25.33 -3.63 56.64
CA LYS C 210 25.18 -2.88 57.88
C LYS C 210 24.30 -3.59 58.90
N GLY C 211 24.13 -4.89 58.68
CA GLY C 211 23.37 -5.72 59.59
C GLY C 211 21.91 -5.42 59.86
N TRP C 212 21.20 -4.87 58.87
CA TRP C 212 19.79 -4.58 59.09
C TRP C 212 18.96 -5.80 58.73
N ARG C 213 19.25 -6.38 57.56
CA ARG C 213 18.52 -7.55 57.10
C ARG C 213 19.38 -8.27 56.06
N GLN C 214 19.48 -9.60 56.17
CA GLN C 214 20.28 -10.39 55.22
C GLN C 214 19.49 -10.87 54.01
N ARG C 215 20.20 -11.38 53.01
CA ARG C 215 19.58 -11.91 51.80
C ARG C 215 18.89 -13.20 52.21
N LEU C 216 17.63 -13.37 51.84
CA LEU C 216 16.90 -14.59 52.18
C LEU C 216 17.24 -15.72 51.20
N PRO C 217 17.22 -16.97 51.67
CA PRO C 217 17.52 -18.13 50.80
C PRO C 217 16.42 -18.20 49.74
N LEU C 218 16.79 -18.10 48.46
CA LEU C 218 15.79 -18.13 47.39
C LEU C 218 14.96 -19.41 47.35
N GLU C 219 15.56 -20.54 47.72
CA GLU C 219 14.85 -21.82 47.69
C GLU C 219 13.61 -21.83 48.58
N ASP C 220 13.61 -20.98 49.61
CA ASP C 220 12.48 -20.90 50.54
C ASP C 220 11.29 -20.15 49.97
N LEU C 221 11.52 -19.37 48.91
CA LEU C 221 10.47 -18.57 48.32
C LEU C 221 9.80 -19.14 47.06
N VAL C 222 10.27 -20.29 46.59
CA VAL C 222 9.71 -20.89 45.40
C VAL C 222 8.95 -22.17 45.72
N PHE C 223 7.69 -22.23 45.28
CA PHE C 223 6.84 -23.40 45.51
C PHE C 223 6.50 -24.13 44.20
N GLU C 224 6.10 -25.39 44.32
CA GLU C 224 5.74 -26.20 43.15
C GLU C 224 4.26 -26.53 43.11
N GLU C 225 3.56 -25.95 42.13
CA GLU C 225 2.13 -26.14 41.91
C GLU C 225 1.22 -25.50 42.96
N GLY C 226 1.60 -25.58 44.22
CA GLY C 226 0.78 -25.01 45.27
C GLY C 226 1.55 -24.27 46.33
N TRP C 227 0.88 -23.37 47.03
CA TRP C 227 1.52 -22.59 48.09
C TRP C 227 1.96 -23.50 49.21
N GLY C 228 3.22 -23.34 49.64
CA GLY C 228 3.75 -24.15 50.71
C GLY C 228 4.17 -25.54 50.26
N VAL C 229 3.98 -25.83 48.99
CA VAL C 229 4.35 -27.13 48.42
C VAL C 229 5.74 -27.07 47.79
N ARG C 230 6.59 -28.03 48.15
CA ARG C 230 7.93 -28.07 47.59
C ARG C 230 8.12 -29.08 46.47
N LEU D 12 32.80 -2.55 49.15
CA LEU D 12 32.57 -1.43 48.17
C LEU D 12 33.73 -1.41 47.16
N THR D 13 33.39 -1.62 45.89
CA THR D 13 34.39 -1.67 44.83
C THR D 13 34.22 -0.63 43.72
N ALA D 14 35.25 -0.50 42.89
CA ALA D 14 35.23 0.45 41.78
C ALA D 14 34.15 0.06 40.79
N ALA D 15 33.47 1.06 40.25
CA ALA D 15 32.40 0.82 39.30
C ALA D 15 32.34 1.93 38.27
N GLY D 16 31.70 1.64 37.13
CA GLY D 16 31.58 2.62 36.08
C GLY D 16 30.57 2.17 35.05
N ALA D 17 30.52 2.86 33.92
CA ALA D 17 29.59 2.49 32.87
C ALA D 17 29.99 1.17 32.24
N PHE D 18 29.00 0.45 31.73
CA PHE D 18 29.22 -0.81 31.05
C PHE D 18 29.90 -0.47 29.73
N SER D 19 30.45 -1.47 29.05
CA SER D 19 31.11 -1.22 27.76
C SER D 19 30.07 -0.89 26.70
N SER D 20 30.54 -0.42 25.57
CA SER D 20 29.66 -0.07 24.46
C SER D 20 28.69 -1.19 24.17
N ASP D 21 29.22 -2.39 23.94
CA ASP D 21 28.39 -3.55 23.63
C ASP D 21 27.53 -4.01 24.80
N GLU D 22 28.07 -3.96 26.02
CA GLU D 22 27.29 -4.38 27.18
C GLU D 22 26.04 -3.50 27.31
N ARG D 23 26.23 -2.20 27.13
CA ARG D 23 25.13 -1.25 27.21
C ARG D 23 24.10 -1.56 26.13
N ALA D 24 24.59 -1.83 24.92
CA ALA D 24 23.70 -2.16 23.81
C ALA D 24 22.78 -3.32 24.17
N ALA D 25 23.35 -4.39 24.72
CA ALA D 25 22.58 -5.58 25.10
C ALA D 25 21.47 -5.25 26.11
N VAL D 26 21.83 -4.53 27.18
CA VAL D 26 20.85 -4.14 28.19
C VAL D 26 19.70 -3.37 27.53
N TYR D 27 20.02 -2.42 26.67
CA TYR D 27 18.98 -1.64 26.01
C TYR D 27 18.17 -2.52 25.05
N ARG D 28 18.84 -3.48 24.43
CA ARG D 28 18.16 -4.38 23.50
C ARG D 28 17.09 -5.17 24.26
N ALA D 29 17.45 -5.67 25.44
CA ALA D 29 16.50 -6.42 26.26
C ALA D 29 15.30 -5.54 26.60
N ILE D 30 15.58 -4.33 27.07
CA ILE D 30 14.52 -3.39 27.41
C ILE D 30 13.64 -3.03 26.19
N GLU D 31 14.30 -2.76 25.07
CA GLU D 31 13.61 -2.37 23.84
C GLU D 31 12.95 -3.44 22.98
N THR D 32 13.27 -4.71 23.23
CA THR D 32 12.65 -5.76 22.42
C THR D 32 11.78 -6.73 23.20
N ARG D 33 11.74 -6.62 24.53
CA ARG D 33 10.89 -7.54 25.27
C ARG D 33 9.43 -7.13 25.03
N ARG D 34 8.57 -8.13 24.92
CA ARG D 34 7.14 -7.92 24.66
C ARG D 34 6.30 -8.70 25.65
N ASP D 35 5.01 -8.39 25.68
CA ASP D 35 4.07 -9.12 26.53
C ASP D 35 3.56 -10.15 25.54
N VAL D 36 3.91 -11.42 25.75
CA VAL D 36 3.49 -12.46 24.84
C VAL D 36 2.19 -13.15 25.24
N ARG D 37 1.32 -13.34 24.25
CA ARG D 37 0.05 -14.02 24.48
C ARG D 37 -0.09 -15.26 23.61
N ASP D 38 0.22 -15.12 22.33
CA ASP D 38 0.03 -16.21 21.38
C ASP D 38 1.24 -16.82 20.67
N GLU D 39 2.46 -16.44 21.05
CA GLU D 39 3.64 -17.01 20.40
C GLU D 39 4.40 -18.04 21.24
N PHE D 40 3.80 -18.48 22.34
CA PHE D 40 4.43 -19.47 23.21
C PHE D 40 4.62 -20.83 22.52
N LEU D 41 5.83 -21.37 22.59
CA LEU D 41 6.12 -22.67 22.00
C LEU D 41 5.92 -23.77 23.04
N PRO D 42 5.71 -25.02 22.58
CA PRO D 42 5.51 -26.14 23.51
C PRO D 42 6.77 -26.67 24.20
N GLU D 43 7.95 -26.31 23.72
CA GLU D 43 9.19 -26.78 24.34
C GLU D 43 9.21 -26.49 25.85
N PRO D 44 9.60 -27.46 26.67
CA PRO D 44 9.64 -27.24 28.12
C PRO D 44 10.83 -26.39 28.55
N LEU D 45 10.66 -25.62 29.63
CA LEU D 45 11.75 -24.80 30.14
C LEU D 45 12.51 -25.62 31.18
N SER D 46 13.83 -25.72 31.01
CA SER D 46 14.64 -26.50 31.94
C SER D 46 14.68 -25.89 33.34
N GLU D 47 14.95 -26.75 34.31
CA GLU D 47 15.05 -26.36 35.71
C GLU D 47 16.12 -25.29 35.83
N GLU D 48 17.22 -25.49 35.09
CA GLU D 48 18.35 -24.57 35.10
C GLU D 48 17.94 -23.16 34.65
N LEU D 49 17.18 -23.10 33.56
CA LEU D 49 16.72 -21.82 33.02
C LEU D 49 15.81 -21.10 34.01
N ILE D 50 14.88 -21.85 34.59
CA ILE D 50 13.95 -21.27 35.55
C ILE D 50 14.69 -20.74 36.76
N ALA D 51 15.72 -21.46 37.20
CA ALA D 51 16.52 -21.04 38.34
C ALA D 51 17.17 -19.69 38.01
N ARG D 52 17.62 -19.53 36.77
CA ARG D 52 18.25 -18.29 36.35
C ARG D 52 17.26 -17.12 36.36
N LEU D 53 16.05 -17.35 35.85
CA LEU D 53 15.03 -16.31 35.82
C LEU D 53 14.61 -15.92 37.25
N LEU D 54 14.39 -16.91 38.10
CA LEU D 54 14.02 -16.61 39.48
C LEU D 54 15.18 -15.94 40.22
N GLY D 55 16.41 -16.35 39.89
CA GLY D 55 17.57 -15.74 40.52
C GLY D 55 17.64 -14.27 40.22
N ALA D 56 17.35 -13.91 38.97
CA ALA D 56 17.37 -12.53 38.53
C ALA D 56 16.31 -11.74 39.29
N ALA D 57 15.11 -12.32 39.40
CA ALA D 57 14.00 -11.68 40.09
C ALA D 57 14.35 -11.40 41.56
N HIS D 58 15.04 -12.34 42.18
CA HIS D 58 15.44 -12.22 43.58
C HIS D 58 16.53 -11.16 43.75
N GLN D 59 17.10 -10.72 42.64
CA GLN D 59 18.15 -9.69 42.66
C GLN D 59 17.55 -8.29 42.60
N ALA D 60 16.23 -8.20 42.50
CA ALA D 60 15.59 -6.90 42.43
C ALA D 60 15.67 -6.20 43.78
N PRO D 61 15.47 -4.89 43.79
CA PRO D 61 15.53 -4.17 45.06
C PRO D 61 14.20 -4.40 45.79
N SER D 62 14.12 -4.02 47.05
CA SER D 62 12.89 -4.19 47.83
C SER D 62 12.96 -3.29 49.05
N VAL D 63 11.88 -2.56 49.32
CA VAL D 63 11.81 -1.65 50.46
C VAL D 63 12.28 -2.28 51.77
N GLY D 64 13.22 -1.62 52.44
CA GLY D 64 13.75 -2.13 53.68
C GLY D 64 14.35 -3.53 53.53
N PHE D 65 14.71 -3.87 52.29
CA PHE D 65 15.27 -5.19 51.97
C PHE D 65 14.31 -6.27 52.48
N MET D 66 13.03 -5.94 52.42
CA MET D 66 11.96 -6.83 52.86
C MET D 66 11.91 -8.13 52.05
N GLN D 67 12.21 -8.06 50.75
CA GLN D 67 12.20 -9.25 49.90
C GLN D 67 10.88 -10.01 50.13
N PRO D 68 9.73 -9.32 49.93
CA PRO D 68 8.36 -9.81 50.09
C PRO D 68 7.84 -10.85 49.11
N TRP D 69 8.58 -11.11 48.05
CA TRP D 69 8.12 -12.04 47.03
C TRP D 69 8.26 -13.55 47.27
N ASN D 70 7.38 -14.28 46.60
CA ASN D 70 7.34 -15.74 46.58
C ASN D 70 6.92 -16.03 45.13
N PHE D 71 7.20 -17.24 44.66
CA PHE D 71 6.84 -17.61 43.29
C PHE D 71 6.25 -19.01 43.29
N VAL D 72 5.04 -19.15 42.76
CA VAL D 72 4.41 -20.48 42.67
C VAL D 72 4.52 -20.92 41.21
N LEU D 73 5.30 -21.97 40.98
CA LEU D 73 5.50 -22.49 39.63
C LEU D 73 4.32 -23.40 39.26
N VAL D 74 3.68 -23.12 38.14
CA VAL D 74 2.55 -23.94 37.72
C VAL D 74 2.75 -24.56 36.33
N ARG D 75 2.65 -25.89 36.26
CA ARG D 75 2.80 -26.60 34.99
C ARG D 75 1.72 -27.64 34.73
N GLN D 76 0.85 -27.84 35.71
CA GLN D 76 -0.23 -28.83 35.61
C GLN D 76 -1.41 -28.36 34.76
N ASP D 77 -1.83 -29.19 33.83
CA ASP D 77 -2.94 -28.87 32.95
C ASP D 77 -4.21 -28.50 33.71
N GLU D 78 -4.53 -29.29 34.73
CA GLU D 78 -5.72 -29.02 35.52
C GLU D 78 -5.67 -27.64 36.17
N THR D 79 -4.49 -27.25 36.64
CA THR D 79 -4.34 -25.95 37.27
C THR D 79 -4.44 -24.83 36.24
N ARG D 80 -3.83 -25.04 35.07
CA ARG D 80 -3.87 -24.05 34.01
C ARG D 80 -5.30 -23.89 33.52
N GLU D 81 -6.06 -24.99 33.52
CA GLU D 81 -7.45 -24.94 33.07
C GLU D 81 -8.35 -24.16 34.03
N LYS D 82 -8.17 -24.38 35.33
CA LYS D 82 -9.00 -23.67 36.32
C LYS D 82 -8.72 -22.17 36.29
N VAL D 83 -7.46 -21.81 36.14
CA VAL D 83 -7.06 -20.42 36.08
C VAL D 83 -7.60 -19.78 34.80
N TRP D 84 -7.59 -20.53 33.71
CA TRP D 84 -8.11 -20.02 32.45
C TRP D 84 -9.61 -19.77 32.58
N GLN D 85 -10.29 -20.66 33.30
CA GLN D 85 -11.73 -20.48 33.51
C GLN D 85 -11.97 -19.25 34.37
N ALA D 86 -11.03 -18.96 35.26
CA ALA D 86 -11.14 -17.79 36.12
C ALA D 86 -10.94 -16.54 35.27
N PHE D 87 -10.08 -16.65 34.27
CA PHE D 87 -9.83 -15.52 33.37
C PHE D 87 -11.06 -15.25 32.53
N GLN D 88 -11.62 -16.31 31.94
CA GLN D 88 -12.81 -16.18 31.10
C GLN D 88 -13.94 -15.51 31.87
N ARG D 89 -14.07 -15.83 33.14
CA ARG D 89 -15.13 -15.23 33.95
C ARG D 89 -14.93 -13.72 34.12
N ALA D 90 -13.71 -13.32 34.48
CA ALA D 90 -13.42 -11.91 34.66
C ALA D 90 -13.41 -11.13 33.34
N ASN D 91 -12.96 -11.79 32.27
CA ASN D 91 -12.89 -11.11 30.98
C ASN D 91 -14.26 -10.77 30.40
N ASP D 92 -15.19 -11.71 30.42
CA ASP D 92 -16.55 -11.46 29.92
C ASP D 92 -17.11 -10.29 30.73
N GLU D 93 -16.73 -10.29 32.00
CA GLU D 93 -17.13 -9.28 32.95
C GLU D 93 -16.57 -7.92 32.49
N ALA D 94 -15.31 -7.92 32.12
CA ALA D 94 -14.64 -6.71 31.65
C ALA D 94 -15.23 -6.23 30.32
N ALA D 95 -15.60 -7.17 29.46
CA ALA D 95 -16.16 -6.81 28.16
C ALA D 95 -17.43 -5.98 28.29
N GLU D 96 -18.29 -6.33 29.24
CA GLU D 96 -19.53 -5.60 29.44
C GLU D 96 -19.31 -4.16 29.89
N MET D 97 -18.08 -3.85 30.27
CA MET D 97 -17.73 -2.51 30.71
C MET D 97 -17.46 -1.58 29.54
N PHE D 98 -17.40 -2.16 28.34
CA PHE D 98 -17.17 -1.38 27.13
C PHE D 98 -18.42 -1.48 26.26
N SER D 99 -18.56 -0.57 25.30
CA SER D 99 -19.73 -0.56 24.43
C SER D 99 -19.37 -0.32 22.98
N GLY D 100 -20.35 -0.52 22.10
CA GLY D 100 -20.15 -0.30 20.68
C GLY D 100 -18.89 -0.89 20.11
N GLU D 101 -18.21 -0.10 19.28
CA GLU D 101 -16.97 -0.49 18.62
C GLU D 101 -15.90 -0.97 19.59
N ARG D 102 -15.72 -0.24 20.69
CA ARG D 102 -14.71 -0.60 21.68
C ARG D 102 -14.90 -1.99 22.28
N GLN D 103 -16.13 -2.31 22.65
CA GLN D 103 -16.43 -3.62 23.21
C GLN D 103 -16.05 -4.65 22.15
N ALA D 104 -16.43 -4.37 20.91
CA ALA D 104 -16.12 -5.24 19.79
C ALA D 104 -14.61 -5.47 19.68
N LYS D 105 -13.85 -4.39 19.71
CA LYS D 105 -12.41 -4.47 19.62
C LYS D 105 -11.86 -5.22 20.83
N TYR D 106 -12.39 -4.91 22.00
CA TYR D 106 -11.96 -5.56 23.23
C TYR D 106 -12.11 -7.08 23.13
N ARG D 107 -13.30 -7.50 22.72
CA ARG D 107 -13.63 -8.91 22.59
C ARG D 107 -12.75 -9.68 21.60
N SER D 108 -12.12 -8.97 20.67
CA SER D 108 -11.25 -9.60 19.68
C SER D 108 -9.81 -9.75 20.14
N LEU D 109 -9.43 -9.01 21.17
CA LEU D 109 -8.06 -9.07 21.67
C LEU D 109 -7.78 -10.37 22.40
N LYS D 110 -6.52 -10.81 22.39
CA LYS D 110 -6.17 -12.02 23.13
C LYS D 110 -5.35 -11.48 24.30
N LEU D 111 -5.87 -11.67 25.50
CA LEU D 111 -5.21 -11.13 26.68
C LEU D 111 -4.61 -12.16 27.64
N GLU D 112 -4.20 -13.31 27.11
CA GLU D 112 -3.61 -14.36 27.94
C GLU D 112 -3.23 -15.58 27.11
N GLY D 113 -2.20 -16.28 27.58
CA GLY D 113 -1.74 -17.49 26.92
C GLY D 113 -1.57 -18.56 27.98
N ILE D 114 -2.52 -18.57 28.93
CA ILE D 114 -2.51 -19.51 30.05
C ILE D 114 -2.41 -20.99 29.68
N ARG D 115 -3.16 -21.41 28.67
CA ARG D 115 -3.14 -22.83 28.28
C ARG D 115 -2.12 -23.15 27.18
N LYS D 116 -1.53 -22.11 26.62
CA LYS D 116 -0.54 -22.26 25.55
C LYS D 116 0.86 -22.29 26.14
N ALA D 117 1.10 -21.50 27.18
CA ALA D 117 2.40 -21.43 27.84
C ALA D 117 2.66 -22.65 28.72
N PRO D 118 3.81 -23.31 28.53
CA PRO D 118 4.16 -24.50 29.31
C PRO D 118 4.36 -24.21 30.80
N LEU D 119 4.62 -22.95 31.11
CA LEU D 119 4.82 -22.57 32.50
C LEU D 119 4.15 -21.26 32.82
N SER D 120 3.69 -21.14 34.06
CA SER D 120 3.06 -19.94 34.58
C SER D 120 3.67 -19.77 35.96
N ILE D 121 3.78 -18.53 36.42
CA ILE D 121 4.33 -18.25 37.73
C ILE D 121 3.47 -17.19 38.40
N CYS D 122 2.94 -17.52 39.57
CA CYS D 122 2.12 -16.59 40.33
C CYS D 122 3.08 -15.89 41.29
N VAL D 123 3.35 -14.62 41.04
CA VAL D 123 4.26 -13.86 41.88
C VAL D 123 3.47 -13.15 42.96
N THR D 124 3.81 -13.43 44.21
CA THR D 124 3.08 -12.85 45.33
C THR D 124 3.90 -11.90 46.22
N CYS D 125 3.18 -11.23 47.12
CA CYS D 125 3.78 -10.31 48.07
C CYS D 125 3.25 -10.61 49.49
N ASP D 126 4.15 -11.05 50.37
CA ASP D 126 3.81 -11.37 51.76
C ASP D 126 3.75 -10.06 52.54
N ARG D 127 2.55 -9.54 52.77
CA ARG D 127 2.37 -8.28 53.47
C ARG D 127 2.90 -8.25 54.91
N THR D 128 3.08 -9.41 55.52
CA THR D 128 3.53 -9.44 56.91
C THR D 128 4.99 -9.81 57.14
N ARG D 129 5.73 -10.10 56.08
CA ARG D 129 7.14 -10.44 56.20
C ARG D 129 7.85 -9.16 56.64
N GLY D 130 9.04 -9.31 57.22
CA GLY D 130 9.80 -8.13 57.64
C GLY D 130 9.53 -7.66 59.07
N GLY D 131 8.61 -8.33 59.76
CA GLY D 131 8.32 -7.97 61.13
C GLY D 131 7.22 -6.93 61.32
N ALA D 132 7.13 -6.42 62.54
CA ALA D 132 6.11 -5.42 62.90
C ALA D 132 6.21 -4.15 62.07
N VAL D 133 7.42 -3.64 61.87
CA VAL D 133 7.64 -2.41 61.12
C VAL D 133 8.77 -2.56 60.10
N VAL D 134 8.47 -2.33 58.82
CA VAL D 134 9.51 -2.45 57.80
C VAL D 134 9.98 -1.09 57.30
N LEU D 135 11.29 -0.88 57.38
CA LEU D 135 11.93 0.34 56.95
C LEU D 135 11.52 0.70 55.53
N GLY D 136 11.13 1.96 55.34
CA GLY D 136 10.74 2.43 54.02
C GLY D 136 9.28 2.25 53.64
N ARG D 137 8.53 1.48 54.44
CA ARG D 137 7.11 1.26 54.14
C ARG D 137 6.23 1.96 55.17
N THR D 138 6.87 2.69 56.09
CA THR D 138 6.17 3.40 57.16
C THR D 138 5.27 4.55 56.72
N HIS D 139 5.53 5.11 55.54
CA HIS D 139 4.72 6.23 55.06
C HIS D 139 3.95 5.93 53.78
N ASN D 140 4.14 4.73 53.25
CA ASN D 140 3.44 4.27 52.06
C ASN D 140 3.40 2.75 52.13
N PRO D 141 2.24 2.19 52.48
CA PRO D 141 2.01 0.75 52.63
C PRO D 141 2.08 -0.09 51.35
N GLN D 142 2.07 0.56 50.20
CA GLN D 142 2.11 -0.15 48.92
C GLN D 142 3.52 -0.44 48.45
N MET D 143 4.51 0.01 49.22
CA MET D 143 5.92 -0.14 48.87
C MET D 143 6.38 -1.59 48.78
N ASP D 144 5.71 -2.50 49.49
CA ASP D 144 6.08 -3.90 49.42
C ASP D 144 5.55 -4.50 48.12
N LEU D 145 4.36 -4.07 47.71
CA LEU D 145 3.76 -4.54 46.46
C LEU D 145 4.65 -4.10 45.31
N TYR D 146 5.07 -2.83 45.36
CA TYR D 146 5.92 -2.25 44.32
C TYR D 146 7.23 -3.04 44.17
N SER D 147 7.78 -3.46 45.31
CA SER D 147 9.03 -4.23 45.33
C SER D 147 8.87 -5.50 44.49
N THR D 148 7.74 -6.18 44.67
CA THR D 148 7.47 -7.41 43.94
C THR D 148 7.43 -7.14 42.44
N VAL D 149 6.89 -5.97 42.06
CA VAL D 149 6.84 -5.61 40.65
C VAL D 149 8.27 -5.51 40.12
N CYS D 150 9.19 -4.98 40.92
CA CYS D 150 10.58 -4.85 40.49
C CYS D 150 11.15 -6.23 40.17
N ALA D 151 10.77 -7.22 40.98
CA ALA D 151 11.24 -8.58 40.75
C ALA D 151 10.67 -9.10 39.42
N VAL D 152 9.41 -8.73 39.15
CA VAL D 152 8.75 -9.15 37.93
C VAL D 152 9.44 -8.60 36.69
N GLN D 153 9.80 -7.32 36.72
CA GLN D 153 10.45 -6.70 35.58
C GLN D 153 11.82 -7.33 35.33
N ASN D 154 12.57 -7.65 36.39
CA ASN D 154 13.87 -8.29 36.22
C ASN D 154 13.68 -9.63 35.51
N LEU D 155 12.67 -10.39 35.92
CA LEU D 155 12.40 -11.68 35.31
C LEU D 155 12.00 -11.51 33.84
N TRP D 156 11.18 -10.49 33.58
CA TRP D 156 10.71 -10.21 32.23
C TRP D 156 11.90 -9.98 31.30
N LEU D 157 12.81 -9.11 31.72
CA LEU D 157 13.99 -8.78 30.94
C LEU D 157 14.94 -9.97 30.81
N ALA D 158 15.22 -10.62 31.93
CA ALA D 158 16.10 -11.78 31.92
C ALA D 158 15.49 -12.79 30.94
N ALA D 159 14.18 -12.96 31.00
CA ALA D 159 13.49 -13.88 30.11
C ALA D 159 13.72 -13.52 28.63
N ARG D 160 13.64 -12.23 28.30
CA ARG D 160 13.85 -11.80 26.92
C ARG D 160 15.23 -12.21 26.42
N ALA D 161 16.23 -12.04 27.27
CA ALA D 161 17.61 -12.38 26.91
C ALA D 161 17.77 -13.88 26.69
N GLU D 162 16.93 -14.66 27.39
CA GLU D 162 16.97 -16.11 27.29
C GLU D 162 16.11 -16.61 26.13
N GLY D 163 15.42 -15.70 25.45
CA GLY D 163 14.56 -16.09 24.33
C GLY D 163 13.22 -16.61 24.80
N VAL D 164 12.85 -16.26 26.02
CA VAL D 164 11.59 -16.69 26.60
C VAL D 164 10.56 -15.55 26.64
N GLY D 165 9.38 -15.83 26.11
CA GLY D 165 8.34 -14.84 26.11
C GLY D 165 7.61 -14.87 27.45
N VAL D 166 7.18 -13.69 27.89
CA VAL D 166 6.46 -13.57 29.16
C VAL D 166 5.28 -12.65 28.96
N GLY D 167 4.16 -13.02 29.58
CA GLY D 167 2.96 -12.20 29.50
C GLY D 167 2.38 -12.06 30.89
N TRP D 168 1.93 -10.86 31.24
CA TRP D 168 1.34 -10.61 32.54
C TRP D 168 -0.17 -10.71 32.31
N VAL D 169 -0.89 -11.40 33.18
CA VAL D 169 -2.34 -11.51 33.06
C VAL D 169 -2.90 -11.01 34.39
N SER D 170 -3.67 -9.93 34.33
CA SER D 170 -4.24 -9.35 35.55
C SER D 170 -5.75 -9.39 35.57
N ILE D 171 -6.33 -10.09 34.61
CA ILE D 171 -7.78 -10.19 34.50
C ILE D 171 -8.36 -11.43 35.19
N PHE D 172 -8.50 -11.34 36.51
CA PHE D 172 -9.10 -12.40 37.35
C PHE D 172 -9.58 -11.77 38.65
N HIS D 173 -10.31 -12.58 39.41
CA HIS D 173 -10.79 -12.20 40.73
C HIS D 173 -9.71 -12.86 41.58
N GLU D 174 -8.87 -12.05 42.22
CA GLU D 174 -7.78 -12.58 43.03
C GLU D 174 -8.19 -13.74 43.95
N SER D 175 -9.33 -13.60 44.61
CA SER D 175 -9.81 -14.63 45.51
C SER D 175 -9.86 -16.00 44.85
N GLU D 176 -10.30 -16.05 43.59
CA GLU D 176 -10.39 -17.32 42.88
C GLU D 176 -9.02 -17.96 42.69
N ILE D 177 -8.04 -17.16 42.29
CA ILE D 177 -6.69 -17.67 42.09
C ILE D 177 -6.14 -18.12 43.44
N LYS D 178 -6.26 -17.28 44.46
CA LYS D 178 -5.76 -17.64 45.79
C LYS D 178 -6.35 -18.97 46.25
N ALA D 179 -7.64 -19.17 45.98
CA ALA D 179 -8.30 -20.42 46.36
C ALA D 179 -7.71 -21.60 45.59
N ILE D 180 -7.48 -21.39 44.29
CA ILE D 180 -6.91 -22.44 43.46
C ILE D 180 -5.53 -22.86 43.95
N LEU D 181 -4.67 -21.89 44.22
CA LEU D 181 -3.31 -22.18 44.68
C LEU D 181 -3.16 -22.22 46.21
N GLY D 182 -4.27 -22.09 46.93
CA GLY D 182 -4.21 -22.11 48.39
C GLY D 182 -3.33 -21.06 49.03
N ILE D 183 -3.30 -19.86 48.44
CA ILE D 183 -2.50 -18.76 48.95
C ILE D 183 -3.18 -18.15 50.19
N PRO D 184 -2.39 -17.91 51.26
CA PRO D 184 -2.83 -17.36 52.55
C PRO D 184 -3.41 -15.94 52.51
N ASP D 185 -4.15 -15.58 53.56
CA ASP D 185 -4.74 -14.26 53.67
C ASP D 185 -3.69 -13.15 53.74
N HIS D 186 -2.56 -13.42 54.39
CA HIS D 186 -1.52 -12.41 54.54
C HIS D 186 -0.63 -12.24 53.30
N VAL D 187 -0.94 -12.98 52.25
CA VAL D 187 -0.19 -12.91 51.00
C VAL D 187 -1.07 -12.36 49.89
N GLU D 188 -0.55 -11.40 49.13
CA GLU D 188 -1.34 -10.83 48.05
C GLU D 188 -0.74 -11.17 46.70
N ILE D 189 -1.59 -11.52 45.75
CA ILE D 189 -1.14 -11.85 44.41
C ILE D 189 -0.87 -10.56 43.65
N VAL D 190 0.34 -10.41 43.15
CA VAL D 190 0.67 -9.21 42.42
C VAL D 190 0.66 -9.46 40.91
N ALA D 191 1.15 -10.62 40.48
CA ALA D 191 1.17 -10.93 39.07
C ALA D 191 1.01 -12.41 38.72
N TRP D 192 0.43 -12.65 37.56
CA TRP D 192 0.29 -13.99 37.02
C TRP D 192 1.08 -13.90 35.72
N LEU D 193 2.12 -14.71 35.61
CA LEU D 193 2.94 -14.65 34.41
C LEU D 193 2.88 -15.95 33.62
N CYS D 194 2.78 -15.85 32.30
CA CYS D 194 2.78 -17.00 31.43
C CYS D 194 4.13 -16.94 30.75
N LEU D 195 4.88 -18.05 30.77
CA LEU D 195 6.20 -18.06 30.15
C LEU D 195 6.37 -19.17 29.11
N GLY D 196 7.30 -18.95 28.19
CA GLY D 196 7.55 -19.94 27.17
C GLY D 196 8.44 -19.42 26.05
N PHE D 197 9.21 -20.32 25.46
CA PHE D 197 10.08 -19.97 24.36
C PHE D 197 9.27 -19.42 23.19
N VAL D 198 9.90 -18.60 22.37
CA VAL D 198 9.24 -18.04 21.19
C VAL D 198 10.31 -17.84 20.13
N ASP D 199 9.91 -17.88 18.86
CA ASP D 199 10.86 -17.63 17.77
C ASP D 199 10.36 -16.49 16.93
N ARG D 200 9.39 -15.77 17.48
CA ARG D 200 8.80 -14.61 16.81
C ARG D 200 8.26 -13.66 17.87
N LEU D 201 8.42 -12.36 17.63
CA LEU D 201 7.96 -11.33 18.55
C LEU D 201 7.47 -10.15 17.74
N TYR D 202 6.53 -9.41 18.31
CA TYR D 202 6.03 -8.22 17.65
C TYR D 202 7.17 -7.21 17.77
N GLN D 203 7.28 -6.32 16.79
CA GLN D 203 8.33 -5.31 16.80
C GLN D 203 7.90 -4.08 17.58
N GLU D 204 6.61 -3.99 17.86
CA GLU D 204 6.03 -2.88 18.63
C GLU D 204 4.91 -3.46 19.47
N PRO D 205 4.48 -2.74 20.53
CA PRO D 205 3.40 -3.28 21.36
C PRO D 205 2.25 -3.77 20.50
N GLU D 206 1.76 -4.96 20.82
CA GLU D 206 0.67 -5.58 20.09
C GLU D 206 -0.61 -4.76 20.15
N LEU D 207 -0.88 -4.16 21.32
CA LEU D 207 -2.07 -3.33 21.48
C LEU D 207 -2.07 -2.13 20.54
N ALA D 208 -0.88 -1.62 20.22
CA ALA D 208 -0.78 -0.48 19.31
C ALA D 208 -1.04 -0.99 17.90
N ALA D 209 -0.48 -2.15 17.57
CA ALA D 209 -0.66 -2.73 16.25
C ALA D 209 -2.12 -3.04 15.97
N LYS D 210 -2.87 -3.41 17.00
CA LYS D 210 -4.28 -3.75 16.83
C LYS D 210 -5.25 -2.58 17.09
N GLY D 211 -4.70 -1.37 17.13
CA GLY D 211 -5.52 -0.18 17.31
C GLY D 211 -6.22 0.10 18.63
N TRP D 212 -5.64 -0.32 19.75
CA TRP D 212 -6.27 -0.06 21.05
C TRP D 212 -5.75 1.29 21.56
N ARG D 213 -4.44 1.42 21.63
CA ARG D 213 -3.78 2.65 22.08
C ARG D 213 -2.41 2.71 21.42
N GLN D 214 -1.97 3.90 21.07
CA GLN D 214 -0.67 4.07 20.43
C GLN D 214 0.36 4.47 21.47
N ARG D 215 1.63 4.54 21.07
CA ARG D 215 2.70 4.92 21.99
C ARG D 215 2.55 6.40 22.26
N LEU D 216 2.56 6.78 23.53
CA LEU D 216 2.43 8.20 23.86
C LEU D 216 3.75 8.94 23.60
N PRO D 217 3.68 10.18 23.11
CA PRO D 217 4.91 10.95 22.85
C PRO D 217 5.61 11.15 24.20
N LEU D 218 6.82 10.63 24.36
CA LEU D 218 7.54 10.77 25.62
C LEU D 218 7.73 12.21 26.06
N GLU D 219 7.95 13.11 25.10
CA GLU D 219 8.16 14.52 25.41
C GLU D 219 7.00 15.11 26.20
N ASP D 220 5.80 14.57 26.00
CA ASP D 220 4.61 15.05 26.69
C ASP D 220 4.60 14.66 28.17
N LEU D 221 5.32 13.61 28.52
CA LEU D 221 5.34 13.09 29.89
C LEU D 221 6.48 13.57 30.80
N VAL D 222 7.40 14.34 30.25
CA VAL D 222 8.55 14.81 31.00
C VAL D 222 8.44 16.30 31.35
N PHE D 223 8.58 16.62 32.63
CA PHE D 223 8.50 18.00 33.10
C PHE D 223 9.80 18.43 33.75
N GLU D 224 10.05 19.74 33.76
CA GLU D 224 11.26 20.28 34.36
C GLU D 224 10.94 21.09 35.62
N GLU D 225 11.42 20.58 36.76
CA GLU D 225 11.25 21.22 38.07
C GLU D 225 9.85 21.23 38.67
N GLY D 226 8.83 21.41 37.83
CA GLY D 226 7.47 21.44 38.35
C GLY D 226 6.50 20.80 37.38
N TRP D 227 5.39 20.29 37.91
CA TRP D 227 4.40 19.64 37.07
C TRP D 227 3.81 20.59 36.03
N GLY D 228 3.75 20.11 34.79
CA GLY D 228 3.19 20.92 33.71
C GLY D 228 4.17 21.92 33.13
N VAL D 229 5.32 22.07 33.77
CA VAL D 229 6.33 22.99 33.31
C VAL D 229 7.33 22.31 32.38
N ARG D 230 7.57 22.91 31.23
CA ARG D 230 8.52 22.35 30.27
C ARG D 230 9.91 22.94 30.39
N LEU E 12 -7.21 -19.02 -49.18
CA LEU E 12 -8.25 -17.96 -49.00
C LEU E 12 -9.60 -18.38 -49.56
N THR E 13 -10.59 -17.48 -49.45
CA THR E 13 -11.94 -17.76 -49.91
C THR E 13 -12.47 -16.70 -50.86
N ALA E 14 -13.60 -17.01 -51.49
CA ALA E 14 -14.23 -16.09 -52.44
C ALA E 14 -14.80 -14.89 -51.70
N ALA E 15 -14.97 -13.79 -52.41
CA ALA E 15 -15.51 -12.57 -51.82
C ALA E 15 -15.93 -11.55 -52.88
N GLY E 16 -16.68 -10.54 -52.46
CA GLY E 16 -17.16 -9.50 -53.35
C GLY E 16 -17.85 -8.43 -52.53
N ALA E 17 -18.52 -7.50 -53.19
CA ALA E 17 -19.23 -6.44 -52.49
C ALA E 17 -20.41 -7.01 -51.70
N PHE E 18 -20.71 -6.41 -50.55
CA PHE E 18 -21.83 -6.83 -49.73
C PHE E 18 -23.10 -6.57 -50.53
N SER E 19 -24.24 -7.11 -50.10
CA SER E 19 -25.49 -6.88 -50.81
C SER E 19 -25.89 -5.42 -50.63
N SER E 20 -26.90 -4.98 -51.35
CA SER E 20 -27.35 -3.59 -51.25
C SER E 20 -27.74 -3.22 -49.82
N ASP E 21 -28.47 -4.10 -49.15
CA ASP E 21 -28.90 -3.84 -47.76
C ASP E 21 -27.71 -3.86 -46.80
N GLU E 22 -26.79 -4.80 -47.00
CA GLU E 22 -25.61 -4.90 -46.14
C GLU E 22 -24.74 -3.64 -46.27
N ARG E 23 -24.53 -3.22 -47.51
CA ARG E 23 -23.72 -2.04 -47.80
C ARG E 23 -24.33 -0.80 -47.14
N ALA E 24 -25.63 -0.62 -47.30
CA ALA E 24 -26.31 0.53 -46.71
C ALA E 24 -26.16 0.53 -45.18
N ALA E 25 -26.17 -0.65 -44.56
CA ALA E 25 -26.03 -0.71 -43.10
C ALA E 25 -24.65 -0.19 -42.67
N VAL E 26 -23.63 -0.56 -43.43
CA VAL E 26 -22.27 -0.13 -43.10
C VAL E 26 -22.13 1.38 -43.17
N TYR E 27 -22.61 1.98 -44.26
CA TYR E 27 -22.54 3.43 -44.39
C TYR E 27 -23.40 4.11 -43.32
N ARG E 28 -24.49 3.46 -42.91
CA ARG E 28 -25.38 4.05 -41.89
C ARG E 28 -24.67 4.20 -40.54
N ALA E 29 -23.90 3.19 -40.17
CA ALA E 29 -23.16 3.23 -38.91
C ALA E 29 -22.08 4.32 -39.02
N ILE E 30 -21.40 4.34 -40.16
CA ILE E 30 -20.36 5.31 -40.42
C ILE E 30 -20.89 6.75 -40.40
N GLU E 31 -22.06 6.97 -41.01
CA GLU E 31 -22.66 8.30 -41.10
C GLU E 31 -23.48 8.77 -39.89
N THR E 32 -23.89 7.86 -39.03
CA THR E 32 -24.67 8.27 -37.86
C THR E 32 -23.95 8.18 -36.53
N ARG E 33 -22.80 7.50 -36.45
CA ARG E 33 -22.12 7.45 -35.16
C ARG E 33 -21.68 8.86 -34.76
N ARG E 34 -21.76 9.15 -33.47
CA ARG E 34 -21.39 10.46 -32.94
C ARG E 34 -20.47 10.29 -31.73
N ASP E 35 -19.72 11.33 -31.41
CA ASP E 35 -18.89 11.30 -30.21
C ASP E 35 -19.87 11.77 -29.14
N VAL E 36 -20.22 10.88 -28.21
CA VAL E 36 -21.18 11.22 -27.16
C VAL E 36 -20.54 11.72 -25.87
N ARG E 37 -21.16 12.74 -25.28
CA ARG E 37 -20.68 13.30 -24.04
C ARG E 37 -21.76 13.39 -22.97
N ASP E 38 -22.97 13.80 -23.35
CA ASP E 38 -24.02 14.01 -22.36
C ASP E 38 -25.33 13.20 -22.41
N GLU E 39 -25.53 12.37 -23.43
CA GLU E 39 -26.76 11.58 -23.53
C GLU E 39 -26.64 10.14 -23.01
N PHE E 40 -25.52 9.81 -22.38
CA PHE E 40 -25.30 8.47 -21.84
C PHE E 40 -26.35 8.04 -20.83
N LEU E 41 -26.90 6.83 -21.01
CA LEU E 41 -27.88 6.33 -20.05
C LEU E 41 -27.05 5.69 -18.93
N PRO E 42 -27.66 5.40 -17.77
CA PRO E 42 -26.93 4.82 -16.64
C PRO E 42 -26.71 3.31 -16.49
N GLU E 43 -27.34 2.51 -17.35
CA GLU E 43 -27.22 1.06 -17.23
C GLU E 43 -25.86 0.47 -17.64
N PRO E 44 -25.23 -0.30 -16.73
CA PRO E 44 -23.93 -0.92 -17.03
C PRO E 44 -24.05 -1.84 -18.24
N LEU E 45 -23.01 -1.88 -19.05
CA LEU E 45 -23.03 -2.74 -20.24
C LEU E 45 -22.75 -4.18 -19.82
N SER E 46 -23.53 -5.12 -20.36
CA SER E 46 -23.37 -6.53 -20.05
C SER E 46 -22.00 -7.03 -20.48
N GLU E 47 -21.55 -8.12 -19.86
CA GLU E 47 -20.26 -8.72 -20.16
C GLU E 47 -20.23 -9.19 -21.62
N GLU E 48 -21.35 -9.76 -22.07
CA GLU E 48 -21.46 -10.27 -23.43
C GLU E 48 -21.35 -9.14 -24.46
N LEU E 49 -21.97 -8.00 -24.18
CA LEU E 49 -21.92 -6.86 -25.09
C LEU E 49 -20.48 -6.34 -25.17
N ILE E 50 -19.87 -6.15 -24.00
CA ILE E 50 -18.50 -5.65 -23.93
C ILE E 50 -17.59 -6.57 -24.72
N ALA E 51 -17.80 -7.88 -24.59
CA ALA E 51 -16.97 -8.84 -25.30
C ALA E 51 -17.08 -8.63 -26.80
N ARG E 52 -18.28 -8.38 -27.30
CA ARG E 52 -18.46 -8.16 -28.73
C ARG E 52 -17.75 -6.90 -29.22
N LEU E 53 -17.76 -5.84 -28.41
CA LEU E 53 -17.11 -4.59 -28.82
C LEU E 53 -15.60 -4.71 -28.84
N LEU E 54 -15.05 -5.38 -27.82
CA LEU E 54 -13.61 -5.57 -27.75
C LEU E 54 -13.15 -6.55 -28.83
N GLY E 55 -14.03 -7.48 -29.21
CA GLY E 55 -13.67 -8.44 -30.24
C GLY E 55 -13.58 -7.71 -31.58
N ALA E 56 -14.42 -6.69 -31.73
CA ALA E 56 -14.44 -5.89 -32.96
C ALA E 56 -13.15 -5.08 -33.04
N ALA E 57 -12.76 -4.50 -31.92
CA ALA E 57 -11.54 -3.71 -31.87
C ALA E 57 -10.31 -4.58 -32.13
N HIS E 58 -10.33 -5.79 -31.59
CA HIS E 58 -9.22 -6.72 -31.74
C HIS E 58 -9.07 -7.20 -33.19
N GLN E 59 -10.12 -7.06 -33.98
CA GLN E 59 -10.07 -7.48 -35.38
C GLN E 59 -9.59 -6.31 -36.25
N ALA E 60 -9.12 -5.26 -35.60
CA ALA E 60 -8.62 -4.10 -36.33
C ALA E 60 -7.29 -4.49 -36.95
N PRO E 61 -6.88 -3.79 -38.01
CA PRO E 61 -5.59 -4.15 -38.61
C PRO E 61 -4.50 -3.62 -37.67
N SER E 62 -3.27 -4.09 -37.84
CA SER E 62 -2.18 -3.59 -36.99
C SER E 62 -0.83 -3.81 -37.67
N VAL E 63 0.00 -2.77 -37.64
CA VAL E 63 1.33 -2.82 -38.25
C VAL E 63 2.05 -4.11 -37.87
N GLY E 64 2.59 -4.80 -38.89
CA GLY E 64 3.30 -6.06 -38.66
C GLY E 64 2.53 -7.05 -37.82
N PHE E 65 1.20 -6.90 -37.81
CA PHE E 65 0.28 -7.72 -37.02
C PHE E 65 0.76 -7.72 -35.57
N MET E 66 1.22 -6.56 -35.14
CA MET E 66 1.74 -6.32 -33.80
C MET E 66 0.66 -6.46 -32.72
N GLN E 67 -0.55 -5.98 -33.02
CA GLN E 67 -1.67 -6.04 -32.08
C GLN E 67 -1.18 -5.45 -30.74
N PRO E 68 -0.74 -4.19 -30.77
CA PRO E 68 -0.22 -3.44 -29.62
C PRO E 68 -1.19 -2.98 -28.55
N TRP E 69 -2.48 -3.19 -28.76
CA TRP E 69 -3.48 -2.72 -27.80
C TRP E 69 -3.73 -3.55 -26.54
N ASN E 70 -4.28 -2.86 -25.54
CA ASN E 70 -4.67 -3.43 -24.26
C ASN E 70 -5.89 -2.61 -23.88
N PHE E 71 -6.83 -3.22 -23.17
CA PHE E 71 -8.05 -2.52 -22.77
C PHE E 71 -8.24 -2.61 -21.26
N VAL E 72 -8.28 -1.46 -20.60
CA VAL E 72 -8.51 -1.43 -19.15
C VAL E 72 -9.95 -0.99 -18.99
N LEU E 73 -10.80 -1.91 -18.59
CA LEU E 73 -12.20 -1.62 -18.39
C LEU E 73 -12.34 -0.91 -17.04
N VAL E 74 -12.96 0.27 -17.05
CA VAL E 74 -13.13 1.06 -15.85
C VAL E 74 -14.62 1.24 -15.55
N ARG E 75 -15.06 0.73 -14.40
CA ARG E 75 -16.46 0.82 -14.03
C ARG E 75 -16.72 1.43 -12.65
N GLN E 76 -15.71 1.47 -11.79
CA GLN E 76 -15.88 2.02 -10.44
C GLN E 76 -16.06 3.53 -10.37
N ASP E 77 -16.93 3.97 -9.48
CA ASP E 77 -17.19 5.39 -9.28
C ASP E 77 -15.92 6.16 -8.93
N GLU E 78 -15.21 5.65 -7.93
CA GLU E 78 -13.98 6.29 -7.47
C GLU E 78 -13.04 6.55 -8.64
N THR E 79 -12.78 5.52 -9.44
CA THR E 79 -11.88 5.63 -10.57
C THR E 79 -12.36 6.67 -11.59
N ARG E 80 -13.65 6.60 -11.91
CA ARG E 80 -14.20 7.54 -12.87
C ARG E 80 -14.11 8.97 -12.37
N GLU E 81 -14.33 9.16 -11.06
CA GLU E 81 -14.26 10.49 -10.48
C GLU E 81 -12.83 11.01 -10.50
N LYS E 82 -11.87 10.14 -10.20
CA LYS E 82 -10.46 10.54 -10.21
C LYS E 82 -10.11 11.02 -11.61
N VAL E 83 -10.49 10.25 -12.61
CA VAL E 83 -10.21 10.62 -13.98
C VAL E 83 -10.92 11.92 -14.35
N TRP E 84 -12.20 12.03 -13.98
CA TRP E 84 -12.97 13.24 -14.25
C TRP E 84 -12.24 14.44 -13.68
N GLN E 85 -11.61 14.26 -12.52
CA GLN E 85 -10.85 15.33 -11.90
C GLN E 85 -9.60 15.67 -12.72
N ALA E 86 -8.93 14.64 -13.22
CA ALA E 86 -7.72 14.86 -14.05
C ALA E 86 -8.13 15.65 -15.28
N PHE E 87 -9.35 15.42 -15.75
CA PHE E 87 -9.86 16.12 -16.91
C PHE E 87 -10.11 17.59 -16.60
N GLN E 88 -10.74 17.86 -15.46
CA GLN E 88 -11.04 19.24 -15.06
C GLN E 88 -9.76 20.05 -14.99
N ARG E 89 -8.77 19.52 -14.29
CA ARG E 89 -7.47 20.18 -14.13
C ARG E 89 -6.96 20.61 -15.51
N ALA E 90 -6.90 19.64 -16.42
CA ALA E 90 -6.40 19.87 -17.77
C ALA E 90 -7.25 20.82 -18.61
N ASN E 91 -8.56 20.64 -18.58
CA ASN E 91 -9.45 21.46 -19.37
C ASN E 91 -9.37 22.96 -19.08
N ASP E 92 -9.16 23.34 -17.82
CA ASP E 92 -9.05 24.75 -17.49
C ASP E 92 -7.78 25.29 -18.15
N GLU E 93 -6.74 24.46 -18.21
CA GLU E 93 -5.48 24.84 -18.84
C GLU E 93 -5.73 25.06 -20.33
N ALA E 94 -6.51 24.18 -20.92
CA ALA E 94 -6.83 24.28 -22.34
C ALA E 94 -7.61 25.58 -22.56
N ALA E 95 -8.59 25.83 -21.70
CA ALA E 95 -9.40 27.02 -21.79
C ALA E 95 -8.57 28.31 -21.80
N GLU E 96 -7.58 28.40 -20.91
CA GLU E 96 -6.73 29.58 -20.82
C GLU E 96 -5.92 29.84 -22.09
N MET E 97 -5.95 28.88 -23.01
CA MET E 97 -5.21 29.04 -24.27
C MET E 97 -6.03 29.79 -25.31
N PHE E 98 -7.26 30.16 -24.92
CA PHE E 98 -8.17 30.91 -25.79
C PHE E 98 -8.50 32.24 -25.12
N SER E 99 -9.12 33.16 -25.87
CA SER E 99 -9.47 34.46 -25.34
C SER E 99 -10.88 34.91 -25.73
N GLY E 100 -11.37 35.91 -25.00
CA GLY E 100 -12.69 36.47 -25.26
C GLY E 100 -13.81 35.52 -25.64
N GLU E 101 -14.44 35.81 -26.77
CA GLU E 101 -15.55 35.02 -27.30
C GLU E 101 -15.28 33.51 -27.29
N ARG E 102 -14.20 33.09 -27.94
CA ARG E 102 -13.86 31.68 -28.02
C ARG E 102 -13.74 31.02 -26.67
N GLN E 103 -12.87 31.55 -25.82
CA GLN E 103 -12.69 31.00 -24.48
C GLN E 103 -14.05 30.85 -23.84
N ALA E 104 -14.93 31.79 -24.12
CA ALA E 104 -16.27 31.75 -23.57
C ALA E 104 -17.02 30.55 -24.14
N LYS E 105 -16.97 30.40 -25.46
CA LYS E 105 -17.66 29.27 -26.08
C LYS E 105 -17.00 27.95 -25.67
N TYR E 106 -15.67 27.92 -25.69
CA TYR E 106 -14.92 26.72 -25.31
C TYR E 106 -15.38 26.22 -23.94
N ARG E 107 -15.55 27.17 -23.03
CA ARG E 107 -15.95 26.85 -21.67
C ARG E 107 -17.41 26.38 -21.56
N SER E 108 -18.22 26.69 -22.56
CA SER E 108 -19.63 26.29 -22.56
C SER E 108 -19.81 24.88 -23.12
N LEU E 109 -18.76 24.36 -23.74
CA LEU E 109 -18.82 23.04 -24.35
C LEU E 109 -18.66 21.91 -23.33
N LYS E 110 -19.37 20.81 -23.55
CA LYS E 110 -19.21 19.66 -22.68
C LYS E 110 -18.26 18.78 -23.48
N LEU E 111 -17.13 18.43 -22.88
CA LEU E 111 -16.12 17.66 -23.59
C LEU E 111 -15.81 16.30 -23.01
N GLU E 112 -16.79 15.70 -22.32
CA GLU E 112 -16.60 14.39 -21.71
C GLU E 112 -17.83 13.97 -20.94
N GLY E 113 -17.98 12.66 -20.76
CA GLY E 113 -19.11 12.11 -20.00
C GLY E 113 -18.57 11.04 -19.07
N ILE E 114 -17.38 11.29 -18.54
CA ILE E 114 -16.70 10.34 -17.65
C ILE E 114 -17.51 9.82 -16.47
N ARG E 115 -18.27 10.70 -15.82
CA ARG E 115 -19.06 10.28 -14.66
C ARG E 115 -20.44 9.73 -15.04
N LYS E 116 -20.93 10.15 -16.20
CA LYS E 116 -22.24 9.71 -16.67
C LYS E 116 -22.22 8.30 -17.26
N ALA E 117 -21.25 8.04 -18.14
CA ALA E 117 -21.13 6.74 -18.79
C ALA E 117 -20.73 5.67 -17.79
N PRO E 118 -21.58 4.63 -17.64
CA PRO E 118 -21.26 3.56 -16.69
C PRO E 118 -19.98 2.83 -17.02
N LEU E 119 -19.43 3.05 -18.21
CA LEU E 119 -18.20 2.38 -18.59
C LEU E 119 -17.19 3.27 -19.30
N SER E 120 -15.92 3.06 -18.95
CA SER E 120 -14.83 3.76 -19.59
C SER E 120 -13.78 2.71 -19.93
N ILE E 121 -13.16 2.88 -21.09
CA ILE E 121 -12.11 1.97 -21.53
C ILE E 121 -10.90 2.82 -21.86
N CYS E 122 -9.77 2.50 -21.23
CA CYS E 122 -8.53 3.22 -21.50
C CYS E 122 -7.80 2.34 -22.51
N VAL E 123 -7.74 2.77 -23.77
CA VAL E 123 -7.08 2.00 -24.80
C VAL E 123 -5.61 2.39 -24.93
N THR E 124 -4.73 1.42 -24.71
CA THR E 124 -3.30 1.64 -24.74
C THR E 124 -2.57 0.97 -25.90
N CYS E 125 -1.33 1.38 -26.09
CA CYS E 125 -0.44 0.85 -27.12
C CYS E 125 0.90 0.54 -26.46
N ASP E 126 1.24 -0.74 -26.42
CA ASP E 126 2.50 -1.18 -25.83
C ASP E 126 3.61 -0.96 -26.86
N ARG E 127 4.40 0.07 -26.65
CA ARG E 127 5.48 0.41 -27.58
C ARG E 127 6.55 -0.67 -27.74
N THR E 128 6.69 -1.55 -26.75
CA THR E 128 7.71 -2.59 -26.86
C THR E 128 7.21 -3.99 -27.19
N ARG E 129 5.95 -4.12 -27.56
CA ARG E 129 5.43 -5.43 -27.94
C ARG E 129 5.88 -5.67 -29.38
N GLY E 130 6.10 -6.94 -29.75
CA GLY E 130 6.52 -7.23 -31.11
C GLY E 130 7.99 -7.50 -31.32
N GLY E 131 8.76 -7.54 -30.24
CA GLY E 131 10.19 -7.81 -30.36
C GLY E 131 11.05 -6.60 -30.64
N ALA E 132 12.32 -6.85 -30.93
CA ALA E 132 13.29 -5.79 -31.22
C ALA E 132 12.87 -4.93 -32.40
N VAL E 133 12.38 -5.58 -33.46
CA VAL E 133 11.95 -4.85 -34.67
C VAL E 133 10.61 -5.34 -35.17
N VAL E 134 9.67 -4.41 -35.35
CA VAL E 134 8.35 -4.75 -35.83
C VAL E 134 8.16 -4.35 -37.29
N LEU E 135 7.79 -5.34 -38.10
CA LEU E 135 7.55 -5.15 -39.52
C LEU E 135 6.60 -3.98 -39.68
N GLY E 136 6.87 -3.13 -40.66
CA GLY E 136 6.00 -2.00 -40.94
C GLY E 136 6.23 -0.76 -40.08
N ARG E 137 6.92 -0.92 -38.96
CA ARG E 137 7.19 0.21 -38.06
C ARG E 137 8.65 0.66 -38.18
N THR E 138 9.39 0.03 -39.10
CA THR E 138 10.82 0.33 -39.31
C THR E 138 11.14 1.75 -39.76
N HIS E 139 10.24 2.40 -40.50
CA HIS E 139 10.52 3.74 -41.00
C HIS E 139 9.64 4.87 -40.47
N ASN E 140 8.64 4.52 -39.67
CA ASN E 140 7.75 5.51 -39.05
C ASN E 140 7.43 4.92 -37.68
N PRO E 141 8.08 5.44 -36.64
CA PRO E 141 7.86 4.94 -35.28
C PRO E 141 6.42 5.00 -34.75
N GLN E 142 5.58 5.83 -35.35
CA GLN E 142 4.21 5.98 -34.88
C GLN E 142 3.20 4.93 -35.35
N MET E 143 3.66 4.02 -36.21
CA MET E 143 2.80 2.97 -36.75
C MET E 143 2.05 2.12 -35.72
N ASP E 144 2.64 1.87 -34.56
CA ASP E 144 1.92 1.08 -33.56
C ASP E 144 0.76 1.88 -32.98
N LEU E 145 0.99 3.16 -32.74
CA LEU E 145 -0.06 4.03 -32.19
C LEU E 145 -1.24 4.10 -33.16
N TYR E 146 -0.94 4.21 -34.45
CA TYR E 146 -1.98 4.27 -35.47
C TYR E 146 -2.81 3.00 -35.48
N SER E 147 -2.15 1.87 -35.31
CA SER E 147 -2.84 0.58 -35.28
C SER E 147 -3.89 0.61 -34.18
N THR E 148 -3.50 1.15 -33.03
CA THR E 148 -4.40 1.26 -31.89
C THR E 148 -5.63 2.11 -32.22
N VAL E 149 -5.42 3.21 -32.95
CA VAL E 149 -6.55 4.06 -33.32
C VAL E 149 -7.54 3.27 -34.17
N CYS E 150 -7.02 2.42 -35.07
CA CYS E 150 -7.88 1.59 -35.91
C CYS E 150 -8.78 0.73 -35.01
N ALA E 151 -8.21 0.23 -33.92
CA ALA E 151 -8.99 -0.57 -32.99
C ALA E 151 -10.10 0.29 -32.42
N VAL E 152 -9.75 1.52 -32.04
CA VAL E 152 -10.74 2.45 -31.48
C VAL E 152 -11.90 2.73 -32.42
N GLN E 153 -11.62 2.95 -33.70
CA GLN E 153 -12.68 3.24 -34.65
C GLN E 153 -13.57 2.03 -34.85
N ASN E 154 -13.00 0.83 -34.84
CA ASN E 154 -13.79 -0.38 -34.99
C ASN E 154 -14.81 -0.48 -33.86
N LEU E 155 -14.33 -0.30 -32.63
CA LEU E 155 -15.18 -0.37 -31.46
C LEU E 155 -16.28 0.68 -31.57
N TRP E 156 -15.87 1.89 -31.95
CA TRP E 156 -16.78 3.03 -32.11
C TRP E 156 -17.93 2.70 -33.06
N LEU E 157 -17.59 2.06 -34.17
CA LEU E 157 -18.60 1.70 -35.17
C LEU E 157 -19.52 0.62 -34.65
N ALA E 158 -18.93 -0.44 -34.11
CA ALA E 158 -19.70 -1.55 -33.58
C ALA E 158 -20.64 -1.02 -32.50
N ALA E 159 -20.11 -0.17 -31.61
CA ALA E 159 -20.94 0.39 -30.55
C ALA E 159 -22.16 1.08 -31.13
N ARG E 160 -21.98 1.79 -32.24
CA ARG E 160 -23.11 2.49 -32.86
C ARG E 160 -24.22 1.53 -33.28
N ALA E 161 -23.81 0.40 -33.86
CA ALA E 161 -24.77 -0.60 -34.31
C ALA E 161 -25.49 -1.22 -33.11
N GLU E 162 -24.81 -1.26 -31.97
CA GLU E 162 -25.39 -1.83 -30.75
C GLU E 162 -26.24 -0.83 -29.95
N GLY E 163 -26.34 0.39 -30.44
CA GLY E 163 -27.12 1.40 -29.73
C GLY E 163 -26.34 1.92 -28.54
N VAL E 164 -25.02 1.78 -28.63
CA VAL E 164 -24.12 2.23 -27.58
C VAL E 164 -23.37 3.46 -28.05
N GLY E 165 -23.39 4.51 -27.23
CA GLY E 165 -22.69 5.73 -27.57
C GLY E 165 -21.24 5.66 -27.12
N VAL E 166 -20.37 6.38 -27.81
CA VAL E 166 -18.96 6.40 -27.45
C VAL E 166 -18.43 7.81 -27.55
N GLY E 167 -17.52 8.15 -26.64
CA GLY E 167 -16.92 9.47 -26.66
C GLY E 167 -15.44 9.33 -26.35
N TRP E 168 -14.62 10.06 -27.08
CA TRP E 168 -13.16 10.03 -26.87
C TRP E 168 -12.84 11.25 -26.03
N VAL E 169 -11.98 11.10 -25.02
CA VAL E 169 -11.59 12.22 -24.19
C VAL E 169 -10.06 12.24 -24.20
N SER E 170 -9.48 13.28 -24.78
CA SER E 170 -8.03 13.38 -24.88
C SER E 170 -7.46 14.55 -24.09
N ILE E 171 -8.33 15.24 -23.35
CA ILE E 171 -7.90 16.39 -22.58
C ILE E 171 -7.50 16.04 -21.14
N PHE E 172 -6.24 15.65 -20.96
CA PHE E 172 -5.70 15.32 -19.65
C PHE E 172 -4.20 15.18 -19.74
N HIS E 173 -3.53 15.15 -18.60
CA HIS E 173 -2.09 14.95 -18.58
C HIS E 173 -1.94 13.44 -18.52
N GLU E 174 -1.33 12.86 -19.55
CA GLU E 174 -1.15 11.43 -19.62
C GLU E 174 -0.55 10.76 -18.38
N SER E 175 0.57 11.30 -17.89
CA SER E 175 1.24 10.73 -16.72
C SER E 175 0.29 10.55 -15.55
N GLU E 176 -0.64 11.49 -15.39
CA GLU E 176 -1.60 11.43 -14.31
C GLU E 176 -2.58 10.27 -14.46
N ILE E 177 -2.98 9.97 -15.70
CA ILE E 177 -3.90 8.87 -15.91
C ILE E 177 -3.17 7.55 -15.72
N LYS E 178 -1.93 7.47 -16.21
CA LYS E 178 -1.14 6.25 -16.05
C LYS E 178 -0.92 5.99 -14.56
N ALA E 179 -0.76 7.05 -13.78
CA ALA E 179 -0.54 6.91 -12.34
C ALA E 179 -1.77 6.31 -11.69
N ILE E 180 -2.93 6.86 -12.02
CA ILE E 180 -4.20 6.39 -11.47
C ILE E 180 -4.49 4.94 -11.82
N LEU E 181 -4.14 4.52 -13.03
CA LEU E 181 -4.41 3.15 -13.44
C LEU E 181 -3.24 2.20 -13.31
N GLY E 182 -2.06 2.73 -12.99
CA GLY E 182 -0.89 1.88 -12.86
C GLY E 182 -0.38 1.38 -14.20
N ILE E 183 -0.42 2.26 -15.20
CA ILE E 183 0.03 1.90 -16.54
C ILE E 183 1.56 2.04 -16.65
N PRO E 184 2.23 0.97 -17.14
CA PRO E 184 3.70 0.92 -17.33
C PRO E 184 4.27 2.01 -18.21
N ASP E 185 5.58 2.21 -18.07
CA ASP E 185 6.33 3.20 -18.82
C ASP E 185 6.44 2.83 -20.30
N HIS E 186 6.50 1.54 -20.61
CA HIS E 186 6.63 1.12 -22.01
C HIS E 186 5.29 1.10 -22.73
N VAL E 187 4.24 1.52 -22.04
CA VAL E 187 2.89 1.56 -22.57
C VAL E 187 2.34 3.00 -22.62
N GLU E 188 1.78 3.37 -23.76
CA GLU E 188 1.23 4.71 -23.96
C GLU E 188 -0.28 4.70 -24.09
N ILE E 189 -0.91 5.73 -23.54
CA ILE E 189 -2.36 5.85 -23.62
C ILE E 189 -2.65 6.53 -24.96
N VAL E 190 -3.59 5.97 -25.72
CA VAL E 190 -3.93 6.59 -26.99
C VAL E 190 -5.35 7.13 -26.92
N ALA E 191 -6.24 6.40 -26.25
CA ALA E 191 -7.62 6.87 -26.14
C ALA E 191 -8.31 6.53 -24.82
N TRP E 192 -9.07 7.50 -24.31
CA TRP E 192 -9.86 7.27 -23.12
C TRP E 192 -11.26 7.33 -23.69
N LEU E 193 -11.99 6.21 -23.63
CA LEU E 193 -13.35 6.18 -24.18
C LEU E 193 -14.45 6.07 -23.13
N CYS E 194 -15.52 6.84 -23.32
CA CYS E 194 -16.66 6.80 -22.41
C CYS E 194 -17.76 6.04 -23.15
N LEU E 195 -18.33 5.03 -22.51
CA LEU E 195 -19.38 4.23 -23.14
C LEU E 195 -20.66 4.09 -22.33
N GLY E 196 -21.79 4.17 -23.05
CA GLY E 196 -23.08 4.03 -22.42
C GLY E 196 -24.15 3.95 -23.49
N PHE E 197 -25.31 3.39 -23.15
CA PHE E 197 -26.39 3.30 -24.10
C PHE E 197 -26.94 4.70 -24.35
N VAL E 198 -27.33 4.99 -25.60
CA VAL E 198 -27.91 6.29 -25.92
C VAL E 198 -29.14 6.12 -26.81
N ASP E 199 -30.21 6.83 -26.48
CA ASP E 199 -31.44 6.76 -27.27
C ASP E 199 -31.65 8.00 -28.12
N ARG E 200 -30.75 8.97 -27.98
CA ARG E 200 -30.84 10.18 -28.76
C ARG E 200 -29.46 10.66 -29.18
N LEU E 201 -29.34 10.96 -30.47
CA LEU E 201 -28.07 11.42 -31.04
C LEU E 201 -28.26 12.71 -31.81
N TYR E 202 -27.16 13.42 -32.04
CA TYR E 202 -27.17 14.64 -32.81
C TYR E 202 -27.15 14.18 -34.26
N GLN E 203 -27.86 14.90 -35.14
CA GLN E 203 -27.89 14.54 -36.54
C GLN E 203 -26.63 14.98 -37.26
N GLU E 204 -25.92 15.94 -36.66
CA GLU E 204 -24.67 16.44 -37.22
C GLU E 204 -23.67 16.55 -36.06
N PRO E 205 -22.39 16.78 -36.37
CA PRO E 205 -21.45 16.89 -35.25
C PRO E 205 -21.93 17.95 -34.26
N GLU E 206 -21.91 17.61 -32.98
CA GLU E 206 -22.34 18.53 -31.94
C GLU E 206 -21.53 19.83 -31.98
N LEU E 207 -20.25 19.72 -32.29
CA LEU E 207 -19.38 20.90 -32.36
C LEU E 207 -19.74 21.81 -33.55
N ALA E 208 -20.48 21.28 -34.52
CA ALA E 208 -20.89 22.10 -35.65
C ALA E 208 -22.17 22.82 -35.21
N ALA E 209 -23.05 22.06 -34.56
CA ALA E 209 -24.31 22.60 -34.08
C ALA E 209 -24.10 23.73 -33.07
N LYS E 210 -23.02 23.66 -32.30
CA LYS E 210 -22.75 24.68 -31.29
C LYS E 210 -21.79 25.78 -31.73
N GLY E 211 -21.53 25.82 -33.05
CA GLY E 211 -20.67 26.84 -33.62
C GLY E 211 -19.19 26.88 -33.31
N TRP E 212 -18.55 25.73 -33.14
CA TRP E 212 -17.12 25.75 -32.89
C TRP E 212 -16.42 25.66 -34.24
N ARG E 213 -16.84 24.70 -35.05
CA ARG E 213 -16.32 24.48 -36.39
C ARG E 213 -17.38 23.77 -37.23
N GLN E 214 -17.45 24.11 -38.51
CA GLN E 214 -18.39 23.50 -39.43
C GLN E 214 -17.72 22.39 -40.24
N ARG E 215 -18.53 21.58 -40.90
CA ARG E 215 -18.03 20.49 -41.74
C ARG E 215 -17.33 21.07 -42.95
N LEU E 216 -16.07 20.72 -43.15
CA LEU E 216 -15.33 21.24 -44.29
C LEU E 216 -15.82 20.63 -45.60
N PRO E 217 -15.68 21.37 -46.72
CA PRO E 217 -16.13 20.83 -48.01
C PRO E 217 -15.17 19.72 -48.43
N LEU E 218 -15.69 18.52 -48.60
CA LEU E 218 -14.82 17.40 -49.00
C LEU E 218 -14.06 17.67 -50.31
N GLU E 219 -14.70 18.34 -51.27
CA GLU E 219 -14.07 18.62 -52.55
C GLU E 219 -12.78 19.44 -52.42
N ASP E 220 -12.63 20.15 -51.31
CA ASP E 220 -11.45 20.98 -51.06
C ASP E 220 -10.29 20.11 -50.56
N LEU E 221 -10.61 18.90 -50.12
CA LEU E 221 -9.62 18.00 -49.55
C LEU E 221 -9.11 16.88 -50.45
N VAL E 222 -9.64 16.80 -51.67
CA VAL E 222 -9.23 15.75 -52.59
C VAL E 222 -8.42 16.34 -53.74
N PHE E 223 -7.24 15.75 -53.97
CA PHE E 223 -6.36 16.19 -55.03
C PHE E 223 -6.15 15.07 -56.04
N GLU E 224 -5.79 15.43 -57.28
CA GLU E 224 -5.55 14.44 -58.33
C GLU E 224 -4.07 14.40 -58.72
N GLU E 225 -3.43 13.27 -58.44
CA GLU E 225 -2.03 13.03 -58.79
C GLU E 225 -0.97 13.83 -58.07
N GLY E 226 -1.26 15.08 -57.74
CA GLY E 226 -0.29 15.90 -57.04
C GLY E 226 -0.97 16.82 -56.04
N TRP E 227 -0.23 17.22 -55.00
CA TRP E 227 -0.77 18.11 -54.00
C TRP E 227 -1.22 19.43 -54.62
N GLY E 228 -2.46 19.83 -54.34
CA GLY E 228 -2.97 21.09 -54.87
C GLY E 228 -3.60 21.03 -56.24
N VAL E 229 -3.58 19.87 -56.89
CA VAL E 229 -4.17 19.74 -58.22
C VAL E 229 -5.55 19.10 -58.12
N ARG E 230 -6.59 19.84 -58.52
CA ARG E 230 -7.95 19.30 -58.44
C ARG E 230 -8.32 18.44 -59.65
N LEU F 12 -30.22 17.62 -31.60
CA LEU F 12 -30.32 16.32 -30.89
C LEU F 12 -31.73 15.76 -31.02
N THR F 13 -31.85 14.56 -31.56
CA THR F 13 -33.15 13.93 -31.75
C THR F 13 -33.03 12.45 -31.49
N ALA F 14 -34.15 11.75 -31.57
CA ALA F 14 -34.15 10.31 -31.35
C ALA F 14 -33.13 9.65 -32.27
N ALA F 15 -32.42 8.66 -31.73
CA ALA F 15 -31.41 7.95 -32.51
C ALA F 15 -32.05 6.80 -33.27
N GLY F 16 -31.60 6.57 -34.50
CA GLY F 16 -32.15 5.46 -35.27
C GLY F 16 -31.64 4.18 -34.66
N ALA F 17 -32.35 3.08 -34.89
CA ALA F 17 -31.94 1.79 -34.35
C ALA F 17 -31.55 0.83 -35.47
N PHE F 18 -30.62 -0.07 -35.18
CA PHE F 18 -30.15 -1.05 -36.16
C PHE F 18 -30.82 -2.40 -35.93
N SER F 19 -31.36 -2.97 -37.00
CA SER F 19 -32.00 -4.28 -36.91
C SER F 19 -30.91 -5.32 -36.71
N SER F 20 -31.32 -6.58 -36.59
CA SER F 20 -30.39 -7.67 -36.42
C SER F 20 -29.51 -7.80 -37.67
N ASP F 21 -30.10 -7.63 -38.84
CA ASP F 21 -29.35 -7.74 -40.08
C ASP F 21 -28.41 -6.57 -40.34
N GLU F 22 -28.85 -5.36 -39.99
CA GLU F 22 -28.02 -4.19 -40.19
C GLU F 22 -26.77 -4.34 -39.34
N ARG F 23 -26.99 -4.69 -38.08
CA ARG F 23 -25.90 -4.87 -37.13
C ARG F 23 -24.93 -5.93 -37.64
N ALA F 24 -25.47 -7.05 -38.11
CA ALA F 24 -24.62 -8.13 -38.63
C ALA F 24 -23.76 -7.66 -39.79
N ALA F 25 -24.28 -6.76 -40.62
CA ALA F 25 -23.51 -6.26 -41.77
C ALA F 25 -22.28 -5.49 -41.27
N VAL F 26 -22.47 -4.65 -40.26
CA VAL F 26 -21.37 -3.86 -39.70
C VAL F 26 -20.28 -4.77 -39.14
N TYR F 27 -20.68 -5.83 -38.43
CA TYR F 27 -19.70 -6.76 -37.88
C TYR F 27 -19.07 -7.56 -39.03
N ARG F 28 -19.83 -7.80 -40.09
CA ARG F 28 -19.30 -8.56 -41.22
C ARG F 28 -18.14 -7.78 -41.86
N ALA F 29 -18.33 -6.48 -42.02
CA ALA F 29 -17.30 -5.63 -42.60
C ALA F 29 -16.06 -5.66 -41.72
N ILE F 30 -16.26 -5.49 -40.41
CA ILE F 30 -15.15 -5.50 -39.46
C ILE F 30 -14.42 -6.84 -39.39
N GLU F 31 -15.18 -7.92 -39.41
CA GLU F 31 -14.60 -9.26 -39.30
C GLU F 31 -14.06 -9.88 -40.59
N THR F 32 -14.28 -9.25 -41.74
CA THR F 32 -13.78 -9.81 -43.00
C THR F 32 -12.88 -8.90 -43.83
N ARG F 33 -12.79 -7.62 -43.47
CA ARG F 33 -11.90 -6.77 -44.25
C ARG F 33 -10.48 -7.23 -43.96
N ARG F 34 -9.63 -7.17 -44.99
CA ARG F 34 -8.25 -7.60 -44.87
C ARG F 34 -7.32 -6.55 -45.42
N ASP F 35 -6.05 -6.65 -45.07
CA ASP F 35 -5.05 -5.77 -45.64
C ASP F 35 -4.65 -6.55 -46.91
N VAL F 36 -4.97 -5.99 -48.07
CA VAL F 36 -4.68 -6.66 -49.34
C VAL F 36 -3.40 -6.20 -50.01
N ARG F 37 -2.62 -7.17 -50.50
CA ARG F 37 -1.38 -6.86 -51.18
C ARG F 37 -1.33 -7.43 -52.59
N ASP F 38 -1.71 -8.69 -52.74
CA ASP F 38 -1.61 -9.35 -54.04
C ASP F 38 -2.88 -9.86 -54.73
N GLU F 39 -4.06 -9.47 -54.27
CA GLU F 39 -5.31 -9.94 -54.89
C GLU F 39 -6.09 -8.87 -55.65
N PHE F 40 -5.47 -7.71 -55.85
CA PHE F 40 -6.11 -6.59 -56.56
C PHE F 40 -6.40 -6.92 -58.02
N LEU F 41 -7.65 -6.71 -58.44
CA LEU F 41 -8.02 -6.95 -59.83
C LEU F 41 -7.67 -5.69 -60.61
N PRO F 42 -7.52 -5.81 -61.94
CA PRO F 42 -7.18 -4.64 -62.76
C PRO F 42 -8.28 -3.63 -63.03
N GLU F 43 -9.53 -4.03 -62.87
CA GLU F 43 -10.65 -3.13 -63.14
C GLU F 43 -10.57 -1.82 -62.36
N PRO F 44 -10.55 -0.68 -63.08
CA PRO F 44 -10.48 0.65 -62.46
C PRO F 44 -11.75 0.99 -61.69
N LEU F 45 -11.59 1.71 -60.58
CA LEU F 45 -12.72 2.12 -59.75
C LEU F 45 -13.38 3.38 -60.34
N SER F 46 -14.71 3.39 -60.39
CA SER F 46 -15.44 4.54 -60.92
C SER F 46 -15.29 5.73 -59.97
N GLU F 47 -15.50 6.93 -60.50
CA GLU F 47 -15.39 8.13 -59.68
C GLU F 47 -16.49 8.13 -58.61
N GLU F 48 -17.63 7.55 -58.94
CA GLU F 48 -18.75 7.47 -58.00
C GLU F 48 -18.37 6.62 -56.78
N LEU F 49 -17.75 5.48 -57.04
CA LEU F 49 -17.31 4.58 -55.97
C LEU F 49 -16.26 5.27 -55.12
N ILE F 50 -15.32 5.94 -55.77
CA ILE F 50 -14.26 6.62 -55.03
C ILE F 50 -14.85 7.72 -54.16
N ALA F 51 -15.90 8.36 -54.65
CA ALA F 51 -16.58 9.42 -53.93
C ALA F 51 -17.22 8.88 -52.66
N ARG F 52 -17.86 7.72 -52.75
CA ARG F 52 -18.49 7.12 -51.58
C ARG F 52 -17.42 6.78 -50.56
N LEU F 53 -16.31 6.21 -51.03
CA LEU F 53 -15.22 5.86 -50.12
C LEU F 53 -14.67 7.09 -49.43
N LEU F 54 -14.38 8.14 -50.19
CA LEU F 54 -13.85 9.36 -49.61
C LEU F 54 -14.88 9.98 -48.68
N GLY F 55 -16.15 9.84 -49.05
CA GLY F 55 -17.23 10.38 -48.25
C GLY F 55 -17.30 9.74 -46.87
N ALA F 56 -17.11 8.42 -46.84
CA ALA F 56 -17.13 7.65 -45.58
C ALA F 56 -15.96 8.06 -44.71
N ALA F 57 -14.78 8.24 -45.32
CA ALA F 57 -13.60 8.64 -44.58
C ALA F 57 -13.82 10.01 -43.94
N HIS F 58 -14.46 10.91 -44.69
CA HIS F 58 -14.71 12.27 -44.21
C HIS F 58 -15.72 12.34 -43.08
N GLN F 59 -16.45 11.23 -42.86
CA GLN F 59 -17.45 11.15 -41.79
C GLN F 59 -16.78 10.66 -40.50
N ALA F 60 -15.46 10.49 -40.53
CA ALA F 60 -14.77 10.01 -39.34
C ALA F 60 -14.74 11.11 -38.29
N PRO F 61 -14.55 10.73 -37.02
CA PRO F 61 -14.49 11.75 -35.98
C PRO F 61 -13.11 12.40 -36.11
N SER F 62 -12.95 13.61 -35.59
CA SER F 62 -11.64 14.28 -35.65
C SER F 62 -11.54 15.19 -34.43
N VAL F 63 -10.34 15.24 -33.83
CA VAL F 63 -10.12 16.05 -32.63
C VAL F 63 -10.50 17.52 -32.86
N GLY F 64 -11.38 18.03 -32.01
CA GLY F 64 -11.85 19.40 -32.11
C GLY F 64 -12.55 19.66 -33.43
N PHE F 65 -12.95 18.56 -34.08
CA PHE F 65 -13.58 18.58 -35.40
C PHE F 65 -12.66 19.32 -36.35
N MET F 66 -11.36 19.11 -36.14
CA MET F 66 -10.29 19.71 -36.93
C MET F 66 -10.33 19.24 -38.39
N GLN F 67 -10.70 17.99 -38.62
CA GLN F 67 -10.79 17.43 -39.97
C GLN F 67 -9.48 17.75 -40.69
N PRO F 68 -8.36 17.21 -40.17
CA PRO F 68 -7.04 17.46 -40.74
C PRO F 68 -6.63 16.70 -42.00
N TRP F 69 -7.51 15.85 -42.51
CA TRP F 69 -7.15 15.05 -43.67
C TRP F 69 -7.27 15.68 -45.05
N ASN F 70 -6.52 15.06 -45.97
CA ASN F 70 -6.48 15.41 -47.39
C ASN F 70 -6.20 14.08 -48.05
N PHE F 71 -6.66 13.90 -49.28
CA PHE F 71 -6.45 12.65 -49.99
C PHE F 71 -5.87 12.95 -51.36
N VAL F 72 -4.73 12.34 -51.67
CA VAL F 72 -4.10 12.53 -52.96
C VAL F 72 -4.38 11.27 -53.77
N LEU F 73 -5.23 11.37 -54.79
CA LEU F 73 -5.55 10.21 -55.61
C LEU F 73 -4.44 9.98 -56.63
N VAL F 74 -3.88 8.78 -56.63
CA VAL F 74 -2.79 8.45 -57.54
C VAL F 74 -3.12 7.27 -58.44
N ARG F 75 -3.01 7.48 -59.75
CA ARG F 75 -3.31 6.43 -60.73
C ARG F 75 -2.28 6.37 -61.85
N GLN F 76 -1.38 7.35 -61.90
CA GLN F 76 -0.36 7.39 -62.94
C GLN F 76 0.75 6.36 -62.75
N ASP F 77 1.09 5.65 -63.83
CA ASP F 77 2.12 4.62 -63.79
C ASP F 77 3.50 5.11 -63.38
N GLU F 78 3.91 6.27 -63.86
CA GLU F 78 5.23 6.76 -63.48
C GLU F 78 5.25 7.03 -61.99
N THR F 79 4.18 7.62 -61.47
CA THR F 79 4.11 7.92 -60.04
C THR F 79 4.12 6.62 -59.23
N ARG F 80 3.28 5.67 -59.60
CA ARG F 80 3.23 4.39 -58.90
C ARG F 80 4.63 3.75 -58.87
N GLU F 81 5.33 3.81 -60.01
CA GLU F 81 6.66 3.23 -60.13
C GLU F 81 7.66 3.91 -59.19
N LYS F 82 7.63 5.24 -59.15
CA LYS F 82 8.53 5.97 -58.27
C LYS F 82 8.23 5.62 -56.80
N VAL F 83 6.96 5.49 -56.46
CA VAL F 83 6.59 5.15 -55.10
C VAL F 83 7.02 3.72 -54.83
N TRP F 84 6.91 2.88 -55.85
CA TRP F 84 7.30 1.48 -55.73
C TRP F 84 8.81 1.39 -55.45
N GLN F 85 9.60 2.22 -56.14
CA GLN F 85 11.04 2.19 -55.93
C GLN F 85 11.39 2.68 -54.53
N ALA F 86 10.64 3.66 -54.04
CA ALA F 86 10.89 4.20 -52.70
C ALA F 86 10.68 3.08 -51.69
N PHE F 87 9.60 2.32 -51.86
CA PHE F 87 9.30 1.20 -50.99
C PHE F 87 10.43 0.17 -51.01
N GLN F 88 10.92 -0.13 -52.21
CA GLN F 88 11.99 -1.10 -52.40
C GLN F 88 13.21 -0.74 -51.54
N ARG F 89 13.65 0.51 -51.66
CA ARG F 89 14.79 0.97 -50.90
C ARG F 89 14.52 0.79 -49.40
N ALA F 90 13.35 1.25 -48.97
CA ALA F 90 12.96 1.16 -47.56
C ALA F 90 12.85 -0.28 -47.06
N ASN F 91 12.17 -1.12 -47.84
CA ASN F 91 11.99 -2.51 -47.47
C ASN F 91 13.33 -3.25 -47.40
N ASP F 92 14.22 -2.94 -48.33
CA ASP F 92 15.53 -3.55 -48.33
C ASP F 92 16.23 -3.17 -47.03
N GLU F 93 16.06 -1.92 -46.61
CA GLU F 93 16.66 -1.44 -45.36
C GLU F 93 16.02 -2.16 -44.18
N ALA F 94 14.71 -2.39 -44.28
CA ALA F 94 13.97 -3.07 -43.22
C ALA F 94 14.46 -4.51 -43.07
N ALA F 95 14.59 -5.22 -44.19
CA ALA F 95 15.05 -6.60 -44.16
C ALA F 95 16.35 -6.71 -43.37
N GLU F 96 17.23 -5.72 -43.53
CA GLU F 96 18.50 -5.69 -42.84
C GLU F 96 18.38 -5.59 -41.32
N MET F 97 17.18 -5.34 -40.82
CA MET F 97 16.97 -5.22 -39.39
C MET F 97 16.56 -6.54 -38.77
N PHE F 98 16.47 -7.56 -39.62
CA PHE F 98 16.11 -8.91 -39.22
C PHE F 98 17.29 -9.80 -39.62
N SER F 99 17.38 -10.98 -39.05
CA SER F 99 18.49 -11.87 -39.40
C SER F 99 18.08 -13.34 -39.40
N GLY F 100 18.96 -14.19 -39.93
CA GLY F 100 18.71 -15.60 -39.99
C GLY F 100 17.39 -15.99 -40.67
N GLU F 101 16.68 -16.92 -40.05
CA GLU F 101 15.41 -17.41 -40.58
C GLU F 101 14.35 -16.29 -40.69
N ARG F 102 14.22 -15.47 -39.66
CA ARG F 102 13.24 -14.39 -39.70
C ARG F 102 13.45 -13.51 -40.92
N GLN F 103 14.70 -13.14 -41.17
CA GLN F 103 15.03 -12.32 -42.33
C GLN F 103 14.63 -13.02 -43.62
N ALA F 104 14.79 -14.34 -43.65
CA ALA F 104 14.42 -15.11 -44.84
C ALA F 104 12.91 -15.01 -45.01
N LYS F 105 12.18 -15.21 -43.91
CA LYS F 105 10.72 -15.14 -43.95
C LYS F 105 10.27 -13.72 -44.29
N TYR F 106 10.98 -12.72 -43.76
CA TYR F 106 10.64 -11.32 -44.04
C TYR F 106 10.72 -11.08 -45.53
N ARG F 107 11.83 -11.51 -46.12
CA ARG F 107 12.07 -11.32 -47.55
C ARG F 107 11.06 -12.07 -48.43
N SER F 108 10.40 -13.07 -47.86
CA SER F 108 9.42 -13.84 -48.61
C SER F 108 8.03 -13.21 -48.57
N LEU F 109 7.83 -12.27 -47.65
CA LEU F 109 6.54 -11.60 -47.51
C LEU F 109 6.31 -10.52 -48.56
N LYS F 110 5.08 -10.43 -49.07
CA LYS F 110 4.77 -9.38 -50.04
C LYS F 110 4.08 -8.32 -49.20
N LEU F 111 4.69 -7.14 -49.10
CA LEU F 111 4.16 -6.08 -48.27
C LEU F 111 3.60 -4.84 -48.97
N GLU F 112 3.16 -5.00 -50.22
CA GLU F 112 2.61 -3.90 -50.98
C GLU F 112 2.03 -4.37 -52.31
N GLY F 113 1.13 -3.55 -52.87
CA GLY F 113 0.52 -3.86 -54.15
C GLY F 113 0.43 -2.57 -54.94
N ILE F 114 1.46 -1.74 -54.77
CA ILE F 114 1.53 -0.43 -55.41
C ILE F 114 1.39 -0.45 -56.94
N ARG F 115 2.01 -1.43 -57.58
CA ARG F 115 1.94 -1.51 -59.04
C ARG F 115 0.77 -2.32 -59.56
N LYS F 116 0.12 -3.06 -58.65
CA LYS F 116 -1.03 -3.90 -58.99
C LYS F 116 -2.34 -3.14 -58.87
N ALA F 117 -2.61 -2.63 -57.66
CA ALA F 117 -3.83 -1.88 -57.40
C ALA F 117 -3.92 -0.71 -58.38
N PRO F 118 -5.04 -0.61 -59.12
CA PRO F 118 -5.20 0.49 -60.08
C PRO F 118 -5.28 1.88 -59.45
N LEU F 119 -5.52 1.92 -58.15
CA LEU F 119 -5.61 3.20 -57.45
C LEU F 119 -4.85 3.19 -56.14
N SER F 120 -4.23 4.32 -55.82
CA SER F 120 -3.50 4.51 -54.58
C SER F 120 -3.99 5.83 -54.00
N ILE F 121 -4.00 5.92 -52.67
CA ILE F 121 -4.43 7.14 -52.03
C ILE F 121 -3.45 7.47 -50.91
N CYS F 122 -2.85 8.64 -50.99
CA CYS F 122 -1.93 9.07 -49.96
C CYS F 122 -2.77 9.92 -49.01
N VAL F 123 -2.98 9.44 -47.78
CA VAL F 123 -3.77 10.17 -46.80
C VAL F 123 -2.83 10.98 -45.91
N THR F 124 -3.09 12.28 -45.79
CA THR F 124 -2.23 13.16 -45.02
C THR F 124 -2.91 13.83 -43.83
N CYS F 125 -2.11 14.53 -43.03
CA CYS F 125 -2.62 15.24 -41.87
C CYS F 125 -1.98 16.62 -41.84
N ASP F 126 -2.82 17.65 -41.99
CA ASP F 126 -2.33 19.02 -41.98
C ASP F 126 -2.15 19.48 -40.55
N ARG F 127 -0.91 19.43 -40.06
CA ARG F 127 -0.60 19.82 -38.69
C ARG F 127 -0.99 21.25 -38.33
N THR F 128 -1.06 22.15 -39.31
CA THR F 128 -1.43 23.53 -38.99
C THR F 128 -2.87 23.91 -39.22
N ARG F 129 -3.71 22.95 -39.61
CA ARG F 129 -5.13 23.27 -39.80
C ARG F 129 -5.72 23.46 -38.40
N GLY F 130 -6.80 24.24 -38.31
CA GLY F 130 -7.44 24.44 -37.02
C GLY F 130 -7.01 25.65 -36.22
N GLY F 131 -6.14 26.48 -36.78
CA GLY F 131 -5.70 27.67 -36.06
C GLY F 131 -4.53 27.44 -35.12
N ALA F 132 -4.18 28.46 -34.35
CA ALA F 132 -3.06 28.39 -33.42
C ALA F 132 -3.22 27.32 -32.35
N VAL F 133 -4.44 27.13 -31.87
CA VAL F 133 -4.72 26.13 -30.84
C VAL F 133 -5.91 25.28 -31.29
N VAL F 134 -5.77 23.97 -31.17
CA VAL F 134 -6.83 23.05 -31.57
C VAL F 134 -7.49 22.39 -30.36
N LEU F 135 -8.81 22.43 -30.34
CA LEU F 135 -9.59 21.82 -29.26
C LEU F 135 -9.23 20.33 -29.21
N GLY F 136 -8.97 19.82 -28.01
CA GLY F 136 -8.63 18.42 -27.86
C GLY F 136 -7.19 18.01 -28.16
N ARG F 137 -6.41 18.92 -28.74
CA ARG F 137 -5.02 18.61 -29.06
C ARG F 137 -4.08 19.30 -28.09
N THR F 138 -4.64 20.10 -27.17
CA THR F 138 -3.86 20.85 -26.19
C THR F 138 -2.91 20.07 -25.29
N HIS F 139 -3.28 18.84 -24.92
CA HIS F 139 -2.41 18.07 -24.04
C HIS F 139 -1.76 16.85 -24.68
N ASN F 140 -2.04 16.62 -25.96
CA ASN F 140 -1.43 15.49 -26.68
C ASN F 140 -1.42 15.92 -28.15
N PRO F 141 -0.26 16.40 -28.63
CA PRO F 141 -0.03 16.87 -30.01
C PRO F 141 -0.27 15.88 -31.15
N GLN F 142 -0.42 14.61 -30.82
CA GLN F 142 -0.62 13.56 -31.82
C GLN F 142 -2.09 13.30 -32.15
N MET F 143 -2.99 14.00 -31.47
CA MET F 143 -4.43 13.81 -31.67
C MET F 143 -4.90 14.07 -33.10
N ASP F 144 -4.21 14.95 -33.83
CA ASP F 144 -4.62 15.21 -35.20
C ASP F 144 -4.28 14.03 -36.08
N LEU F 145 -3.09 13.47 -35.86
CA LEU F 145 -2.62 12.30 -36.61
C LEU F 145 -3.58 11.12 -36.41
N TYR F 146 -3.99 10.92 -35.15
CA TYR F 146 -4.90 9.86 -34.78
C TYR F 146 -6.24 10.02 -35.50
N SER F 147 -6.72 11.25 -35.59
CA SER F 147 -7.99 11.54 -36.27
C SER F 147 -7.95 11.08 -37.73
N THR F 148 -6.82 11.31 -38.38
CA THR F 148 -6.67 10.91 -39.77
C THR F 148 -6.71 9.39 -39.90
N VAL F 149 -6.24 8.68 -38.89
CA VAL F 149 -6.28 7.22 -38.95
C VAL F 149 -7.74 6.77 -38.87
N CYS F 150 -8.56 7.54 -38.15
CA CYS F 150 -9.98 7.20 -38.04
C CYS F 150 -10.60 7.26 -39.44
N ALA F 151 -10.20 8.26 -40.22
CA ALA F 151 -10.71 8.41 -41.58
C ALA F 151 -10.28 7.18 -42.40
N VAL F 152 -9.05 6.73 -42.19
CA VAL F 152 -8.53 5.58 -42.91
C VAL F 152 -9.33 4.31 -42.62
N GLN F 153 -9.59 4.04 -41.35
CA GLN F 153 -10.31 2.84 -40.98
C GLN F 153 -11.73 2.87 -41.53
N ASN F 154 -12.35 4.05 -41.58
CA ASN F 154 -13.70 4.19 -42.13
C ASN F 154 -13.67 3.78 -43.62
N LEU F 155 -12.67 4.27 -44.34
CA LEU F 155 -12.52 3.95 -45.77
C LEU F 155 -12.26 2.46 -46.00
N TRP F 156 -11.44 1.90 -45.13
CA TRP F 156 -11.05 0.49 -45.21
C TRP F 156 -12.30 -0.39 -45.08
N LEU F 157 -13.16 -0.04 -44.13
CA LEU F 157 -14.40 -0.76 -43.87
C LEU F 157 -15.42 -0.57 -44.99
N ALA F 158 -15.59 0.67 -45.45
CA ALA F 158 -16.52 0.94 -46.54
C ALA F 158 -16.04 0.23 -47.80
N ALA F 159 -14.73 0.22 -48.03
CA ALA F 159 -14.18 -0.46 -49.21
C ALA F 159 -14.53 -1.94 -49.17
N ARG F 160 -14.45 -2.55 -47.99
CA ARG F 160 -14.78 -3.97 -47.87
C ARG F 160 -16.23 -4.23 -48.31
N ALA F 161 -17.14 -3.37 -47.87
CA ALA F 161 -18.54 -3.51 -48.23
C ALA F 161 -18.80 -3.31 -49.73
N GLU F 162 -17.89 -2.57 -50.37
CA GLU F 162 -18.00 -2.31 -51.81
C GLU F 162 -17.24 -3.37 -52.61
N GLY F 163 -16.67 -4.34 -51.91
CA GLY F 163 -15.91 -5.38 -52.59
C GLY F 163 -14.56 -4.87 -53.02
N VAL F 164 -14.11 -3.81 -52.36
CA VAL F 164 -12.82 -3.20 -52.68
C VAL F 164 -11.77 -3.51 -51.63
N GLY F 165 -10.67 -4.08 -52.07
CA GLY F 165 -9.60 -4.42 -51.16
C GLY F 165 -8.74 -3.20 -50.92
N VAL F 166 -8.17 -3.11 -49.73
CA VAL F 166 -7.32 -1.99 -49.38
C VAL F 166 -6.14 -2.51 -48.60
N GLY F 167 -4.98 -1.91 -48.86
CA GLY F 167 -3.79 -2.32 -48.15
C GLY F 167 -3.02 -1.08 -47.77
N TRP F 168 -2.50 -1.08 -46.56
CA TRP F 168 -1.71 0.04 -46.03
C TRP F 168 -0.25 -0.29 -46.25
N VAL F 169 0.53 0.68 -46.71
CA VAL F 169 1.96 0.48 -46.93
C VAL F 169 2.67 1.61 -46.18
N SER F 170 3.39 1.24 -45.14
CA SER F 170 4.10 2.19 -44.27
C SER F 170 5.61 2.12 -44.45
N ILE F 171 6.07 1.25 -45.33
CA ILE F 171 7.49 1.09 -45.53
C ILE F 171 8.08 1.98 -46.62
N PHE F 172 8.39 3.23 -46.23
CA PHE F 172 8.96 4.22 -47.13
C PHE F 172 9.70 5.25 -46.29
N HIS F 173 10.40 6.15 -46.97
CA HIS F 173 11.08 7.26 -46.34
C HIS F 173 10.10 8.39 -46.67
N GLU F 174 9.37 8.87 -45.67
CA GLU F 174 8.38 9.93 -45.90
C GLU F 174 8.81 11.04 -46.84
N SER F 175 10.00 11.61 -46.62
CA SER F 175 10.50 12.71 -47.44
C SER F 175 10.48 12.40 -48.94
N GLU F 176 10.78 11.16 -49.30
CA GLU F 176 10.76 10.78 -50.71
C GLU F 176 9.35 10.87 -51.26
N ILE F 177 8.38 10.31 -50.53
CA ILE F 177 6.99 10.34 -50.97
C ILE F 177 6.48 11.78 -51.06
N LYS F 178 6.78 12.58 -50.04
CA LYS F 178 6.35 13.97 -50.04
C LYS F 178 6.88 14.66 -51.31
N ALA F 179 8.16 14.43 -51.61
CA ALA F 179 8.78 15.03 -52.79
C ALA F 179 8.07 14.59 -54.07
N ILE F 180 7.79 13.31 -54.18
CA ILE F 180 7.12 12.79 -55.36
C ILE F 180 5.77 13.48 -55.59
N LEU F 181 5.01 13.69 -54.52
CA LEU F 181 3.70 14.31 -54.65
C LEU F 181 3.64 15.81 -54.38
N GLY F 182 4.78 16.41 -54.06
CA GLY F 182 4.81 17.83 -53.78
C GLY F 182 4.06 18.22 -52.51
N ILE F 183 4.02 17.32 -51.53
CA ILE F 183 3.34 17.60 -50.26
C ILE F 183 4.13 18.63 -49.44
N PRO F 184 3.46 19.66 -48.89
CA PRO F 184 4.06 20.74 -48.09
C PRO F 184 4.65 20.29 -46.76
N ASP F 185 5.59 21.08 -46.24
CA ASP F 185 6.24 20.76 -44.97
C ASP F 185 5.26 20.73 -43.79
N HIS F 186 4.19 21.51 -43.86
CA HIS F 186 3.23 21.55 -42.77
C HIS F 186 2.23 20.40 -42.81
N VAL F 187 2.37 19.53 -43.80
CA VAL F 187 1.49 18.38 -43.97
C VAL F 187 2.30 17.10 -43.77
N GLU F 188 1.76 16.17 -43.00
CA GLU F 188 2.43 14.91 -42.70
C GLU F 188 1.67 13.75 -43.32
N ILE F 189 2.41 12.78 -43.86
CA ILE F 189 1.80 11.61 -44.47
C ILE F 189 1.51 10.60 -43.38
N VAL F 190 0.26 10.15 -43.26
CA VAL F 190 0.01 9.15 -42.24
C VAL F 190 -0.18 7.77 -42.87
N ALA F 191 -0.66 7.73 -44.11
CA ALA F 191 -0.87 6.46 -44.77
C ALA F 191 -0.88 6.47 -46.30
N TRP F 192 -0.36 5.39 -46.89
CA TRP F 192 -0.36 5.20 -48.33
C TRP F 192 -1.24 3.96 -48.54
N LEU F 193 -2.39 4.15 -49.17
CA LEU F 193 -3.31 3.05 -49.40
C LEU F 193 -3.36 2.58 -50.85
N CYS F 194 -3.40 1.27 -51.05
CA CYS F 194 -3.52 0.69 -52.38
C CYS F 194 -4.95 0.18 -52.45
N LEU F 195 -5.68 0.52 -53.51
CA LEU F 195 -7.06 0.05 -53.63
C LEU F 195 -7.33 -0.67 -54.93
N GLY F 196 -8.36 -1.51 -54.92
CA GLY F 196 -8.72 -2.25 -56.11
C GLY F 196 -9.73 -3.32 -55.77
N PHE F 197 -10.59 -3.65 -56.74
CA PHE F 197 -11.59 -4.69 -56.51
C PHE F 197 -10.86 -6.00 -56.25
N VAL F 198 -11.48 -6.85 -55.46
CA VAL F 198 -10.93 -8.16 -55.16
C VAL F 198 -12.10 -9.13 -55.12
N ASP F 199 -11.86 -10.38 -55.51
CA ASP F 199 -12.91 -11.39 -55.47
C ASP F 199 -12.45 -12.54 -54.58
N ARG F 200 -11.28 -12.38 -53.96
CA ARG F 200 -10.75 -13.40 -53.07
C ARG F 200 -10.06 -12.74 -51.88
N LEU F 201 -10.34 -13.26 -50.69
CA LEU F 201 -9.76 -12.74 -49.46
C LEU F 201 -9.37 -13.85 -48.49
N TYR F 202 -8.28 -13.62 -47.77
CA TYR F 202 -7.83 -14.57 -46.76
C TYR F 202 -8.90 -14.57 -45.67
N GLN F 203 -9.12 -15.74 -45.07
CA GLN F 203 -10.12 -15.86 -44.01
C GLN F 203 -9.54 -15.40 -42.68
N GLU F 204 -8.23 -15.20 -42.64
CA GLU F 204 -7.56 -14.73 -41.43
C GLU F 204 -6.36 -13.90 -41.86
N PRO F 205 -5.74 -13.16 -40.92
CA PRO F 205 -4.59 -12.34 -41.27
C PRO F 205 -3.54 -13.11 -42.06
N GLU F 206 -3.22 -12.61 -43.25
CA GLU F 206 -2.23 -13.24 -44.10
C GLU F 206 -0.94 -13.49 -43.31
N LEU F 207 -0.51 -12.47 -42.55
CA LEU F 207 0.71 -12.61 -41.75
C LEU F 207 0.63 -13.77 -40.77
N ALA F 208 -0.60 -14.20 -40.47
CA ALA F 208 -0.79 -15.31 -39.54
C ALA F 208 -0.64 -16.64 -40.28
N ALA F 209 -1.24 -16.71 -41.45
CA ALA F 209 -1.19 -17.91 -42.28
C ALA F 209 0.24 -18.20 -42.70
N LYS F 210 1.03 -17.14 -42.90
CA LYS F 210 2.42 -17.29 -43.32
C LYS F 210 3.44 -17.39 -42.19
N GLY F 211 2.96 -17.56 -40.97
CA GLY F 211 3.84 -17.73 -39.83
C GLY F 211 4.69 -16.59 -39.29
N TRP F 212 4.25 -15.35 -39.46
CA TRP F 212 5.02 -14.22 -38.94
C TRP F 212 4.63 -14.00 -37.47
N ARG F 213 3.34 -13.82 -37.24
CA ARG F 213 2.79 -13.64 -35.90
C ARG F 213 1.37 -14.20 -35.93
N GLN F 214 0.94 -14.76 -34.81
CA GLN F 214 -0.41 -15.31 -34.71
C GLN F 214 -1.31 -14.29 -34.02
N ARG F 215 -2.59 -14.57 -33.98
CA ARG F 215 -3.57 -13.71 -33.33
C ARG F 215 -3.34 -13.87 -31.82
N LEU F 216 -3.25 -12.76 -31.10
CA LEU F 216 -3.04 -12.84 -29.66
C LEU F 216 -4.35 -13.17 -28.96
N PRO F 217 -4.29 -13.88 -27.81
CA PRO F 217 -5.49 -14.23 -27.06
C PRO F 217 -6.03 -12.91 -26.52
N LEU F 218 -7.27 -12.58 -26.88
CA LEU F 218 -7.86 -11.34 -26.42
C LEU F 218 -7.97 -11.25 -24.90
N GLU F 219 -8.17 -12.39 -24.25
CA GLU F 219 -8.31 -12.39 -22.80
C GLU F 219 -7.06 -11.83 -22.10
N ASP F 220 -5.92 -11.95 -22.77
CA ASP F 220 -4.65 -11.46 -22.24
C ASP F 220 -4.50 -9.94 -22.28
N LEU F 221 -5.27 -9.30 -23.15
CA LEU F 221 -5.15 -7.86 -23.34
C LEU F 221 -6.19 -7.01 -22.61
N VAL F 222 -7.05 -7.65 -21.84
CA VAL F 222 -8.09 -6.93 -21.12
C VAL F 222 -7.92 -7.00 -19.61
N PHE F 223 -7.97 -5.84 -18.97
CA PHE F 223 -7.81 -5.76 -17.52
C PHE F 223 -9.04 -5.13 -16.88
N GLU F 224 -9.24 -5.43 -15.60
CA GLU F 224 -10.37 -4.90 -14.83
C GLU F 224 -9.90 -3.80 -13.89
N GLU F 225 -10.39 -2.58 -14.11
CA GLU F 225 -10.07 -1.45 -13.25
C GLU F 225 -8.64 -0.93 -13.24
N GLY F 226 -7.66 -1.82 -13.22
CA GLY F 226 -6.28 -1.37 -13.20
C GLY F 226 -5.39 -2.23 -14.07
N TRP F 227 -4.24 -1.69 -14.45
CA TRP F 227 -3.31 -2.41 -15.31
C TRP F 227 -2.82 -3.70 -14.68
N GLY F 228 -2.79 -4.76 -15.48
CA GLY F 228 -2.33 -6.05 -15.00
C GLY F 228 -3.29 -6.78 -14.07
N VAL F 229 -4.47 -6.20 -13.85
CA VAL F 229 -5.46 -6.82 -12.97
C VAL F 229 -6.50 -7.55 -13.81
N ARG F 230 -6.80 -8.79 -13.42
CA ARG F 230 -7.79 -9.58 -14.15
C ARG F 230 -9.19 -9.54 -13.54
N LEU G 12 35.85 -33.84 -12.22
CA LEU G 12 35.30 -33.12 -13.41
C LEU G 12 35.98 -33.62 -14.68
N THR G 13 35.25 -33.57 -15.78
CA THR G 13 35.77 -34.05 -17.05
C THR G 13 35.52 -33.09 -18.21
N ALA G 14 36.23 -33.33 -19.31
CA ALA G 14 36.07 -32.49 -20.49
C ALA G 14 34.65 -32.66 -21.01
N ALA G 15 34.14 -31.60 -21.63
CA ALA G 15 32.79 -31.60 -22.18
C ALA G 15 32.65 -30.50 -23.22
N GLY G 16 31.67 -30.64 -24.10
CA GLY G 16 31.43 -29.65 -25.13
C GLY G 16 30.02 -29.83 -25.68
N ALA G 17 29.74 -29.24 -26.83
CA ALA G 17 28.42 -29.39 -27.43
C ALA G 17 28.24 -30.81 -27.95
N PHE G 18 27.02 -31.31 -27.91
CA PHE G 18 26.74 -32.65 -28.43
C PHE G 18 27.00 -32.57 -29.94
N SER G 19 26.95 -33.71 -30.63
CA SER G 19 27.15 -33.71 -32.07
C SER G 19 25.88 -33.16 -32.71
N SER G 20 25.94 -32.88 -34.00
CA SER G 20 24.79 -32.34 -34.73
C SER G 20 23.59 -33.29 -34.60
N ASP G 21 23.82 -34.58 -34.76
CA ASP G 21 22.77 -35.59 -34.64
C ASP G 21 22.24 -35.64 -33.20
N GLU G 22 23.15 -35.63 -32.24
CA GLU G 22 22.74 -35.67 -30.83
C GLU G 22 21.83 -34.49 -30.52
N ARG G 23 22.31 -33.29 -30.82
CA ARG G 23 21.53 -32.08 -30.58
C ARG G 23 20.14 -32.19 -31.23
N ALA G 24 20.09 -32.60 -32.49
CA ALA G 24 18.83 -32.74 -33.20
C ALA G 24 17.88 -33.67 -32.43
N ALA G 25 18.43 -34.68 -31.79
CA ALA G 25 17.62 -35.61 -31.02
C ALA G 25 17.04 -34.91 -29.78
N VAL G 26 17.86 -34.08 -29.13
CA VAL G 26 17.41 -33.35 -27.95
C VAL G 26 16.30 -32.38 -28.31
N TYR G 27 16.50 -31.59 -29.36
CA TYR G 27 15.48 -30.64 -29.77
C TYR G 27 14.23 -31.33 -30.30
N ARG G 28 14.37 -32.51 -30.89
CA ARG G 28 13.20 -33.22 -31.43
C ARG G 28 12.27 -33.63 -30.30
N ALA G 29 12.82 -34.18 -29.23
CA ALA G 29 12.00 -34.59 -28.10
C ALA G 29 11.26 -33.35 -27.57
N ILE G 30 12.00 -32.26 -27.40
CA ILE G 30 11.41 -31.00 -26.89
C ILE G 30 10.32 -30.41 -27.80
N GLU G 31 10.51 -30.52 -29.11
CA GLU G 31 9.58 -29.96 -30.08
C GLU G 31 8.42 -30.86 -30.49
N THR G 32 8.46 -32.13 -30.13
CA THR G 32 7.38 -33.05 -30.51
C THR G 32 6.61 -33.67 -29.36
N ARG G 33 7.14 -33.63 -28.14
CA ARG G 33 6.37 -34.23 -27.06
C ARG G 33 5.11 -33.40 -26.83
N ARG G 34 4.01 -34.11 -26.60
CA ARG G 34 2.72 -33.47 -26.38
C ARG G 34 2.15 -33.94 -25.06
N ASP G 35 1.12 -33.23 -24.59
CA ASP G 35 0.42 -33.63 -23.39
C ASP G 35 -0.69 -34.47 -23.99
N VAL G 36 -0.68 -35.77 -23.71
CA VAL G 36 -1.68 -36.69 -24.25
C VAL G 36 -2.85 -36.93 -23.31
N ARG G 37 -4.05 -36.97 -23.88
CA ARG G 37 -5.25 -37.21 -23.10
C ARG G 37 -6.07 -38.35 -23.67
N ASP G 38 -6.14 -38.42 -25.00
CA ASP G 38 -6.98 -39.43 -25.63
C ASP G 38 -6.34 -40.47 -26.57
N GLU G 39 -5.05 -40.37 -26.83
CA GLU G 39 -4.41 -41.34 -27.73
C GLU G 39 -3.66 -42.49 -27.08
N PHE G 40 -3.79 -42.64 -25.76
CA PHE G 40 -3.10 -43.71 -25.05
C PHE G 40 -3.52 -45.10 -25.54
N LEU G 41 -2.55 -45.98 -25.71
CA LEU G 41 -2.84 -47.35 -26.13
C LEU G 41 -2.95 -48.21 -24.87
N PRO G 42 -3.62 -49.36 -24.96
CA PRO G 42 -3.77 -50.23 -23.78
C PRO G 42 -2.50 -50.97 -23.38
N GLU G 43 -1.56 -51.10 -24.32
CA GLU G 43 -0.30 -51.80 -24.09
C GLU G 43 0.37 -51.44 -22.77
N PRO G 44 0.55 -52.44 -21.88
CA PRO G 44 1.21 -52.14 -20.60
C PRO G 44 2.67 -51.76 -20.82
N LEU G 45 3.22 -50.97 -19.91
CA LEU G 45 4.61 -50.55 -20.03
C LEU G 45 5.49 -51.49 -19.19
N SER G 46 6.54 -52.02 -19.81
CA SER G 46 7.44 -52.93 -19.12
C SER G 46 8.08 -52.27 -17.91
N GLU G 47 8.49 -53.09 -16.95
CA GLU G 47 9.11 -52.57 -15.74
C GLU G 47 10.43 -51.88 -16.09
N GLU G 48 11.13 -52.44 -17.08
CA GLU G 48 12.40 -51.87 -17.51
C GLU G 48 12.15 -50.45 -18.03
N LEU G 49 11.10 -50.29 -18.84
CA LEU G 49 10.75 -48.98 -19.40
C LEU G 49 10.45 -47.99 -18.28
N ILE G 50 9.54 -48.35 -17.38
CA ILE G 50 9.18 -47.49 -16.26
C ILE G 50 10.45 -47.10 -15.49
N ALA G 51 11.33 -48.08 -15.30
CA ALA G 51 12.57 -47.85 -14.59
C ALA G 51 13.38 -46.74 -15.27
N ARG G 52 13.52 -46.83 -16.60
CA ARG G 52 14.27 -45.84 -17.34
C ARG G 52 13.65 -44.44 -17.20
N LEU G 53 12.31 -44.36 -17.23
CA LEU G 53 11.62 -43.08 -17.11
C LEU G 53 11.84 -42.50 -15.72
N LEU G 54 11.66 -43.33 -14.71
CA LEU G 54 11.85 -42.90 -13.34
C LEU G 54 13.30 -42.48 -13.12
N GLY G 55 14.22 -43.19 -13.78
CA GLY G 55 15.63 -42.88 -13.66
C GLY G 55 15.93 -41.51 -14.23
N ALA G 56 15.22 -41.16 -15.30
CA ALA G 56 15.41 -39.87 -15.94
C ALA G 56 14.93 -38.75 -15.01
N ALA G 57 13.79 -38.98 -14.38
CA ALA G 57 13.21 -38.01 -13.45
C ALA G 57 14.17 -37.75 -12.29
N HIS G 58 14.71 -38.83 -11.74
CA HIS G 58 15.62 -38.77 -10.60
C HIS G 58 16.93 -38.05 -10.90
N GLN G 59 17.26 -37.89 -12.18
CA GLN G 59 18.49 -37.19 -12.57
C GLN G 59 18.22 -35.69 -12.72
N ALA G 60 17.00 -35.27 -12.39
CA ALA G 60 16.65 -33.87 -12.48
C ALA G 60 17.39 -33.10 -11.38
N PRO G 61 17.60 -31.79 -11.57
CA PRO G 61 18.29 -31.02 -10.54
C PRO G 61 17.31 -30.83 -9.37
N SER G 62 17.80 -30.39 -8.22
CA SER G 62 16.93 -30.14 -7.06
C SER G 62 17.61 -29.16 -6.10
N VAL G 63 16.86 -28.17 -5.63
CA VAL G 63 17.41 -27.18 -4.71
C VAL G 63 18.13 -27.87 -3.54
N GLY G 64 19.37 -27.44 -3.28
CA GLY G 64 20.14 -28.03 -2.21
C GLY G 64 20.29 -29.54 -2.33
N PHE G 65 20.14 -30.04 -3.56
CA PHE G 65 20.21 -31.48 -3.85
C PHE G 65 19.27 -32.22 -2.91
N MET G 66 18.14 -31.57 -2.65
CA MET G 66 17.10 -32.08 -1.76
C MET G 66 16.43 -33.36 -2.26
N GLN G 67 16.27 -33.48 -3.58
CA GLN G 67 15.64 -34.65 -4.18
C GLN G 67 14.36 -34.95 -3.39
N PRO G 68 13.44 -33.97 -3.32
CA PRO G 68 12.19 -34.12 -2.58
C PRO G 68 11.08 -34.96 -3.23
N TRP G 69 11.34 -35.50 -4.42
CA TRP G 69 10.33 -36.27 -5.11
C TRP G 69 10.11 -37.73 -4.70
N ASN G 70 8.90 -38.19 -4.95
CA ASN G 70 8.46 -39.56 -4.73
C ASN G 70 7.52 -39.86 -5.89
N PHE G 71 7.38 -41.14 -6.25
CA PHE G 71 6.51 -41.54 -7.35
C PHE G 71 5.64 -42.71 -6.91
N VAL G 72 4.32 -42.53 -6.96
CA VAL G 72 3.41 -43.61 -6.60
C VAL G 72 2.85 -44.15 -7.93
N LEU G 73 3.27 -45.36 -8.28
CA LEU G 73 2.82 -45.99 -9.52
C LEU G 73 1.40 -46.53 -9.36
N VAL G 74 0.51 -46.13 -10.28
CA VAL G 74 -0.88 -46.58 -10.21
C VAL G 74 -1.26 -47.38 -11.45
N ARG G 75 -1.75 -48.60 -11.23
CA ARG G 75 -2.13 -49.48 -12.31
C ARG G 75 -3.53 -50.08 -12.12
N GLN G 76 -3.95 -50.21 -10.87
CA GLN G 76 -5.25 -50.78 -10.51
C GLN G 76 -6.46 -50.00 -11.05
N ASP G 77 -7.42 -50.71 -11.60
CA ASP G 77 -8.62 -50.11 -12.16
C ASP G 77 -9.46 -49.33 -11.14
N GLU G 78 -9.68 -49.89 -9.96
CA GLU G 78 -10.49 -49.21 -8.96
C GLU G 78 -9.86 -47.88 -8.50
N THR G 79 -8.52 -47.84 -8.43
CA THR G 79 -7.84 -46.63 -8.03
C THR G 79 -8.10 -45.56 -9.08
N ARG G 80 -7.78 -45.88 -10.34
CA ARG G 80 -7.98 -44.96 -11.46
C ARG G 80 -9.42 -44.48 -11.51
N GLU G 81 -10.35 -45.38 -11.20
CA GLU G 81 -11.77 -45.05 -11.20
C GLU G 81 -12.11 -43.99 -10.15
N LYS G 82 -11.55 -44.13 -8.95
CA LYS G 82 -11.82 -43.17 -7.87
C LYS G 82 -11.20 -41.81 -8.16
N VAL G 83 -10.02 -41.81 -8.76
CA VAL G 83 -9.34 -40.56 -9.10
C VAL G 83 -10.09 -39.90 -10.25
N TRP G 84 -10.60 -40.72 -11.16
CA TRP G 84 -11.35 -40.22 -12.30
C TRP G 84 -12.62 -39.50 -11.80
N GLN G 85 -13.27 -40.09 -10.79
CA GLN G 85 -14.47 -39.50 -10.23
C GLN G 85 -14.13 -38.16 -9.57
N ALA G 86 -12.96 -38.11 -8.93
CA ALA G 86 -12.50 -36.89 -8.27
C ALA G 86 -12.31 -35.82 -9.35
N PHE G 87 -11.70 -36.22 -10.45
CA PHE G 87 -11.50 -35.30 -11.57
C PHE G 87 -12.86 -34.76 -12.00
N GLN G 88 -13.81 -35.66 -12.22
CA GLN G 88 -15.16 -35.30 -12.64
C GLN G 88 -15.80 -34.22 -11.79
N ARG G 89 -15.78 -34.40 -10.46
CA ARG G 89 -16.36 -33.42 -9.55
C ARG G 89 -15.66 -32.08 -9.68
N ALA G 90 -14.33 -32.12 -9.73
CA ALA G 90 -13.53 -30.91 -9.85
C ALA G 90 -13.73 -30.24 -11.19
N ASN G 91 -13.77 -31.03 -12.26
CA ASN G 91 -13.93 -30.46 -13.59
C ASN G 91 -15.27 -29.78 -13.75
N ASP G 92 -16.31 -30.29 -13.09
CA ASP G 92 -17.62 -29.68 -13.16
C ASP G 92 -17.53 -28.34 -12.44
N GLU G 93 -16.84 -28.34 -11.30
CA GLU G 93 -16.67 -27.10 -10.54
C GLU G 93 -15.97 -26.09 -11.45
N ALA G 94 -14.96 -26.55 -12.17
CA ALA G 94 -14.18 -25.71 -13.06
C ALA G 94 -15.04 -25.11 -14.18
N ALA G 95 -15.82 -25.96 -14.84
CA ALA G 95 -16.68 -25.52 -15.93
C ALA G 95 -17.60 -24.39 -15.48
N GLU G 96 -18.02 -24.44 -14.22
CA GLU G 96 -18.90 -23.42 -13.66
C GLU G 96 -18.22 -22.06 -13.51
N MET G 97 -16.90 -22.02 -13.67
CA MET G 97 -16.17 -20.77 -13.55
C MET G 97 -16.20 -20.02 -14.88
N PHE G 98 -16.64 -20.70 -15.93
CA PHE G 98 -16.72 -20.12 -17.26
C PHE G 98 -18.17 -19.83 -17.62
N SER G 99 -18.38 -19.01 -18.65
CA SER G 99 -19.73 -18.66 -19.06
C SER G 99 -19.92 -18.66 -20.57
N GLY G 100 -21.18 -18.78 -20.99
CA GLY G 100 -21.52 -18.76 -22.40
C GLY G 100 -20.85 -19.80 -23.27
N GLU G 101 -20.48 -19.38 -24.48
CA GLU G 101 -19.83 -20.24 -25.45
C GLU G 101 -18.54 -20.83 -24.89
N ARG G 102 -17.80 -20.06 -24.11
CA ARG G 102 -16.55 -20.53 -23.53
C ARG G 102 -16.76 -21.70 -22.59
N GLN G 103 -17.79 -21.61 -21.76
CA GLN G 103 -18.09 -22.68 -20.82
C GLN G 103 -18.41 -23.93 -21.62
N ALA G 104 -19.13 -23.76 -22.73
CA ALA G 104 -19.49 -24.87 -23.59
C ALA G 104 -18.22 -25.48 -24.16
N LYS G 105 -17.42 -24.63 -24.82
CA LYS G 105 -16.17 -25.07 -25.41
C LYS G 105 -15.37 -25.79 -24.33
N TYR G 106 -15.29 -25.18 -23.15
CA TYR G 106 -14.57 -25.77 -22.03
C TYR G 106 -15.07 -27.19 -21.78
N ARG G 107 -16.38 -27.32 -21.69
CA ARG G 107 -17.02 -28.60 -21.43
C ARG G 107 -16.82 -29.62 -22.55
N SER G 108 -16.41 -29.14 -23.72
CA SER G 108 -16.18 -30.03 -24.86
C SER G 108 -14.74 -30.53 -24.92
N LEU G 109 -13.91 -30.03 -24.02
CA LEU G 109 -12.50 -30.42 -23.99
C LEU G 109 -12.22 -31.67 -23.16
N LYS G 110 -11.33 -32.53 -23.66
CA LYS G 110 -10.94 -33.72 -22.91
C LYS G 110 -9.68 -33.31 -22.18
N LEU G 111 -9.76 -33.28 -20.85
CA LEU G 111 -8.64 -32.86 -20.03
C LEU G 111 -7.99 -33.95 -19.20
N GLU G 112 -8.09 -35.20 -19.66
CA GLU G 112 -7.50 -36.31 -18.93
C GLU G 112 -7.70 -37.65 -19.62
N GLY G 113 -6.80 -38.59 -19.33
CA GLY G 113 -6.88 -39.93 -19.88
C GLY G 113 -6.61 -40.91 -18.75
N ILE G 114 -7.09 -40.56 -17.55
CA ILE G 114 -6.91 -41.36 -16.34
C ILE G 114 -7.30 -42.83 -16.46
N ARG G 115 -8.48 -43.10 -16.98
CA ARG G 115 -8.94 -44.48 -17.11
C ARG G 115 -8.42 -45.21 -18.35
N LYS G 116 -8.15 -44.46 -19.41
CA LYS G 116 -7.66 -45.05 -20.65
C LYS G 116 -6.17 -45.39 -20.63
N ALA G 117 -5.37 -44.57 -19.94
CA ALA G 117 -3.93 -44.80 -19.85
C ALA G 117 -3.67 -45.95 -18.88
N PRO G 118 -2.92 -46.97 -19.33
CA PRO G 118 -2.59 -48.14 -18.49
C PRO G 118 -1.72 -47.83 -17.27
N LEU G 119 -1.06 -46.68 -17.29
CA LEU G 119 -0.21 -46.29 -16.17
C LEU G 119 -0.38 -44.84 -15.78
N SER G 120 -0.43 -44.59 -14.47
CA SER G 120 -0.53 -43.25 -13.93
C SER G 120 0.50 -43.13 -12.82
N ILE G 121 1.12 -41.97 -12.71
CA ILE G 121 2.13 -41.74 -11.69
C ILE G 121 1.85 -40.46 -10.93
N CYS G 122 1.72 -40.57 -9.61
CA CYS G 122 1.48 -39.38 -8.79
C CYS G 122 2.85 -38.90 -8.31
N VAL G 123 3.27 -37.74 -8.78
CA VAL G 123 4.58 -37.17 -8.41
C VAL G 123 4.40 -36.21 -7.24
N THR G 124 5.01 -36.54 -6.11
CA THR G 124 4.88 -35.74 -4.90
C THR G 124 6.14 -34.99 -4.51
N CYS G 125 5.99 -34.08 -3.54
CA CYS G 125 7.09 -33.27 -3.04
C CYS G 125 7.05 -33.29 -1.52
N ASP G 126 8.08 -33.87 -0.91
CA ASP G 126 8.18 -33.99 0.54
C ASP G 126 8.70 -32.69 1.12
N ARG G 127 7.80 -31.83 1.59
CA ARG G 127 8.18 -30.53 2.15
C ARG G 127 9.15 -30.60 3.32
N THR G 128 9.19 -31.71 4.05
CA THR G 128 10.11 -31.79 5.18
C THR G 128 11.36 -32.63 4.96
N ARG G 129 11.62 -33.03 3.72
CA ARG G 129 12.82 -33.80 3.45
C ARG G 129 13.91 -32.75 3.46
N GLY G 130 15.15 -33.15 3.71
CA GLY G 130 16.24 -32.19 3.71
C GLY G 130 16.58 -31.60 5.07
N GLY G 131 15.83 -31.97 6.10
CA GLY G 131 16.11 -31.44 7.44
C GLY G 131 15.44 -30.11 7.74
N ALA G 132 15.83 -29.51 8.86
CA ALA G 132 15.26 -28.23 9.29
C ALA G 132 15.46 -27.11 8.29
N VAL G 133 16.68 -26.95 7.76
CA VAL G 133 16.96 -25.89 6.80
C VAL G 133 17.60 -26.46 5.53
N VAL G 134 16.95 -26.23 4.39
CA VAL G 134 17.46 -26.74 3.13
C VAL G 134 18.11 -25.67 2.25
N LEU G 135 19.36 -25.95 1.89
CA LEU G 135 20.16 -25.06 1.06
C LEU G 135 19.37 -24.61 -0.17
N GLY G 136 19.36 -23.29 -0.40
CA GLY G 136 18.67 -22.76 -1.56
C GLY G 136 17.18 -22.56 -1.41
N ARG G 137 16.60 -23.06 -0.33
CA ARG G 137 15.17 -22.89 -0.12
C ARG G 137 14.91 -21.86 0.97
N THR G 138 15.99 -21.32 1.54
CA THR G 138 15.92 -20.35 2.63
C THR G 138 15.22 -19.01 2.34
N HIS G 139 15.14 -18.63 1.07
CA HIS G 139 14.52 -17.34 0.73
C HIS G 139 13.29 -17.46 -0.16
N ASN G 140 13.01 -18.68 -0.60
CA ASN G 140 11.84 -18.94 -1.43
C ASN G 140 11.46 -20.37 -1.10
N PRO G 141 10.42 -20.55 -0.28
CA PRO G 141 9.90 -21.85 0.15
C PRO G 141 9.31 -22.74 -0.94
N GLN G 142 9.16 -22.20 -2.15
CA GLN G 142 8.57 -22.96 -3.25
C GLN G 142 9.60 -23.74 -4.08
N MET G 143 10.87 -23.45 -3.84
CA MET G 143 11.97 -24.07 -4.56
C MET G 143 11.94 -25.61 -4.59
N ASP G 144 11.40 -26.25 -3.56
CA ASP G 144 11.36 -27.70 -3.56
C ASP G 144 10.27 -28.21 -4.50
N LEU G 145 9.16 -27.48 -4.56
CA LEU G 145 8.07 -27.86 -5.45
C LEU G 145 8.60 -27.75 -6.89
N TYR G 146 9.30 -26.65 -7.18
CA TYR G 146 9.86 -26.43 -8.51
C TYR G 146 10.81 -27.56 -8.92
N SER G 147 11.56 -28.10 -7.96
CA SER G 147 12.51 -29.17 -8.24
C SER G 147 11.74 -30.38 -8.76
N THR G 148 10.62 -30.68 -8.11
CA THR G 148 9.79 -31.81 -8.50
C THR G 148 9.29 -31.64 -9.94
N VAL G 149 8.98 -30.41 -10.32
CA VAL G 149 8.52 -30.16 -11.69
C VAL G 149 9.66 -30.47 -12.67
N CYS G 150 10.90 -30.14 -12.30
CA CYS G 150 12.04 -30.41 -13.15
C CYS G 150 12.13 -31.92 -13.41
N ALA G 151 11.75 -32.70 -12.40
CA ALA G 151 11.77 -34.15 -12.52
C ALA G 151 10.67 -34.59 -13.49
N VAL G 152 9.51 -33.95 -13.38
CA VAL G 152 8.38 -34.27 -14.24
C VAL G 152 8.72 -33.98 -15.71
N GLN G 153 9.36 -32.83 -15.96
CA GLN G 153 9.72 -32.47 -17.31
C GLN G 153 10.72 -33.47 -17.90
N ASN G 154 11.66 -33.94 -17.08
CA ASN G 154 12.64 -34.93 -17.53
C ASN G 154 11.95 -36.23 -17.94
N LEU G 155 11.01 -36.68 -17.10
CA LEU G 155 10.27 -37.89 -17.38
C LEU G 155 9.46 -37.70 -18.67
N TRP G 156 8.86 -36.53 -18.80
CA TRP G 156 8.03 -36.19 -19.96
C TRP G 156 8.81 -36.30 -21.27
N LEU G 157 10.03 -35.76 -21.30
CA LEU G 157 10.83 -35.80 -22.51
C LEU G 157 11.36 -37.22 -22.79
N ALA G 158 11.81 -37.91 -21.74
CA ALA G 158 12.32 -39.27 -21.89
C ALA G 158 11.21 -40.16 -22.44
N ALA G 159 9.99 -39.90 -22.00
CA ALA G 159 8.83 -40.65 -22.44
C ALA G 159 8.63 -40.47 -23.94
N ARG G 160 8.66 -39.23 -24.41
CA ARG G 160 8.47 -38.98 -25.84
C ARG G 160 9.48 -39.78 -26.67
N ALA G 161 10.71 -39.87 -26.20
CA ALA G 161 11.75 -40.62 -26.91
C ALA G 161 11.50 -42.13 -26.90
N GLU G 162 10.80 -42.61 -25.88
CA GLU G 162 10.48 -44.03 -25.76
C GLU G 162 9.15 -44.31 -26.46
N GLY G 163 8.55 -43.28 -27.05
CA GLY G 163 7.28 -43.46 -27.73
C GLY G 163 6.14 -43.54 -26.74
N VAL G 164 6.36 -43.00 -25.55
CA VAL G 164 5.36 -43.00 -24.50
C VAL G 164 4.74 -41.62 -24.32
N GLY G 165 3.42 -41.56 -24.43
CA GLY G 165 2.72 -40.30 -24.27
C GLY G 165 2.53 -40.02 -22.80
N VAL G 166 2.53 -38.74 -22.44
CA VAL G 166 2.34 -38.33 -21.05
C VAL G 166 1.44 -37.12 -20.98
N GLY G 167 0.55 -37.13 -20.00
CA GLY G 167 -0.38 -36.03 -19.81
C GLY G 167 -0.48 -35.65 -18.33
N TRP G 168 -0.49 -34.35 -18.08
CA TRP G 168 -0.58 -33.84 -16.72
C TRP G 168 -2.05 -33.54 -16.46
N VAL G 169 -2.54 -33.91 -15.27
CA VAL G 169 -3.92 -33.66 -14.89
C VAL G 169 -3.85 -32.96 -13.52
N SER G 170 -4.24 -31.69 -13.50
CA SER G 170 -4.17 -30.91 -12.25
C SER G 170 -5.55 -30.47 -11.80
N ILE G 171 -6.58 -30.99 -12.45
CA ILE G 171 -7.95 -30.64 -12.12
C ILE G 171 -8.63 -31.51 -11.09
N PHE G 172 -8.48 -31.13 -9.82
CA PHE G 172 -9.11 -31.80 -8.68
C PHE G 172 -8.61 -31.32 -7.33
N HIS G 173 -9.30 -31.73 -6.27
CA HIS G 173 -8.94 -31.34 -4.92
C HIS G 173 -7.84 -32.29 -4.46
N GLU G 174 -6.67 -31.73 -4.15
CA GLU G 174 -5.52 -32.50 -3.71
C GLU G 174 -5.79 -33.43 -2.53
N SER G 175 -6.38 -32.90 -1.47
CA SER G 175 -6.66 -33.68 -0.27
C SER G 175 -7.40 -34.97 -0.60
N GLU G 176 -8.26 -34.91 -1.61
CA GLU G 176 -9.03 -36.07 -2.02
C GLU G 176 -8.13 -37.11 -2.68
N ILE G 177 -7.17 -36.66 -3.48
CA ILE G 177 -6.27 -37.60 -4.13
C ILE G 177 -5.30 -38.17 -3.09
N LYS G 178 -4.90 -37.35 -2.13
CA LYS G 178 -3.98 -37.82 -1.08
C LYS G 178 -4.65 -38.87 -0.20
N ALA G 179 -5.96 -38.73 -0.01
CA ALA G 179 -6.69 -39.72 0.81
C ALA G 179 -6.72 -41.04 0.06
N ILE G 180 -6.93 -40.98 -1.25
CA ILE G 180 -6.98 -42.19 -2.06
C ILE G 180 -5.67 -42.98 -2.08
N LEU G 181 -4.54 -42.28 -2.11
CA LEU G 181 -3.24 -42.95 -2.14
C LEU G 181 -2.58 -43.04 -0.78
N GLY G 182 -3.23 -42.50 0.26
CA GLY G 182 -2.68 -42.54 1.59
C GLY G 182 -1.45 -41.66 1.80
N ILE G 183 -1.36 -40.58 1.03
CA ILE G 183 -0.23 -39.66 1.13
C ILE G 183 -0.29 -38.81 2.41
N PRO G 184 0.82 -38.76 3.17
CA PRO G 184 0.98 -38.01 4.43
C PRO G 184 0.76 -36.51 4.28
N ASP G 185 0.60 -35.83 5.41
CA ASP G 185 0.37 -34.38 5.39
C ASP G 185 1.63 -33.61 5.01
N HIS G 186 2.80 -34.11 5.40
CA HIS G 186 4.04 -33.41 5.07
C HIS G 186 4.46 -33.59 3.60
N VAL G 187 3.62 -34.27 2.82
CA VAL G 187 3.91 -34.50 1.40
C VAL G 187 2.82 -33.84 0.55
N GLU G 188 3.23 -33.16 -0.52
CA GLU G 188 2.30 -32.50 -1.41
C GLU G 188 2.38 -33.07 -2.81
N ILE G 189 1.22 -33.12 -3.47
CA ILE G 189 1.16 -33.63 -4.83
C ILE G 189 1.40 -32.47 -5.77
N VAL G 190 2.36 -32.59 -6.68
CA VAL G 190 2.58 -31.51 -7.62
C VAL G 190 2.03 -31.93 -8.99
N ALA G 191 2.05 -33.22 -9.27
CA ALA G 191 1.53 -33.70 -10.55
C ALA G 191 0.95 -35.11 -10.56
N TRP G 192 -0.06 -35.27 -11.41
CA TRP G 192 -0.69 -36.56 -11.63
C TRP G 192 -0.43 -36.79 -13.12
N LEU G 193 0.31 -37.83 -13.44
CA LEU G 193 0.65 -38.10 -14.83
C LEU G 193 -0.01 -39.34 -15.39
N CYS G 194 -0.49 -39.25 -16.62
CA CYS G 194 -1.09 -40.39 -17.31
C CYS G 194 -0.09 -40.84 -18.36
N LEU G 195 0.20 -42.14 -18.40
CA LEU G 195 1.17 -42.65 -19.37
C LEU G 195 0.67 -43.82 -20.19
N GLY G 196 1.16 -43.90 -21.42
CA GLY G 196 0.77 -44.98 -22.29
C GLY G 196 1.38 -44.81 -23.66
N PHE G 197 1.65 -45.92 -24.34
CA PHE G 197 2.21 -45.87 -25.67
C PHE G 197 1.20 -45.16 -26.56
N VAL G 198 1.68 -44.57 -27.64
CA VAL G 198 0.84 -43.89 -28.61
C VAL G 198 1.45 -44.16 -29.98
N ASP G 199 0.61 -44.20 -31.02
CA ASP G 199 1.11 -44.41 -32.37
C ASP G 199 0.83 -43.17 -33.21
N ARG G 200 0.22 -42.17 -32.57
CA ARG G 200 -0.10 -40.91 -33.23
C ARG G 200 -0.04 -39.77 -32.21
N LEU G 201 0.46 -38.61 -32.66
CA LEU G 201 0.59 -37.43 -31.81
C LEU G 201 0.18 -36.19 -32.59
N TYR G 202 -0.34 -35.19 -31.87
CA TYR G 202 -0.71 -33.92 -32.49
C TYR G 202 0.58 -33.23 -32.90
N GLN G 203 0.54 -32.46 -33.99
CA GLN G 203 1.76 -31.78 -34.43
C GLN G 203 1.91 -30.42 -33.77
N GLU G 204 0.83 -29.93 -33.18
CA GLU G 204 0.81 -28.66 -32.47
C GLU G 204 -0.03 -28.88 -31.23
N PRO G 205 0.03 -27.97 -30.24
CA PRO G 205 -0.79 -28.17 -29.05
C PRO G 205 -2.25 -28.36 -29.41
N GLU G 206 -2.87 -29.37 -28.79
CA GLU G 206 -4.27 -29.69 -29.04
C GLU G 206 -5.18 -28.51 -28.66
N LEU G 207 -4.87 -27.86 -27.55
CA LEU G 207 -5.66 -26.73 -27.10
C LEU G 207 -5.63 -25.60 -28.14
N ALA G 208 -4.57 -25.56 -28.95
CA ALA G 208 -4.45 -24.54 -29.99
C ALA G 208 -5.38 -24.91 -31.15
N ALA G 209 -5.29 -26.16 -31.59
CA ALA G 209 -6.09 -26.65 -32.70
C ALA G 209 -7.59 -26.56 -32.42
N LYS G 210 -7.99 -26.68 -31.16
CA LYS G 210 -9.39 -26.61 -30.81
C LYS G 210 -9.85 -25.20 -30.48
N GLY G 211 -9.05 -24.23 -30.93
CA GLY G 211 -9.38 -22.83 -30.72
C GLY G 211 -9.55 -22.32 -29.31
N TRP G 212 -8.85 -22.90 -28.34
CA TRP G 212 -8.97 -22.43 -26.97
C TRP G 212 -7.97 -21.31 -26.75
N ARG G 213 -6.73 -21.54 -27.14
CA ARG G 213 -5.69 -20.54 -26.97
C ARG G 213 -4.57 -20.86 -27.98
N GLN G 214 -4.10 -19.85 -28.70
CA GLN G 214 -3.04 -20.06 -29.70
C GLN G 214 -1.65 -19.86 -29.11
N ARG G 215 -0.64 -20.26 -29.86
CA ARG G 215 0.76 -20.12 -29.44
C ARG G 215 1.07 -18.63 -29.41
N LEU G 216 1.74 -18.18 -28.36
CA LEU G 216 2.08 -16.77 -28.22
C LEU G 216 3.38 -16.45 -28.96
N PRO G 217 3.47 -15.24 -29.53
CA PRO G 217 4.68 -14.83 -30.25
C PRO G 217 5.83 -14.77 -29.25
N LEU G 218 6.82 -15.64 -29.42
CA LEU G 218 7.94 -15.67 -28.49
C LEU G 218 8.69 -14.34 -28.38
N GLU G 219 8.73 -13.55 -29.45
CA GLU G 219 9.44 -12.27 -29.40
C GLU G 219 8.84 -11.29 -28.39
N ASP G 220 7.56 -11.47 -28.06
CA ASP G 220 6.88 -10.58 -27.12
C ASP G 220 7.25 -10.89 -25.68
N LEU G 221 7.81 -12.07 -25.45
CA LEU G 221 8.15 -12.53 -24.12
C LEU G 221 9.62 -12.39 -23.71
N VAL G 222 10.44 -11.83 -24.59
CA VAL G 222 11.86 -11.65 -24.32
C VAL G 222 12.26 -10.19 -24.27
N PHE G 223 12.84 -9.78 -23.15
CA PHE G 223 13.27 -8.40 -22.97
C PHE G 223 14.79 -8.31 -22.88
N GLU G 224 15.32 -7.11 -23.07
CA GLU G 224 16.76 -6.88 -23.00
C GLU G 224 17.14 -6.01 -21.80
N GLU G 225 17.87 -6.61 -20.85
CA GLU G 225 18.35 -5.92 -19.65
C GLU G 225 17.31 -5.50 -18.62
N GLY G 226 16.15 -5.03 -19.06
CA GLY G 226 15.12 -4.63 -18.13
C GLY G 226 13.73 -5.03 -18.58
N TRP G 227 12.79 -5.12 -17.64
CA TRP G 227 11.43 -5.51 -17.98
C TRP G 227 10.79 -4.49 -18.89
N GLY G 228 10.19 -4.99 -19.97
CA GLY G 228 9.52 -4.12 -20.93
C GLY G 228 10.46 -3.46 -21.91
N VAL G 229 11.76 -3.64 -21.70
CA VAL G 229 12.76 -3.03 -22.57
C VAL G 229 13.11 -3.93 -23.76
N ARG G 230 13.11 -3.34 -24.95
CA ARG G 230 13.45 -4.10 -26.15
C ARG G 230 14.86 -3.82 -26.63
N LEU H 12 -3.62 -34.95 -36.50
CA LEU H 12 -2.31 -35.44 -35.97
C LEU H 12 -1.60 -36.38 -36.94
N THR H 13 -0.48 -36.94 -36.50
CA THR H 13 0.29 -37.82 -37.35
C THR H 13 0.95 -38.99 -36.63
N ALA H 14 1.36 -39.97 -37.40
CA ALA H 14 2.01 -41.17 -36.87
C ALA H 14 3.19 -40.79 -35.98
N ALA H 15 3.40 -41.57 -34.93
CA ALA H 15 4.49 -41.31 -34.00
C ALA H 15 4.93 -42.59 -33.33
N GLY H 16 6.16 -42.58 -32.81
CA GLY H 16 6.69 -43.74 -32.12
C GLY H 16 7.95 -43.40 -31.37
N ALA H 17 8.61 -44.43 -30.85
CA ALA H 17 9.84 -44.23 -30.10
C ALA H 17 10.90 -43.62 -31.00
N PHE H 18 11.85 -42.92 -30.40
CA PHE H 18 12.94 -42.31 -31.13
C PHE H 18 13.88 -43.45 -31.52
N SER H 19 14.80 -43.20 -32.45
CA SER H 19 15.73 -44.23 -32.87
C SER H 19 16.66 -44.54 -31.70
N SER H 20 17.37 -45.65 -31.79
CA SER H 20 18.30 -46.05 -30.75
C SER H 20 19.22 -44.90 -30.34
N ASP H 21 19.94 -44.32 -31.31
CA ASP H 21 20.83 -43.23 -30.99
C ASP H 21 20.11 -41.97 -30.55
N GLU H 22 18.96 -41.67 -31.17
CA GLU H 22 18.20 -40.49 -30.80
C GLU H 22 17.84 -40.57 -29.31
N ARG H 23 17.41 -41.76 -28.90
CA ARG H 23 17.04 -42.02 -27.53
C ARG H 23 18.26 -41.85 -26.63
N ALA H 24 19.40 -42.36 -27.08
CA ALA H 24 20.63 -42.25 -26.30
C ALA H 24 21.01 -40.78 -26.08
N ALA H 25 20.83 -39.97 -27.13
CA ALA H 25 21.15 -38.54 -27.05
C ALA H 25 20.30 -37.84 -26.00
N VAL H 26 19.00 -38.13 -25.98
CA VAL H 26 18.09 -37.53 -25.02
C VAL H 26 18.49 -37.89 -23.59
N TYR H 27 18.84 -39.16 -23.37
CA TYR H 27 19.25 -39.57 -22.03
C TYR H 27 20.61 -38.97 -21.67
N ARG H 28 21.45 -38.74 -22.68
CA ARG H 28 22.75 -38.15 -22.40
C ARG H 28 22.56 -36.72 -21.88
N ALA H 29 21.67 -35.96 -22.53
CA ALA H 29 21.41 -34.60 -22.10
C ALA H 29 20.95 -34.61 -20.65
N ILE H 30 19.93 -35.42 -20.38
CA ILE H 30 19.38 -35.55 -19.04
C ILE H 30 20.38 -36.02 -17.99
N GLU H 31 21.17 -37.04 -18.33
CA GLU H 31 22.16 -37.62 -17.42
C GLU H 31 23.48 -36.87 -17.23
N THR H 32 23.83 -35.98 -18.14
CA THR H 32 25.08 -35.24 -17.99
C THR H 32 24.90 -33.75 -17.75
N ARG H 33 23.67 -33.25 -17.80
CA ARG H 33 23.49 -31.84 -17.55
C ARG H 33 23.79 -31.56 -16.07
N ARG H 34 24.45 -30.44 -15.80
CA ARG H 34 24.82 -30.07 -14.44
C ARG H 34 24.44 -28.64 -14.09
N ASP H 35 24.40 -28.35 -12.79
CA ASP H 35 24.14 -26.99 -12.35
C ASP H 35 25.55 -26.40 -12.24
N VAL H 36 25.87 -25.48 -13.13
CA VAL H 36 27.20 -24.90 -13.16
C VAL H 36 27.31 -23.59 -12.40
N ARG H 37 28.43 -23.45 -11.68
CA ARG H 37 28.67 -22.24 -10.91
C ARG H 37 30.04 -21.63 -11.18
N ASP H 38 31.05 -22.47 -11.39
CA ASP H 38 32.40 -21.96 -11.58
C ASP H 38 33.16 -22.33 -12.86
N GLU H 39 32.53 -23.06 -13.77
CA GLU H 39 33.21 -23.45 -15.01
C GLU H 39 32.86 -22.58 -16.22
N PHE H 40 32.06 -21.53 -16.01
CA PHE H 40 31.66 -20.62 -17.08
C PHE H 40 32.87 -19.95 -17.75
N LEU H 41 32.86 -19.93 -19.07
CA LEU H 41 33.93 -19.30 -19.86
C LEU H 41 33.45 -17.91 -20.31
N PRO H 42 34.41 -17.02 -20.65
CA PRO H 42 34.08 -15.66 -21.11
C PRO H 42 33.51 -15.55 -22.52
N GLU H 43 33.65 -16.61 -23.31
CA GLU H 43 33.13 -16.62 -24.69
C GLU H 43 31.67 -16.15 -24.76
N PRO H 44 31.38 -15.19 -25.65
CA PRO H 44 30.00 -14.69 -25.78
C PRO H 44 29.05 -15.73 -26.37
N LEU H 45 27.77 -15.62 -26.03
CA LEU H 45 26.75 -16.51 -26.56
C LEU H 45 26.07 -15.79 -27.73
N SER H 46 26.15 -16.37 -28.91
CA SER H 46 25.55 -15.75 -30.10
C SER H 46 24.05 -15.56 -29.97
N GLU H 47 23.53 -14.60 -30.73
CA GLU H 47 22.11 -14.28 -30.74
C GLU H 47 21.32 -15.51 -31.20
N GLU H 48 21.86 -16.20 -32.20
CA GLU H 48 21.25 -17.39 -32.75
C GLU H 48 21.15 -18.48 -31.67
N LEU H 49 22.24 -18.67 -30.94
CA LEU H 49 22.28 -19.65 -29.86
C LEU H 49 21.19 -19.36 -28.85
N ILE H 50 21.17 -18.14 -28.33
CA ILE H 50 20.17 -17.76 -27.34
C ILE H 50 18.75 -18.00 -27.86
N ALA H 51 18.52 -17.71 -29.13
CA ALA H 51 17.20 -17.90 -29.73
C ALA H 51 16.82 -19.38 -29.71
N ARG H 52 17.79 -20.26 -29.91
CA ARG H 52 17.50 -21.70 -29.89
C ARG H 52 17.09 -22.12 -28.48
N LEU H 53 17.85 -21.67 -27.49
CA LEU H 53 17.55 -22.01 -26.09
C LEU H 53 16.18 -21.49 -25.67
N LEU H 54 15.86 -20.26 -26.05
CA LEU H 54 14.57 -19.69 -25.69
C LEU H 54 13.43 -20.39 -26.43
N GLY H 55 13.65 -20.71 -27.71
CA GLY H 55 12.62 -21.38 -28.46
C GLY H 55 12.30 -22.71 -27.81
N ALA H 56 13.34 -23.36 -27.30
CA ALA H 56 13.18 -24.64 -26.63
C ALA H 56 12.34 -24.42 -25.37
N ALA H 57 12.61 -23.34 -24.66
CA ALA H 57 11.87 -23.03 -23.44
C ALA H 57 10.39 -22.80 -23.75
N HIS H 58 10.14 -22.13 -24.87
CA HIS H 58 8.78 -21.80 -25.30
C HIS H 58 7.98 -23.03 -25.72
N GLN H 59 8.69 -24.13 -26.01
CA GLN H 59 8.05 -25.38 -26.42
C GLN H 59 7.62 -26.21 -25.23
N ALA H 60 7.83 -25.68 -24.02
CA ALA H 60 7.45 -26.44 -22.83
C ALA H 60 5.94 -26.48 -22.69
N PRO H 61 5.43 -27.39 -21.85
CA PRO H 61 3.98 -27.46 -21.67
C PRO H 61 3.62 -26.32 -20.73
N SER H 62 2.33 -26.01 -20.62
CA SER H 62 1.88 -24.94 -19.73
C SER H 62 0.38 -25.12 -19.48
N VAL H 63 0.00 -25.11 -18.21
CA VAL H 63 -1.39 -25.28 -17.84
C VAL H 63 -2.32 -24.37 -18.65
N GLY H 64 -3.40 -24.95 -19.15
CA GLY H 64 -4.36 -24.20 -19.95
C GLY H 64 -3.70 -23.50 -21.12
N PHE H 65 -2.48 -23.92 -21.47
CA PHE H 65 -1.70 -23.31 -22.55
C PHE H 65 -1.54 -21.82 -22.28
N MET H 66 -1.46 -21.50 -21.00
CA MET H 66 -1.30 -20.12 -20.51
C MET H 66 0.01 -19.47 -20.98
N GLN H 67 1.07 -20.28 -21.10
CA GLN H 67 2.38 -19.76 -21.54
C GLN H 67 2.71 -18.50 -20.73
N PRO H 68 2.78 -18.63 -19.39
CA PRO H 68 3.05 -17.56 -18.41
C PRO H 68 4.45 -16.95 -18.34
N TRP H 69 5.41 -17.53 -19.04
CA TRP H 69 6.79 -17.03 -18.98
C TRP H 69 7.20 -15.79 -19.76
N ASN H 70 8.30 -15.23 -19.29
CA ASN H 70 8.96 -14.07 -19.87
C ASN H 70 10.42 -14.31 -19.51
N PHE H 71 11.33 -13.79 -20.33
CA PHE H 71 12.75 -13.95 -20.11
C PHE H 71 13.45 -12.60 -20.22
N VAL H 72 14.14 -12.19 -19.14
CA VAL H 72 14.87 -10.93 -19.16
C VAL H 72 16.35 -11.28 -19.32
N LEU H 73 16.88 -11.06 -20.51
CA LEU H 73 18.27 -11.35 -20.79
C LEU H 73 19.14 -10.29 -20.12
N VAL H 74 20.10 -10.73 -19.31
CA VAL H 74 20.96 -9.80 -18.61
C VAL H 74 22.44 -10.01 -18.92
N ARG H 75 23.06 -9.02 -19.55
CA ARG H 75 24.48 -9.11 -19.88
C ARG H 75 25.30 -7.91 -19.45
N GLN H 76 24.66 -6.92 -18.84
CA GLN H 76 25.37 -5.72 -18.39
C GLN H 76 26.09 -5.93 -17.06
N ASP H 77 27.33 -5.45 -17.00
CA ASP H 77 28.14 -5.57 -15.80
C ASP H 77 27.51 -5.04 -14.54
N GLU H 78 27.03 -3.80 -14.57
CA GLU H 78 26.42 -3.19 -13.40
C GLU H 78 25.20 -3.96 -12.90
N THR H 79 24.44 -4.54 -13.80
CA THR H 79 23.26 -5.30 -13.39
C THR H 79 23.73 -6.58 -12.71
N ARG H 80 24.77 -7.19 -13.26
CA ARG H 80 25.30 -8.41 -12.66
C ARG H 80 25.87 -8.14 -11.28
N GLU H 81 26.45 -6.97 -11.09
CA GLU H 81 27.04 -6.60 -9.81
C GLU H 81 25.97 -6.36 -8.73
N LYS H 82 24.85 -5.76 -9.11
CA LYS H 82 23.79 -5.51 -8.13
C LYS H 82 23.14 -6.83 -7.73
N VAL H 83 22.90 -7.68 -8.72
CA VAL H 83 22.29 -8.98 -8.47
C VAL H 83 23.23 -9.83 -7.64
N TRP H 84 24.54 -9.62 -7.81
CA TRP H 84 25.51 -10.38 -7.04
C TRP H 84 25.44 -9.88 -5.60
N GLN H 85 25.31 -8.57 -5.42
CA GLN H 85 25.22 -8.01 -4.08
C GLN H 85 23.94 -8.51 -3.41
N ALA H 86 22.89 -8.67 -4.21
CA ALA H 86 21.62 -9.16 -3.68
C ALA H 86 21.87 -10.60 -3.18
N PHE H 87 22.63 -11.37 -3.93
CA PHE H 87 22.93 -12.75 -3.53
C PHE H 87 23.74 -12.76 -2.24
N GLN H 88 24.82 -11.99 -2.20
CA GLN H 88 25.68 -11.92 -1.01
C GLN H 88 24.89 -11.64 0.26
N ARG H 89 23.98 -10.68 0.21
CA ARG H 89 23.20 -10.34 1.38
C ARG H 89 22.35 -11.52 1.87
N ALA H 90 21.63 -12.16 0.96
CA ALA H 90 20.79 -13.29 1.32
C ALA H 90 21.62 -14.51 1.72
N ASN H 91 22.76 -14.70 1.07
CA ASN H 91 23.59 -15.85 1.40
C ASN H 91 24.17 -15.76 2.82
N ASP H 92 24.49 -14.54 3.26
CA ASP H 92 25.01 -14.36 4.61
C ASP H 92 23.92 -14.72 5.60
N GLU H 93 22.68 -14.39 5.25
CA GLU H 93 21.53 -14.69 6.09
C GLU H 93 21.31 -16.20 6.14
N ALA H 94 21.46 -16.86 4.99
CA ALA H 94 21.28 -18.30 4.90
C ALA H 94 22.31 -19.02 5.75
N ALA H 95 23.54 -18.53 5.71
CA ALA H 95 24.62 -19.14 6.47
C ALA H 95 24.35 -19.15 7.98
N GLU H 96 23.73 -18.09 8.49
CA GLU H 96 23.43 -17.99 9.91
C GLU H 96 22.32 -18.96 10.33
N MET H 97 21.70 -19.61 9.36
CA MET H 97 20.63 -20.57 9.66
C MET H 97 21.21 -21.96 9.89
N PHE H 98 22.53 -22.05 9.83
CA PHE H 98 23.24 -23.31 10.05
C PHE H 98 24.20 -23.06 11.20
N SER H 99 24.71 -24.14 11.79
CA SER H 99 25.64 -24.01 12.92
C SER H 99 26.86 -24.90 12.75
N GLY H 100 27.87 -24.61 13.56
CA GLY H 100 29.11 -25.37 13.56
C GLY H 100 29.64 -25.82 12.21
N GLU H 101 30.04 -27.09 12.15
CA GLU H 101 30.59 -27.72 10.96
C GLU H 101 29.75 -27.48 9.71
N ARG H 102 28.46 -27.76 9.79
CA ARG H 102 27.57 -27.55 8.64
C ARG H 102 27.65 -26.12 8.13
N GLN H 103 27.55 -25.16 9.05
CA GLN H 103 27.63 -23.75 8.66
C GLN H 103 28.95 -23.52 7.93
N ALA H 104 30.03 -24.06 8.49
CA ALA H 104 31.34 -23.92 7.87
C ALA H 104 31.34 -24.54 6.47
N LYS H 105 30.71 -25.71 6.35
CA LYS H 105 30.63 -26.40 5.08
C LYS H 105 29.81 -25.54 4.12
N TYR H 106 28.71 -24.98 4.63
CA TYR H 106 27.85 -24.13 3.83
C TYR H 106 28.60 -22.93 3.25
N ARG H 107 29.45 -22.34 4.09
CA ARG H 107 30.22 -21.15 3.72
C ARG H 107 31.28 -21.37 2.65
N SER H 108 31.74 -22.60 2.49
CA SER H 108 32.76 -22.90 1.50
C SER H 108 32.16 -23.27 0.14
N LEU H 109 30.84 -23.33 0.07
CA LEU H 109 30.17 -23.69 -1.17
C LEU H 109 30.05 -22.53 -2.13
N LYS H 110 30.26 -22.77 -3.42
CA LYS H 110 30.08 -21.71 -4.40
C LYS H 110 28.67 -21.97 -4.91
N LEU H 111 27.78 -21.00 -4.72
CA LEU H 111 26.40 -21.17 -5.10
C LEU H 111 25.87 -20.24 -6.18
N GLU H 112 26.77 -19.67 -6.96
CA GLU H 112 26.37 -18.77 -8.04
C GLU H 112 27.56 -18.41 -8.91
N GLY H 113 27.28 -18.12 -10.17
CA GLY H 113 28.31 -17.71 -11.11
C GLY H 113 27.81 -16.45 -11.80
N ILE H 114 27.09 -15.64 -11.04
CA ILE H 114 26.51 -14.40 -11.55
C ILE H 114 27.49 -13.48 -12.28
N ARG H 115 28.68 -13.29 -11.72
CA ARG H 115 29.65 -12.39 -12.35
C ARG H 115 30.55 -13.06 -13.39
N LYS H 116 30.69 -14.39 -13.31
CA LYS H 116 31.52 -15.16 -14.23
C LYS H 116 30.77 -15.48 -15.52
N ALA H 117 29.50 -15.82 -15.40
CA ALA H 117 28.67 -16.15 -16.55
C ALA H 117 28.41 -14.91 -17.39
N PRO H 118 28.78 -14.96 -18.68
CA PRO H 118 28.58 -13.81 -19.57
C PRO H 118 27.10 -13.47 -19.79
N LEU H 119 26.22 -14.42 -19.51
CA LEU H 119 24.78 -14.19 -19.67
C LEU H 119 23.96 -14.78 -18.54
N SER H 120 22.99 -14.00 -18.08
CA SER H 120 22.07 -14.45 -17.04
C SER H 120 20.69 -14.23 -17.61
N ILE H 121 19.73 -15.00 -17.13
CA ILE H 121 18.36 -14.87 -17.60
C ILE H 121 17.41 -14.95 -16.42
N CYS H 122 16.59 -13.93 -16.25
CA CYS H 122 15.62 -13.93 -15.18
C CYS H 122 14.33 -14.48 -15.81
N VAL H 123 13.92 -15.66 -15.35
CA VAL H 123 12.72 -16.32 -15.89
C VAL H 123 11.54 -16.02 -14.97
N THR H 124 10.51 -15.41 -15.54
CA THR H 124 9.34 -15.03 -14.76
C THR H 124 8.03 -15.74 -15.13
N CYS H 125 7.03 -15.54 -14.27
CA CYS H 125 5.71 -16.10 -14.47
C CYS H 125 4.67 -15.00 -14.21
N ASP H 126 3.96 -14.61 -15.27
CA ASP H 126 2.93 -13.57 -15.17
C ASP H 126 1.64 -14.16 -14.60
N ARG H 127 1.43 -14.00 -13.29
CA ARG H 127 0.25 -14.54 -12.62
C ARG H 127 -1.11 -14.16 -13.18
N THR H 128 -1.19 -13.01 -13.89
CA THR H 128 -2.47 -12.57 -14.43
C THR H 128 -2.68 -12.82 -15.92
N ARG H 129 -1.76 -13.55 -16.56
CA ARG H 129 -1.91 -13.83 -17.99
C ARG H 129 -2.99 -14.91 -18.13
N GLY H 130 -3.61 -14.98 -19.31
CA GLY H 130 -4.63 -15.98 -19.54
C GLY H 130 -6.05 -15.56 -19.20
N GLY H 131 -6.23 -14.29 -18.84
CA GLY H 131 -7.56 -13.82 -18.51
C GLY H 131 -8.00 -14.11 -17.09
N ALA H 132 -9.28 -13.86 -16.82
CA ALA H 132 -9.88 -14.06 -15.50
C ALA H 132 -9.73 -15.46 -14.90
N VAL H 133 -9.94 -16.49 -15.72
CA VAL H 133 -9.84 -17.87 -15.25
C VAL H 133 -9.00 -18.72 -16.21
N VAL H 134 -8.02 -19.42 -15.65
CA VAL H 134 -7.13 -20.26 -16.44
C VAL H 134 -7.41 -21.75 -16.33
N LEU H 135 -7.71 -22.36 -17.47
CA LEU H 135 -8.00 -23.78 -17.54
C LEU H 135 -6.84 -24.52 -16.86
N GLY H 136 -7.17 -25.48 -16.02
CA GLY H 136 -6.14 -26.25 -15.32
C GLY H 136 -5.55 -25.63 -14.07
N ARG H 137 -5.83 -24.35 -13.83
CA ARG H 137 -5.30 -23.67 -12.64
C ARG H 137 -6.41 -23.36 -11.64
N THR H 138 -7.61 -23.81 -11.96
CA THR H 138 -8.80 -23.61 -11.13
C THR H 138 -8.75 -24.28 -9.74
N HIS H 139 -8.01 -25.36 -9.61
CA HIS H 139 -7.94 -26.06 -8.33
C HIS H 139 -6.57 -26.04 -7.65
N ASN H 140 -5.57 -25.51 -8.34
CA ASN H 140 -4.21 -25.39 -7.80
C ASN H 140 -3.59 -24.16 -8.46
N PRO H 141 -3.58 -23.03 -7.75
CA PRO H 141 -3.05 -21.74 -8.22
C PRO H 141 -1.57 -21.69 -8.57
N GLN H 142 -0.82 -22.70 -8.16
CA GLN H 142 0.61 -22.73 -8.42
C GLN H 142 0.99 -23.34 -9.77
N MET H 143 0.01 -23.90 -10.49
CA MET H 143 0.25 -24.53 -11.79
C MET H 143 0.88 -23.60 -12.82
N ASP H 144 0.64 -22.29 -12.73
CA ASP H 144 1.27 -21.39 -13.69
C ASP H 144 2.77 -21.30 -13.39
N LEU H 145 3.12 -21.32 -12.11
CA LEU H 145 4.52 -21.25 -11.69
C LEU H 145 5.23 -22.54 -12.13
N TYR H 146 4.52 -23.67 -11.99
CA TYR H 146 5.08 -24.96 -12.37
C TYR H 146 5.35 -25.00 -13.87
N SER H 147 4.48 -24.37 -14.64
CA SER H 147 4.63 -24.32 -16.09
C SER H 147 5.95 -23.64 -16.41
N THR H 148 6.19 -22.52 -15.75
CA THR H 148 7.42 -21.76 -15.95
C THR H 148 8.63 -22.66 -15.69
N VAL H 149 8.55 -23.50 -14.66
CA VAL H 149 9.67 -24.38 -14.37
C VAL H 149 9.92 -25.37 -15.51
N CYS H 150 8.85 -25.83 -16.15
CA CYS H 150 9.00 -26.75 -17.28
C CYS H 150 9.80 -26.07 -18.37
N ALA H 151 9.55 -24.77 -18.58
CA ALA H 151 10.28 -24.01 -19.59
C ALA H 151 11.76 -23.94 -19.22
N VAL H 152 12.04 -23.86 -17.92
CA VAL H 152 13.41 -23.78 -17.43
C VAL H 152 14.19 -25.08 -17.63
N GLN H 153 13.51 -26.21 -17.44
CA GLN H 153 14.18 -27.50 -17.60
C GLN H 153 14.49 -27.76 -19.07
N ASN H 154 13.62 -27.34 -19.98
CA ASN H 154 13.87 -27.52 -21.41
C ASN H 154 15.10 -26.71 -21.81
N LEU H 155 15.20 -25.49 -21.29
CA LEU H 155 16.33 -24.63 -21.61
C LEU H 155 17.61 -25.28 -21.09
N TRP H 156 17.55 -25.77 -19.85
CA TRP H 156 18.69 -26.40 -19.20
C TRP H 156 19.23 -27.58 -20.02
N LEU H 157 18.32 -28.42 -20.49
CA LEU H 157 18.68 -29.59 -21.28
C LEU H 157 19.19 -29.21 -22.66
N ALA H 158 18.51 -28.26 -23.29
CA ALA H 158 18.92 -27.78 -24.60
C ALA H 158 20.30 -27.14 -24.47
N ALA H 159 20.51 -26.44 -23.35
CA ALA H 159 21.80 -25.78 -23.11
C ALA H 159 22.94 -26.83 -23.03
N ARG H 160 22.70 -27.92 -22.32
CA ARG H 160 23.73 -28.96 -22.19
C ARG H 160 24.12 -29.50 -23.56
N ALA H 161 23.11 -29.70 -24.42
CA ALA H 161 23.32 -30.21 -25.77
C ALA H 161 24.18 -29.26 -26.59
N GLU H 162 24.01 -27.96 -26.37
CA GLU H 162 24.76 -26.93 -27.08
C GLU H 162 26.12 -26.69 -26.45
N GLY H 163 26.41 -27.40 -25.36
CA GLY H 163 27.67 -27.23 -24.66
C GLY H 163 27.65 -26.00 -23.77
N VAL H 164 26.44 -25.60 -23.37
CA VAL H 164 26.25 -24.42 -22.52
C VAL H 164 25.89 -24.78 -21.07
N GLY H 165 26.72 -24.32 -20.14
CA GLY H 165 26.46 -24.59 -18.75
C GLY H 165 25.35 -23.69 -18.24
N VAL H 166 24.59 -24.20 -17.28
CA VAL H 166 23.49 -23.44 -16.69
C VAL H 166 23.44 -23.69 -15.20
N GLY H 167 23.17 -22.62 -14.45
CA GLY H 167 23.09 -22.72 -13.01
C GLY H 167 21.91 -21.89 -12.52
N TRP H 168 21.14 -22.46 -11.62
CA TRP H 168 19.98 -21.79 -11.05
C TRP H 168 20.46 -21.14 -9.77
N VAL H 169 20.08 -19.90 -9.53
CA VAL H 169 20.44 -19.20 -8.30
C VAL H 169 19.13 -18.75 -7.69
N SER H 170 18.74 -19.38 -6.58
CA SER H 170 17.50 -19.03 -5.92
C SER H 170 17.75 -18.34 -4.59
N ILE H 171 18.98 -17.92 -4.35
CA ILE H 171 19.30 -17.29 -3.09
C ILE H 171 19.34 -15.76 -3.06
N PHE H 172 18.15 -15.17 -2.93
CA PHE H 172 18.00 -13.72 -2.79
C PHE H 172 16.60 -13.33 -2.38
N HIS H 173 16.43 -12.04 -2.13
CA HIS H 173 15.12 -11.51 -1.80
C HIS H 173 14.52 -11.16 -3.16
N GLU H 174 13.36 -11.74 -3.47
CA GLU H 174 12.74 -11.47 -4.75
C GLU H 174 12.55 -9.97 -4.96
N SER H 175 11.98 -9.30 -3.97
CA SER H 175 11.74 -7.86 -4.06
C SER H 175 12.96 -7.10 -4.58
N GLU H 176 14.16 -7.47 -4.15
CA GLU H 176 15.36 -6.79 -4.61
C GLU H 176 15.60 -6.97 -6.11
N ILE H 177 15.52 -8.21 -6.58
CA ILE H 177 15.72 -8.48 -7.99
C ILE H 177 14.65 -7.77 -8.83
N LYS H 178 13.40 -7.84 -8.39
CA LYS H 178 12.32 -7.21 -9.11
C LYS H 178 12.58 -5.70 -9.26
N ALA H 179 13.07 -5.07 -8.20
CA ALA H 179 13.36 -3.64 -8.24
C ALA H 179 14.49 -3.38 -9.23
N ILE H 180 15.53 -4.19 -9.18
CA ILE H 180 16.67 -4.03 -10.08
C ILE H 180 16.23 -4.11 -11.54
N LEU H 181 15.39 -5.09 -11.86
CA LEU H 181 14.93 -5.27 -13.24
C LEU H 181 13.60 -4.60 -13.58
N GLY H 182 13.00 -3.93 -12.60
CA GLY H 182 11.74 -3.25 -12.82
C GLY H 182 10.58 -4.18 -13.13
N ILE H 183 10.58 -5.37 -12.50
CA ILE H 183 9.51 -6.34 -12.70
C ILE H 183 8.24 -5.98 -11.92
N PRO H 184 7.08 -5.98 -12.61
CA PRO H 184 5.76 -5.64 -12.08
C PRO H 184 5.27 -6.54 -10.95
N ASP H 185 4.33 -6.04 -10.16
CA ASP H 185 3.79 -6.81 -9.04
C ASP H 185 3.04 -8.05 -9.53
N HIS H 186 2.41 -7.97 -10.70
CA HIS H 186 1.65 -9.11 -11.20
C HIS H 186 2.53 -10.20 -11.81
N VAL H 187 3.84 -10.00 -11.77
CA VAL H 187 4.80 -10.96 -12.30
C VAL H 187 5.71 -11.44 -11.16
N GLU H 188 5.86 -12.74 -11.02
CA GLU H 188 6.70 -13.30 -9.97
C GLU H 188 7.92 -13.97 -10.59
N ILE H 189 9.08 -13.76 -9.96
CA ILE H 189 10.32 -14.34 -10.44
C ILE H 189 10.34 -15.83 -10.10
N VAL H 190 10.63 -16.65 -11.10
CA VAL H 190 10.69 -18.09 -10.85
C VAL H 190 12.14 -18.51 -10.69
N ALA H 191 13.00 -18.11 -11.63
CA ALA H 191 14.41 -18.48 -11.55
C ALA H 191 15.39 -17.45 -12.10
N TRP H 192 16.61 -17.52 -11.60
CA TRP H 192 17.70 -16.69 -12.09
C TRP H 192 18.67 -17.72 -12.63
N LEU H 193 18.97 -17.65 -13.92
CA LEU H 193 19.89 -18.60 -14.54
C LEU H 193 21.16 -17.92 -15.03
N CYS H 194 22.30 -18.52 -14.73
CA CYS H 194 23.57 -17.98 -15.22
C CYS H 194 23.94 -18.92 -16.36
N LEU H 195 24.27 -18.37 -17.53
CA LEU H 195 24.64 -19.19 -18.69
C LEU H 195 26.03 -18.89 -19.22
N GLY H 196 26.67 -19.92 -19.77
CA GLY H 196 27.99 -19.75 -20.33
C GLY H 196 28.59 -21.06 -20.83
N PHE H 197 29.41 -20.97 -21.87
CA PHE H 197 30.06 -22.15 -22.41
C PHE H 197 30.98 -22.72 -21.33
N VAL H 198 31.30 -24.01 -21.46
CA VAL H 198 32.20 -24.68 -20.53
C VAL H 198 32.86 -25.83 -21.30
N ASP H 199 34.05 -26.26 -20.86
CA ASP H 199 34.72 -27.38 -21.50
C ASP H 199 35.01 -28.45 -20.47
N ARG H 200 34.47 -28.25 -19.27
CA ARG H 200 34.64 -29.19 -18.18
C ARG H 200 33.38 -29.23 -17.32
N LEU H 201 32.94 -30.43 -16.99
CA LEU H 201 31.75 -30.63 -16.17
C LEU H 201 31.96 -31.72 -15.13
N TYR H 202 31.38 -31.52 -13.95
CA TYR H 202 31.46 -32.51 -12.89
C TYR H 202 30.70 -33.71 -13.44
N GLN H 203 31.14 -34.92 -13.07
CA GLN H 203 30.49 -36.14 -13.55
C GLN H 203 29.31 -36.55 -12.68
N GLU H 204 29.22 -35.96 -11.49
CA GLU H 204 28.14 -36.23 -10.55
C GLU H 204 27.85 -34.90 -9.84
N PRO H 205 26.65 -34.76 -9.24
CA PRO H 205 26.32 -33.51 -8.55
C PRO H 205 27.48 -33.01 -7.68
N GLU H 206 27.89 -31.78 -7.93
CA GLU H 206 28.99 -31.15 -7.20
C GLU H 206 28.69 -31.18 -5.70
N LEU H 207 27.43 -31.01 -5.34
CA LEU H 207 27.04 -31.03 -3.93
C LEU H 207 27.29 -32.41 -3.32
N ALA H 208 27.24 -33.44 -4.15
CA ALA H 208 27.50 -34.80 -3.65
C ALA H 208 29.00 -34.94 -3.46
N ALA H 209 29.77 -34.50 -4.45
CA ALA H 209 31.23 -34.60 -4.36
C ALA H 209 31.79 -33.81 -3.20
N LYS H 210 31.14 -32.71 -2.84
CA LYS H 210 31.59 -31.89 -1.73
C LYS H 210 30.99 -32.27 -0.38
N GLY H 211 30.30 -33.41 -0.35
CA GLY H 211 29.73 -33.92 0.88
C GLY H 211 28.56 -33.23 1.56
N TRP H 212 27.73 -32.52 0.80
CA TRP H 212 26.59 -31.84 1.40
C TRP H 212 25.43 -32.83 1.51
N ARG H 213 25.16 -33.52 0.41
CA ARG H 213 24.10 -34.53 0.33
C ARG H 213 24.43 -35.51 -0.78
N GLN H 214 24.19 -36.79 -0.55
CA GLN H 214 24.47 -37.82 -1.54
C GLN H 214 23.21 -38.11 -2.34
N ARG H 215 23.36 -38.86 -3.42
CA ARG H 215 22.22 -39.22 -4.26
C ARG H 215 21.35 -40.22 -3.51
N LEU H 216 20.06 -39.95 -3.42
CA LEU H 216 19.15 -40.85 -2.74
C LEU H 216 18.89 -42.10 -3.59
N PRO H 217 18.72 -43.26 -2.95
CA PRO H 217 18.45 -44.50 -3.69
C PRO H 217 17.07 -44.32 -4.32
N LEU H 218 16.99 -44.47 -5.64
CA LEU H 218 15.71 -44.29 -6.32
C LEU H 218 14.65 -45.27 -5.83
N GLU H 219 15.08 -46.48 -5.46
CA GLU H 219 14.15 -47.50 -4.99
C GLU H 219 13.36 -47.07 -3.75
N ASP H 220 13.93 -46.21 -2.92
CA ASP H 220 13.23 -45.74 -1.71
C ASP H 220 12.16 -44.73 -2.05
N LEU H 221 12.20 -44.19 -3.26
CA LEU H 221 11.24 -43.16 -3.65
C LEU H 221 10.05 -43.60 -4.48
N VAL H 222 10.04 -44.87 -4.88
CA VAL H 222 8.96 -45.39 -5.71
C VAL H 222 8.05 -46.35 -4.96
N PHE H 223 6.75 -46.10 -5.06
CA PHE H 223 5.75 -46.93 -4.38
C PHE H 223 4.78 -47.53 -5.40
N GLU H 224 4.20 -48.68 -5.04
CA GLU H 224 3.24 -49.36 -5.90
C GLU H 224 1.82 -49.23 -5.35
N GLU H 225 0.97 -48.52 -6.09
CA GLU H 225 -0.44 -48.30 -5.75
C GLU H 225 -0.72 -47.39 -4.56
N GLY H 226 0.07 -47.50 -3.50
CA GLY H 226 -0.17 -46.65 -2.34
C GLY H 226 1.10 -46.18 -1.66
N TRP H 227 1.00 -45.05 -0.97
CA TRP H 227 2.15 -44.50 -0.28
C TRP H 227 2.70 -45.48 0.75
N GLY H 228 4.02 -45.63 0.77
CA GLY H 228 4.66 -46.54 1.71
C GLY H 228 4.57 -48.00 1.30
N VAL H 229 3.90 -48.26 0.18
CA VAL H 229 3.74 -49.61 -0.33
C VAL H 229 4.72 -49.88 -1.45
N ARG H 230 5.55 -50.90 -1.30
CA ARG H 230 6.54 -51.25 -2.31
C ARG H 230 6.04 -52.31 -3.30
C9A FNR I . 0.23 23.17 10.79
N10 FNR I . 0.92 22.20 9.96
CAA FNR I . 2.20 22.50 9.38
N1 FNR I . 2.82 21.55 8.58
C2 FNR I . 4.01 21.80 8.01
O2 FNR I . 4.53 20.94 7.30
N3 FNR I . 4.66 23.00 8.20
C4 FNR I . 4.06 24.02 9.03
O4 FNR I . 4.65 25.07 9.19
C4A FNR I . 2.79 23.76 9.63
N5 FNR I . 2.13 24.73 10.46
C5A FNR I . 0.84 24.44 11.03
C6 FNR I . 0.19 25.45 11.84
C7 FNR I . -1.11 25.14 12.39
C7M FNR I . -1.77 26.24 13.23
C8 FNR I . -1.73 23.87 12.13
C8M FNR I . -3.12 23.46 12.68
C9 FNR I . -1.08 22.91 11.36
C1' FNR I . 0.26 20.91 9.75
C2' FNR I . 0.51 19.84 10.84
O2' FNR I . 1.90 19.45 10.89
C3' FNR I . -0.39 18.76 10.41
O3' FNR I . -1.76 19.09 10.75
C4' FNR I . -0.14 17.30 10.89
O4' FNR I . 1.23 17.01 11.17
C5' FNR I . -0.70 16.63 9.70
O5' FNR I . -1.99 16.23 10.06
P FNR I . -2.94 15.75 8.94
O1P FNR I . -3.21 17.25 8.48
O2P FNR I . -4.20 15.25 9.52
O3P FNR I . -2.20 15.07 7.82
C9A FNR J . -18.56 33.49 18.07
N10 FNR J . -20.00 33.62 18.15
CAA FNR J . -20.64 34.00 19.39
N1 FNR J . -22.01 34.08 19.44
C2 FNR J . -22.66 34.41 20.57
O2 FNR J . -23.89 34.44 20.57
N3 FNR J . -21.96 34.70 21.74
C4 FNR J . -20.53 34.64 21.75
O4 FNR J . -19.92 34.88 22.77
C4A FNR J . -19.85 34.27 20.52
N5 FNR J . -18.42 34.17 20.46
C5A FNR J . -17.77 33.78 19.25
C6 FNR J . -16.35 33.66 19.23
C7 FNR J . -15.69 33.24 18.03
C7M FNR J . -14.16 33.13 18.10
C8 FNR J . -16.47 32.95 16.85
C8M FNR J . -15.87 32.49 15.50
C9 FNR J . -17.88 33.07 16.86
C1' FNR J . -20.80 33.33 16.93
C2' FNR J . -20.93 34.53 15.94
O2' FNR J . -21.65 35.63 16.54
C3' FNR J . -21.66 33.99 14.73
O3' FNR J . -20.80 32.93 14.18
C4' FNR J . -21.95 35.00 13.56
O4' FNR J . -22.64 36.16 14.06
C5' FNR J . -22.80 34.32 12.45
O5' FNR J . -22.57 32.94 12.58
P FNR J . -23.19 31.79 11.72
O1P FNR J . -24.71 31.88 12.17
O2P FNR J . -22.60 30.59 12.24
O3P FNR J . -23.06 32.11 10.28
C9A FNR K . 13.45 1.03 48.21
N10 FNR K . 14.74 1.35 48.79
CAA FNR K . 14.91 2.47 49.66
N1 FNR K . 16.17 2.76 50.18
C2 FNR K . 16.37 3.83 50.98
O2 FNR K . 17.50 4.07 51.41
N3 FNR K . 15.33 4.67 51.33
C4 FNR K . 14.00 4.42 50.83
O4 FNR K . 13.09 5.16 51.14
C4A FNR K . 13.80 3.29 49.96
N5 FNR K . 12.49 2.99 49.41
C5A FNR K . 12.33 1.87 48.53
C6 FNR K . 11.04 1.62 47.96
C7 FNR K . 10.88 0.50 47.07
C7M FNR K . 9.48 0.27 46.48
C8 FNR K . 12.02 -0.34 46.74
C8M FNR K . 11.96 -1.55 45.78
C9 FNR K . 13.28 -0.08 47.31
C1' FNR K . 15.86 0.47 48.45
C2' FNR K . 16.05 -0.77 49.37
O2' FNR K . 16.44 -0.38 50.70
C3' FNR K . 17.13 -1.49 48.68
O3' FNR K . 16.56 -2.08 47.48
C4' FNR K . 17.92 -2.63 49.39
O4' FNR K . 18.10 -2.40 50.79
C5' FNR K . 19.12 -2.51 48.54
O5' FNR K . 19.15 -3.57 47.65
P FNR K . 20.19 -3.44 46.50
O1P FNR K . 19.30 -2.40 45.72
O2P FNR K . 20.22 -4.68 45.71
O3P FNR K . 21.41 -2.70 46.92
C9A FNR L . -0.15 -6.05 31.62
N10 FNR L . -0.40 -6.61 30.31
CAA FNR L . -1.50 -7.49 30.06
N1 FNR L . -1.68 -8.04 28.80
C2 FNR L . -2.69 -8.89 28.55
O2 FNR L . -2.83 -9.38 27.42
N3 FNR L . -3.58 -9.25 29.55
C4 FNR L . -3.44 -8.71 30.88
O4 FNR L . -4.21 -9.02 31.74
C4A FNR L . -2.35 -7.80 31.12
N5 FNR L . -2.14 -7.25 32.44
C5A FNR L . -1.04 -6.37 32.69
C6 FNR L . -0.83 -5.84 34.00
C7 FNR L . 0.31 -4.99 34.22
C7M FNR L . 0.50 -4.46 35.65
C8 FNR L . 1.20 -4.66 33.14
C8M FNR L . 2.46 -3.77 33.26
C9 FNR L . 0.98 -5.18 31.87
C1' FNR L . 0.54 -6.24 29.26
C2' FNR L . 0.22 -4.90 28.58
O2' FNR L . -1.04 -4.94 27.90
C3' FNR L . 1.39 -4.66 27.65
O3' FNR L . 2.59 -4.64 28.54
C4' FNR L . 1.45 -3.33 26.77
O4' FNR L . 0.51 -3.53 25.73
C5' FNR L . 2.88 -3.28 26.31
O5' FNR L . 3.16 -4.38 25.49
P FNR L . 4.64 -4.72 25.11
O1P FNR L . 5.31 -3.45 24.48
O2P FNR L . 4.69 -5.92 24.23
O3P FNR L . 5.21 -4.89 26.48
C9A FNR M . -12.05 13.53 -30.18
N10 FNR M . -13.30 14.10 -29.67
CAA FNR M . -13.36 14.69 -28.38
N1 FNR M . -14.57 15.18 -27.91
C2 FNR M . -14.69 15.73 -26.69
O2 FNR M . -15.78 16.15 -26.31
N3 FNR M . -13.59 15.82 -25.84
C4 FNR M . -12.31 15.31 -26.25
O4 FNR M . -11.37 15.38 -25.51
C4A FNR M . -12.20 14.73 -27.57
N5 FNR M . -10.95 14.18 -28.04
C5A FNR M . -10.88 13.58 -29.34
C6 FNR M . -9.62 13.02 -29.78
C7 FNR M . -9.56 12.41 -31.09
C7M FNR M . -8.20 11.82 -31.51
C8 FNR M . -10.74 12.35 -31.93
C8M FNR M . -10.78 11.72 -33.34
C9 FNR M . -11.95 12.91 -31.49
C1' FNR M . -14.47 14.04 -30.56
C2' FNR M . -14.54 15.19 -31.59
O2' FNR M . -14.68 16.45 -30.93
C3' FNR M . -15.72 14.88 -32.48
O3' FNR M . -15.37 13.66 -33.23
C4' FNR M . -16.10 16.00 -33.51
O4' FNR M . -16.39 17.21 -32.79
C5' FNR M . -17.32 15.58 -34.34
O5' FNR M . -17.61 14.24 -33.97
P FNR M . -18.76 13.38 -34.56
O1P FNR M . -20.01 14.19 -33.99
O2P FNR M . -18.67 12.08 -33.92
O3P FNR M . -18.73 13.48 -36.05
C9A FNR N . -0.25 -2.07 -41.75
N10 FNR N . -0.17 -3.23 -42.65
CAA FNR N . 0.85 -3.31 -43.64
N1 FNR N . 0.88 -4.40 -44.49
C2 FNR N . 1.81 -4.52 -45.44
O2 FNR N . 1.79 -5.50 -46.18
N3 FNR N . 2.80 -3.55 -45.60
C4 FNR N . 2.83 -2.40 -44.75
O4 FNR N . 3.69 -1.56 -44.90
C4A FNR N . 1.82 -2.28 -43.74
N5 FNR N . 1.78 -1.14 -42.85
C5A FNR N . 0.74 -1.04 -41.87
C6 FNR N . 0.71 0.11 -41.02
C7 FNR N . -0.34 0.23 -40.04
C7M FNR N . -0.32 1.49 -39.16
C8 FNR N . -1.35 -0.80 -39.91
C8M FNR N . -2.52 -0.76 -38.91
C9 FNR N . -1.30 -1.93 -40.75
C1' FNR N . -1.20 -4.30 -42.52
C2' FNR N . -0.91 -5.38 -41.43
O2' FNR N . 0.29 -6.13 -41.75
C3' FNR N . -2.12 -6.27 -41.40
O3' FNR N . -3.25 -5.40 -41.09
C4' FNR N . -2.11 -7.42 -40.33
O4' FNR N . -0.91 -8.20 -40.45
C5' FNR N . -3.34 -8.33 -40.50
O5' FNR N . -4.29 -7.53 -41.20
P FNR N . -5.71 -7.95 -41.65
O1P FNR N . -5.33 -9.03 -42.74
O2P FNR N . -6.27 -6.78 -42.29
O3P FNR N . -6.43 -8.61 -40.54
C9A FNR O . -0.93 -29.07 -17.86
N10 FNR O . -1.77 -29.62 -18.92
CAA FNR O . -3.05 -30.20 -18.66
N1 FNR O . -3.80 -30.76 -19.71
C2 FNR O . -5.01 -31.32 -19.47
O2 FNR O . -5.67 -31.82 -20.38
N3 FNR O . -5.53 -31.34 -18.18
C4 FNR O . -4.80 -30.78 -17.09
O4 FNR O . -5.29 -30.83 -15.99
C4A FNR O . -3.53 -30.20 -17.35
N5 FNR O . -2.74 -29.64 -16.28
C5A FNR O . -1.45 -29.07 -16.53
C6 FNR O . -0.71 -28.56 -15.42
C7 FNR O . 0.60 -28.01 -15.67
C7M FNR O . 1.35 -27.50 -14.45
C8 FNR O . 1.14 -27.99 -17.02
C8M FNR O . 2.53 -27.44 -17.40
C9 FNR O . 0.38 -28.50 -18.10
C1' FNR O . -1.25 -29.61 -20.27
C2' FNR O . -1.46 -28.30 -21.05
O2' FNR O . -2.87 -27.97 -21.19
C3' FNR O . -0.74 -28.53 -22.35
O3' FNR O . 0.64 -28.82 -21.94
C4' FNR O . -0.66 -27.35 -23.42
O4' FNR O . -1.94 -27.27 -24.09
C5' FNR O . 0.53 -27.77 -24.27
O5' FNR O . 0.25 -29.05 -24.89
P FNR O . 1.44 -29.79 -25.62
O1P FNR O . 1.98 -28.71 -26.63
O2P FNR O . 0.89 -31.02 -26.25
O3P FNR O . 2.46 -30.01 -24.56
C9A FNR P . 18.98 -25.21 -7.61
N10 FNR P . 20.43 -25.25 -7.56
CAA FNR P . 21.18 -24.16 -7.00
N1 FNR P . 22.56 -24.20 -6.99
C2 FNR P . 23.29 -23.20 -6.50
O2 FNR P . 24.52 -23.27 -6.54
N3 FNR P . 22.69 -22.07 -5.96
C4 FNR P . 21.27 -21.97 -5.91
O4 FNR P . 20.75 -20.97 -5.44
C4A FNR P . 20.48 -23.04 -6.46
N5 FNR P . 19.05 -22.99 -6.48
C5A FNR P . 18.30 -24.06 -7.06
C6 FNR P . 16.87 -23.95 -7.09
C7 FNR P . 16.12 -25.01 -7.70
C7M FNR P . 14.61 -24.84 -7.72
C8 FNR P . 16.80 -26.16 -8.26
C8M FNR P . 16.09 -27.35 -8.94
C9 FNR P . 18.20 -26.27 -8.21
C1' FNR P . 21.10 -26.45 -8.13
C2' FNR P . 21.25 -27.66 -7.17
O2' FNR P . 22.12 -27.36 -6.07
C3' FNR P . 21.80 -28.79 -8.01
O3' FNR P . 20.75 -29.09 -8.96
C4' FNR P . 22.13 -30.12 -7.25
O4' FNR P . 22.95 -29.85 -6.12
C5' FNR P . 22.85 -31.12 -8.18
O5' FNR P . 22.53 -30.71 -9.51
P FNR P . 23.04 -31.38 -10.80
O1P FNR P . 24.58 -31.02 -10.68
O2P FNR P . 22.45 -30.64 -11.89
O3P FNR P . 22.83 -32.85 -10.69
#